data_6M5X
#
_entry.id   6M5X
#
_cell.length_a   76.667
_cell.length_b   96.562
_cell.length_c   96.699
_cell.angle_alpha   90.000
_cell.angle_beta   96.949
_cell.angle_gamma   90.000
#
_symmetry.space_group_name_H-M   'P 1 21 1'
#
loop_
_entity.id
_entity.type
_entity.pdbx_description
1 polymer 'Glyceraldehyde-3-phosphate dehydrogenase'
2 non-polymer 1,2-ETHANEDIOL
3 non-polymer GLYCEROL
4 non-polymer NICOTINAMIDE-ADENINE-DINUCLEOTIDE
5 non-polymer 'PHOSPHATE ION'
6 non-polymer DI(HYDROXYETHYL)ETHER
7 water water
#
_entity_poly.entity_id   1
_entity_poly.type   'polypeptide(L)'
_entity_poly.pdbx_seq_one_letter_code
;VPKVGINGFGRIGRVVLRNALETGAVEVVALNDPFIEPHYAEYMFKYDSTHGRFKGDIKVDGKDLVIDGKRIKFYQERDP
ANIPWKDSGAEYIVESTGVFTTTEKASAHFKGGAKKVIISAPSADAPMYVMGVNEDTYAGANVISNASCTTNCLAPLAKT
LNDKFTIVEGLMTAIHAYTASQKTVDGPSSKDWRGGRAAAQNLIPSSTGAAKAVGKVIPELAGKVTGMSVRVPTVNVSLV
DFTVRFAKDVTYDEVKAAIKEASEGPLKGILAYTEDDIVSTDILTDPHSSTFDAKAGIALNKNFVKVMSWYDNEYGYSRR
VVDLIVFVSKKDAG
;
_entity_poly.pdbx_strand_id   O,R,P,Q
#
# COMPACT_ATOMS: atom_id res chain seq x y z
N VAL A 1 31.45 23.72 9.37
CA VAL A 1 32.48 24.56 8.77
C VAL A 1 32.63 24.39 7.25
N PRO A 2 32.72 23.16 6.72
CA PRO A 2 32.83 23.02 5.26
C PRO A 2 31.58 23.55 4.58
N LYS A 3 31.78 24.35 3.53
CA LYS A 3 30.67 24.89 2.75
C LYS A 3 30.31 23.94 1.62
N VAL A 4 29.05 23.52 1.59
CA VAL A 4 28.59 22.45 0.71
C VAL A 4 27.64 23.01 -0.33
N GLY A 5 27.72 22.49 -1.54
CA GLY A 5 26.70 22.67 -2.56
C GLY A 5 26.07 21.34 -2.86
N ILE A 6 24.80 21.35 -3.22
CA ILE A 6 24.05 20.14 -3.55
C ILE A 6 23.51 20.28 -4.95
N ASN A 7 23.91 19.37 -5.83
CA ASN A 7 23.36 19.31 -7.19
C ASN A 7 22.35 18.17 -7.24
N GLY A 8 21.09 18.50 -7.54
CA GLY A 8 20.02 17.53 -7.55
C GLY A 8 19.30 17.50 -6.21
N PHE A 9 18.19 18.24 -6.13
CA PHE A 9 17.48 18.44 -4.86
C PHE A 9 16.34 17.40 -4.73
N GLY A 10 16.73 16.14 -4.79
CA GLY A 10 15.81 15.01 -4.77
C GLY A 10 15.70 14.40 -3.40
N ARG A 11 15.32 13.12 -3.34
CA ARG A 11 15.26 12.48 -2.03
C ARG A 11 16.61 12.61 -1.30
N ILE A 12 17.70 12.25 -1.95
CA ILE A 12 18.99 12.31 -1.26
C ILE A 12 19.42 13.76 -1.05
N GLY A 13 19.28 14.58 -2.10
CA GLY A 13 19.64 15.99 -1.97
C GLY A 13 18.91 16.68 -0.82
N ARG A 14 17.61 16.45 -0.70
CA ARG A 14 16.86 17.13 0.37
C ARG A 14 17.16 16.50 1.72
N VAL A 15 17.28 15.17 1.79
CA VAL A 15 17.57 14.54 3.07
C VAL A 15 19.01 14.82 3.51
N VAL A 16 19.93 15.02 2.55
CA VAL A 16 21.25 15.52 2.94
C VAL A 16 21.12 16.91 3.58
N LEU A 17 20.24 17.75 3.04
CA LEU A 17 20.05 19.07 3.62
C LEU A 17 19.48 18.98 5.04
N ARG A 18 18.50 18.10 5.27
CA ARG A 18 17.99 17.96 6.64
C ARG A 18 19.09 17.50 7.59
N ASN A 19 19.97 16.61 7.13
CA ASN A 19 21.04 16.18 8.03
C ASN A 19 22.05 17.30 8.28
N ALA A 20 22.38 18.08 7.25
CA ALA A 20 23.25 19.24 7.46
C ALA A 20 22.67 20.16 8.52
N LEU A 21 21.36 20.44 8.43
CA LEU A 21 20.75 21.37 9.38
C LEU A 21 20.61 20.75 10.76
N GLU A 22 20.27 19.47 10.82
CA GLU A 22 20.14 18.78 12.10
C GLU A 22 21.44 18.78 12.88
N THR A 23 22.55 18.46 12.20
CA THR A 23 23.82 18.33 12.90
C THR A 23 24.64 19.61 12.94
N GLY A 24 24.44 20.51 11.99
CA GLY A 24 25.34 21.63 11.87
C GLY A 24 26.73 21.25 11.43
N ALA A 25 26.95 19.99 11.03
CA ALA A 25 28.29 19.50 10.74
C ALA A 25 28.87 20.11 9.47
N VAL A 26 28.00 20.52 8.54
CA VAL A 26 28.40 21.25 7.34
C VAL A 26 27.38 22.34 7.11
N GLU A 27 27.77 23.32 6.29
CA GLU A 27 26.94 24.47 5.98
C GLU A 27 26.60 24.42 4.50
N VAL A 28 25.34 24.09 4.18
CA VAL A 28 24.92 24.04 2.79
C VAL A 28 24.63 25.48 2.35
N VAL A 29 25.34 25.93 1.33
CA VAL A 29 25.26 27.33 0.89
C VAL A 29 24.71 27.48 -0.50
N ALA A 30 24.53 26.40 -1.26
CA ALA A 30 24.02 26.49 -2.63
C ALA A 30 23.34 25.19 -3.02
N LEU A 31 22.36 25.31 -3.90
CA LEU A 31 21.58 24.20 -4.43
C LEU A 31 21.37 24.41 -5.92
N ASN A 32 21.23 23.31 -6.67
CA ASN A 32 20.93 23.38 -8.09
C ASN A 32 20.02 22.23 -8.47
N ASP A 33 18.92 22.56 -9.16
CA ASP A 33 18.03 21.56 -9.74
C ASP A 33 17.21 22.25 -10.83
N PRO A 34 17.44 21.94 -12.11
CA PRO A 34 16.73 22.66 -13.18
C PRO A 34 15.24 22.38 -13.24
N PHE A 35 14.73 21.37 -12.53
CA PHE A 35 13.31 21.00 -12.60
C PHE A 35 12.52 21.46 -11.37
N ILE A 36 13.09 22.33 -10.55
CA ILE A 36 12.45 22.86 -9.35
C ILE A 36 12.76 24.34 -9.25
N GLU A 37 11.73 25.19 -9.32
CA GLU A 37 11.91 26.61 -9.09
C GLU A 37 11.99 26.88 -7.58
N PRO A 38 12.61 28.00 -7.17
CA PRO A 38 12.82 28.23 -5.73
C PRO A 38 11.57 28.14 -4.87
N HIS A 39 10.43 28.63 -5.34
CA HIS A 39 9.20 28.52 -4.55
C HIS A 39 8.78 27.07 -4.41
N TYR A 40 8.96 26.28 -5.48
CA TYR A 40 8.66 24.86 -5.43
C TYR A 40 9.62 24.12 -4.50
N ALA A 41 10.87 24.58 -4.44
CA ALA A 41 11.85 23.92 -3.57
C ALA A 41 11.49 24.10 -2.12
N GLU A 42 11.02 25.29 -1.75
CA GLU A 42 10.53 25.54 -0.40
C GLU A 42 9.45 24.55 -0.01
N TYR A 43 8.51 24.30 -0.92
CA TYR A 43 7.42 23.35 -0.68
C TYR A 43 7.94 21.92 -0.55
N MET A 44 8.87 21.52 -1.42
CA MET A 44 9.36 20.15 -1.39
C MET A 44 10.20 19.89 -0.15
N PHE A 45 10.90 20.91 0.34
CA PHE A 45 11.67 20.75 1.55
C PHE A 45 10.80 20.85 2.80
N LYS A 46 9.79 21.73 2.76
CA LYS A 46 8.92 21.96 3.91
C LYS A 46 8.13 20.70 4.27
N TYR A 47 7.54 20.04 3.28
CA TYR A 47 6.67 18.89 3.52
C TYR A 47 7.29 17.64 2.94
N ASP A 48 7.30 16.55 3.71
CA ASP A 48 7.95 15.31 3.27
C ASP A 48 7.08 14.13 3.69
N SER A 49 6.65 13.33 2.70
CA SER A 49 5.77 12.20 2.95
C SER A 49 6.42 11.16 3.87
N THR A 50 7.75 11.11 3.88
CA THR A 50 8.50 10.04 4.52
C THR A 50 9.03 10.44 5.88
N HIS A 51 9.66 11.61 6.00
CA HIS A 51 10.30 12.03 7.24
C HIS A 51 9.56 13.14 7.96
N GLY A 52 8.33 13.47 7.56
CA GLY A 52 7.54 14.46 8.27
C GLY A 52 7.93 15.89 7.94
N ARG A 53 7.23 16.83 8.57
CA ARG A 53 7.41 18.25 8.30
C ARG A 53 8.77 18.74 8.77
N PHE A 54 9.40 19.61 7.99
CA PHE A 54 10.61 20.28 8.45
C PHE A 54 10.27 21.17 9.65
N LYS A 55 11.02 21.02 10.74
CA LYS A 55 10.70 21.68 12.00
C LYS A 55 11.29 23.09 12.12
N GLY A 56 11.93 23.62 11.08
CA GLY A 56 12.51 24.93 11.12
C GLY A 56 11.75 25.95 10.29
N ASP A 57 12.41 27.05 9.98
CA ASP A 57 11.83 28.12 9.18
C ASP A 57 12.44 28.11 7.79
N ILE A 58 11.60 28.33 6.78
CA ILE A 58 12.07 28.38 5.40
C ILE A 58 11.20 29.37 4.62
N LYS A 59 11.84 30.18 3.80
CA LYS A 59 11.13 31.11 2.95
C LYS A 59 11.96 31.38 1.71
N VAL A 60 11.29 31.88 0.67
CA VAL A 60 11.95 32.31 -0.55
C VAL A 60 12.18 33.82 -0.47
N ASP A 61 13.39 34.25 -0.80
CA ASP A 61 13.75 35.67 -0.86
C ASP A 61 14.45 35.86 -2.20
N GLY A 62 13.68 36.21 -3.23
CA GLY A 62 14.18 36.48 -4.56
C GLY A 62 15.15 35.46 -5.12
N LYS A 63 14.61 34.39 -5.72
CA LYS A 63 15.40 33.32 -6.33
C LYS A 63 16.24 32.54 -5.32
N ASP A 64 16.34 33.02 -4.09
CA ASP A 64 17.10 32.34 -3.05
C ASP A 64 16.17 31.72 -2.01
N LEU A 65 16.69 30.71 -1.33
CA LEU A 65 16.03 30.15 -0.16
C LEU A 65 16.69 30.72 1.10
N VAL A 66 15.89 30.91 2.15
CA VAL A 66 16.38 31.31 3.45
C VAL A 66 15.88 30.31 4.47
N ILE A 67 16.79 29.62 5.13
CA ILE A 67 16.43 28.56 6.06
C ILE A 67 17.09 28.85 7.39
N ASP A 68 16.27 29.06 8.43
CA ASP A 68 16.76 29.41 9.76
C ASP A 68 17.69 30.62 9.70
N GLY A 69 17.26 31.63 8.93
CA GLY A 69 18.02 32.86 8.83
C GLY A 69 19.31 32.79 8.04
N LYS A 70 19.47 31.80 7.17
CA LYS A 70 20.67 31.68 6.35
C LYS A 70 20.29 31.58 4.88
N ARG A 71 20.88 32.45 4.06
CA ARG A 71 20.61 32.47 2.64
C ARG A 71 21.31 31.29 1.97
N ILE A 72 20.58 30.62 1.07
CA ILE A 72 21.11 29.50 0.31
C ILE A 72 20.80 29.78 -1.15
N LYS A 73 21.84 29.97 -1.97
CA LYS A 73 21.63 30.25 -3.38
C LYS A 73 21.00 29.05 -4.07
N PHE A 74 20.10 29.32 -5.02
CA PHE A 74 19.39 28.29 -5.74
C PHE A 74 19.50 28.55 -7.24
N TYR A 75 20.04 27.57 -7.98
CA TYR A 75 20.24 27.65 -9.42
C TYR A 75 19.41 26.59 -10.14
N GLN A 76 19.29 26.73 -11.47
CA GLN A 76 18.51 25.80 -12.28
C GLN A 76 19.25 25.51 -13.60
N GLU A 77 20.47 25.01 -13.50
CA GLU A 77 21.31 24.70 -14.67
C GLU A 77 21.26 23.21 -14.96
N ARG A 78 20.85 22.86 -16.19
CA ARG A 78 20.95 21.47 -16.63
C ARG A 78 22.40 21.00 -16.72
N ASP A 79 23.31 21.89 -17.08
CA ASP A 79 24.73 21.54 -17.25
C ASP A 79 25.47 21.88 -15.97
N PRO A 80 26.00 20.90 -15.24
CA PRO A 80 26.72 21.22 -13.99
C PRO A 80 27.96 22.07 -14.20
N ALA A 81 28.44 22.18 -15.45
CA ALA A 81 29.55 23.07 -15.74
C ALA A 81 29.17 24.54 -15.65
N ASN A 82 27.88 24.86 -15.52
CA ASN A 82 27.40 26.24 -15.51
C ASN A 82 26.99 26.72 -14.12
N ILE A 83 27.22 25.92 -13.08
CA ILE A 83 26.81 26.26 -11.73
C ILE A 83 27.93 27.05 -11.08
N PRO A 84 27.73 28.32 -10.76
CA PRO A 84 28.82 29.14 -10.18
C PRO A 84 29.00 28.87 -8.70
N TRP A 85 29.51 27.67 -8.37
CA TRP A 85 29.62 27.32 -6.95
C TRP A 85 30.44 28.34 -6.17
N LYS A 86 31.42 28.98 -6.83
CA LYS A 86 32.31 29.89 -6.12
C LYS A 86 31.56 31.11 -5.60
N ASP A 87 30.47 31.51 -6.26
CA ASP A 87 29.75 32.71 -5.83
C ASP A 87 29.33 32.64 -4.37
N SER A 88 28.93 31.46 -3.90
CA SER A 88 28.51 31.26 -2.52
C SER A 88 29.60 30.69 -1.65
N GLY A 89 30.77 30.37 -2.21
CA GLY A 89 31.78 29.68 -1.44
C GLY A 89 31.60 28.18 -1.31
N ALA A 90 30.65 27.58 -2.04
CA ALA A 90 30.46 26.13 -1.99
C ALA A 90 31.70 25.43 -2.51
N GLU A 91 32.32 24.61 -1.66
CA GLU A 91 33.53 23.87 -2.05
C GLU A 91 33.32 22.38 -2.20
N TYR A 92 32.53 21.75 -1.32
CA TYR A 92 32.28 20.32 -1.40
C TYR A 92 30.90 20.10 -2.00
N ILE A 93 30.85 19.46 -3.16
CA ILE A 93 29.62 19.33 -3.94
C ILE A 93 29.07 17.92 -3.76
N VAL A 94 27.82 17.84 -3.32
CA VAL A 94 27.09 16.59 -3.30
C VAL A 94 26.47 16.40 -4.67
N GLU A 95 26.93 15.41 -5.41
CA GLU A 95 26.43 15.13 -6.75
C GLU A 95 25.35 14.05 -6.60
N SER A 96 24.10 14.49 -6.44
CA SER A 96 23.01 13.56 -6.16
C SER A 96 21.90 13.66 -7.21
N THR A 97 22.29 13.89 -8.46
CA THR A 97 21.32 13.88 -9.56
C THR A 97 21.03 12.48 -10.05
N GLY A 98 21.99 11.55 -9.90
CA GLY A 98 21.88 10.25 -10.52
C GLY A 98 22.35 10.19 -11.96
N VAL A 99 22.78 11.30 -12.55
CA VAL A 99 23.16 11.32 -13.97
C VAL A 99 24.59 11.77 -14.19
N PHE A 100 25.36 12.04 -13.14
CA PHE A 100 26.74 12.49 -13.29
C PHE A 100 27.65 11.66 -12.39
N THR A 101 27.64 10.34 -12.58
CA THR A 101 28.30 9.44 -11.64
C THR A 101 29.68 8.97 -12.11
N THR A 102 30.21 9.51 -13.21
CA THR A 102 31.59 9.20 -13.58
C THR A 102 32.48 10.37 -13.18
N THR A 103 33.79 10.11 -13.11
CA THR A 103 34.74 11.17 -12.78
C THR A 103 34.68 12.28 -13.83
N GLU A 104 34.52 11.90 -15.10
CA GLU A 104 34.47 12.88 -16.18
C GLU A 104 33.25 13.79 -16.02
N LYS A 105 32.06 13.19 -15.89
CA LYS A 105 30.85 14.01 -15.76
C LYS A 105 30.86 14.82 -14.46
N ALA A 106 31.27 14.20 -13.35
CA ALA A 106 31.25 14.89 -12.06
C ALA A 106 32.29 16.01 -12.00
N SER A 107 33.36 15.92 -12.79
CA SER A 107 34.40 16.94 -12.80
C SER A 107 33.91 18.27 -13.34
N ALA A 108 32.73 18.30 -13.99
CA ALA A 108 32.20 19.58 -14.47
C ALA A 108 32.06 20.59 -13.34
N HIS A 109 31.85 20.13 -12.11
CA HIS A 109 31.65 21.07 -11.00
C HIS A 109 32.87 21.93 -10.71
N PHE A 110 34.07 21.49 -11.12
CA PHE A 110 35.26 22.28 -10.89
C PHE A 110 35.28 23.54 -11.74
N LYS A 111 34.55 23.59 -12.84
CA LYS A 111 34.54 24.78 -13.67
C LYS A 111 33.98 25.98 -12.92
N GLY A 112 32.95 25.75 -12.11
CA GLY A 112 32.36 26.81 -11.32
C GLY A 112 33.03 27.02 -9.98
N GLY A 113 34.12 26.32 -9.70
CA GLY A 113 34.90 26.58 -8.53
C GLY A 113 34.79 25.56 -7.41
N ALA A 114 34.21 24.40 -7.66
CA ALA A 114 34.17 23.38 -6.61
C ALA A 114 35.58 22.86 -6.34
N LYS A 115 35.80 22.44 -5.10
CA LYS A 115 37.05 21.84 -4.66
C LYS A 115 36.98 20.31 -4.62
N LYS A 116 35.88 19.76 -4.13
CA LYS A 116 35.69 18.31 -4.13
C LYS A 116 34.27 18.00 -4.58
N VAL A 117 34.09 16.81 -5.16
CA VAL A 117 32.77 16.31 -5.53
C VAL A 117 32.56 14.96 -4.85
N ILE A 118 31.45 14.82 -4.14
CA ILE A 118 31.04 13.55 -3.56
C ILE A 118 29.83 13.07 -4.34
N ILE A 119 30.01 12.03 -5.15
CA ILE A 119 28.91 11.40 -5.87
C ILE A 119 28.09 10.58 -4.88
N SER A 120 26.80 10.89 -4.78
CA SER A 120 25.91 10.19 -3.84
C SER A 120 25.48 8.82 -4.36
N ALA A 121 26.41 8.04 -4.89
CA ALA A 121 26.08 6.81 -5.62
C ALA A 121 27.38 6.06 -5.89
N PRO A 122 27.32 4.74 -6.13
CA PRO A 122 28.50 4.05 -6.62
C PRO A 122 28.95 4.66 -7.94
N SER A 123 30.24 4.50 -8.26
CA SER A 123 30.78 5.07 -9.48
C SER A 123 31.73 4.09 -10.15
N ALA A 124 31.74 4.10 -11.48
CA ALA A 124 32.59 3.16 -12.20
C ALA A 124 34.06 3.53 -12.10
N ASP A 125 34.38 4.83 -11.89
CA ASP A 125 35.78 5.26 -12.00
C ASP A 125 36.14 6.34 -11.01
N ALA A 126 35.55 6.30 -9.82
CA ALA A 126 35.98 7.16 -8.75
C ALA A 126 36.08 6.29 -7.50
N PRO A 127 37.05 6.53 -6.63
CA PRO A 127 37.19 5.70 -5.44
C PRO A 127 35.95 5.79 -4.55
N MET A 128 35.55 4.66 -3.97
CA MET A 128 34.37 4.60 -3.13
C MET A 128 34.76 4.48 -1.67
N TYR A 129 34.03 5.18 -0.81
CA TYR A 129 34.30 5.18 0.62
C TYR A 129 33.04 4.81 1.41
N VAL A 130 33.25 4.09 2.50
CA VAL A 130 32.21 3.72 3.45
C VAL A 130 32.73 4.10 4.82
N MET A 131 32.10 5.08 5.46
CA MET A 131 32.54 5.53 6.78
C MET A 131 32.52 4.36 7.75
N GLY A 132 33.56 4.28 8.58
CA GLY A 132 33.76 3.15 9.46
C GLY A 132 34.41 1.95 8.81
N VAL A 133 34.59 1.95 7.49
CA VAL A 133 35.16 0.81 6.79
C VAL A 133 36.49 1.16 6.12
N ASN A 134 36.52 2.23 5.31
CA ASN A 134 37.76 2.52 4.60
C ASN A 134 38.03 4.00 4.37
N GLU A 135 37.43 4.92 5.16
CA GLU A 135 37.67 6.34 4.89
C GLU A 135 39.14 6.71 5.08
N ASP A 136 39.88 5.98 5.91
CA ASP A 136 41.29 6.28 6.10
C ASP A 136 42.12 6.05 4.84
N THR A 137 41.61 5.29 3.87
CA THR A 137 42.35 5.11 2.61
C THR A 137 42.21 6.31 1.68
N TYR A 138 41.39 7.30 2.06
CA TYR A 138 41.27 8.51 1.24
C TYR A 138 42.61 9.24 1.20
N ALA A 139 43.01 9.67 0.00
CA ALA A 139 44.33 10.26 -0.19
C ALA A 139 44.27 11.47 -1.13
N GLY A 140 43.15 12.17 -1.18
CA GLY A 140 43.10 13.46 -1.85
C GLY A 140 42.47 13.47 -3.23
N ALA A 141 41.88 12.37 -3.68
CA ALA A 141 41.13 12.39 -4.94
C ALA A 141 40.12 13.53 -4.92
N ASN A 142 39.88 14.12 -6.09
CA ASN A 142 38.99 15.27 -6.14
C ASN A 142 37.53 14.89 -6.44
N VAL A 143 37.31 13.74 -7.06
CA VAL A 143 35.99 13.18 -7.24
C VAL A 143 35.98 11.83 -6.54
N ILE A 144 35.08 11.68 -5.56
CA ILE A 144 34.96 10.46 -4.75
C ILE A 144 33.49 10.04 -4.71
N SER A 145 33.25 8.82 -4.22
CA SER A 145 31.92 8.23 -4.16
C SER A 145 31.64 7.70 -2.76
N ASN A 146 30.41 7.89 -2.30
CA ASN A 146 29.98 7.38 -1.00
C ASN A 146 29.31 6.01 -1.12
N ALA A 147 29.47 5.34 -2.25
CA ALA A 147 28.92 4.01 -2.54
C ALA A 147 27.38 4.12 -2.56
N SER A 148 26.69 3.03 -2.23
CA SER A 148 25.24 2.96 -2.18
C SER A 148 24.77 2.83 -0.74
N CYS A 149 23.46 3.01 -0.52
CA CYS A 149 22.88 2.72 0.79
C CYS A 149 23.15 1.28 1.19
N THR A 150 23.00 0.34 0.25
CA THR A 150 23.10 -1.07 0.60
C THR A 150 24.53 -1.46 0.98
N THR A 151 25.52 -0.98 0.22
CA THR A 151 26.90 -1.25 0.62
C THR A 151 27.22 -0.59 1.97
N ASN A 152 26.68 0.59 2.25
CA ASN A 152 26.91 1.19 3.56
C ASN A 152 26.26 0.37 4.67
N CYS A 153 25.23 -0.43 4.36
CA CYS A 153 24.65 -1.27 5.39
C CYS A 153 25.47 -2.55 5.58
N LEU A 154 25.85 -3.21 4.49
CA LEU A 154 26.48 -4.52 4.58
C LEU A 154 27.95 -4.42 5.01
N ALA A 155 28.69 -3.46 4.46
CA ALA A 155 30.13 -3.42 4.67
C ALA A 155 30.56 -3.24 6.13
N PRO A 156 29.95 -2.37 6.94
CA PRO A 156 30.39 -2.29 8.35
C PRO A 156 30.11 -3.56 9.12
N LEU A 157 29.05 -4.27 8.76
CA LEU A 157 28.72 -5.54 9.40
C LEU A 157 29.69 -6.62 8.96
N ALA A 158 29.92 -6.74 7.65
CA ALA A 158 30.87 -7.72 7.12
C ALA A 158 32.27 -7.49 7.66
N LYS A 159 32.71 -6.23 7.72
CA LYS A 159 34.02 -5.94 8.30
C LYS A 159 34.14 -6.51 9.69
N THR A 160 33.15 -6.23 10.55
CA THR A 160 33.18 -6.71 11.94
C THR A 160 33.22 -8.23 11.98
N LEU A 161 32.33 -8.89 11.23
CA LEU A 161 32.31 -10.35 11.25
C LEU A 161 33.58 -10.93 10.65
N ASN A 162 34.08 -10.33 9.57
CA ASN A 162 35.33 -10.83 8.98
C ASN A 162 36.47 -10.70 9.97
N ASP A 163 36.64 -9.50 10.57
CA ASP A 163 37.70 -9.30 11.55
C ASP A 163 37.66 -10.33 12.66
N LYS A 164 36.47 -10.67 13.14
CA LYS A 164 36.36 -11.56 14.30
C LYS A 164 36.36 -13.05 13.93
N PHE A 165 35.80 -13.42 12.77
CA PHE A 165 35.55 -14.82 12.47
C PHE A 165 36.09 -15.30 11.12
N THR A 166 36.57 -14.40 10.26
CA THR A 166 37.04 -14.71 8.91
C THR A 166 35.93 -15.22 8.01
N ILE A 167 35.40 -14.34 7.17
CA ILE A 167 34.35 -14.71 6.22
C ILE A 167 34.95 -15.57 5.12
N VAL A 168 34.41 -16.76 4.94
CA VAL A 168 34.78 -17.60 3.79
C VAL A 168 34.01 -17.15 2.55
N GLU A 169 32.69 -17.03 2.68
CA GLU A 169 31.84 -16.69 1.54
C GLU A 169 30.51 -16.18 2.11
N GLY A 170 29.91 -15.21 1.43
CA GLY A 170 28.63 -14.69 1.87
C GLY A 170 27.78 -14.23 0.69
N LEU A 171 26.47 -14.41 0.81
CA LEU A 171 25.51 -13.98 -0.21
C LEU A 171 24.44 -13.10 0.45
N MET A 172 24.09 -12.01 -0.22
CA MET A 172 23.20 -10.99 0.33
C MET A 172 21.92 -10.88 -0.49
N THR A 173 20.80 -10.70 0.22
CA THR A 173 19.59 -10.15 -0.37
C THR A 173 19.26 -8.84 0.32
N ALA A 174 19.14 -7.77 -0.47
CA ALA A 174 18.66 -6.48 0.01
C ALA A 174 17.16 -6.42 -0.26
N ILE A 175 16.37 -6.46 0.81
CA ILE A 175 14.92 -6.28 0.71
C ILE A 175 14.70 -4.78 0.80
N HIS A 176 14.43 -4.15 -0.33
CA HIS A 176 14.66 -2.72 -0.46
C HIS A 176 13.38 -1.99 -0.80
N ALA A 177 13.11 -0.89 -0.09
CA ALA A 177 12.00 0.00 -0.42
C ALA A 177 12.09 0.44 -1.88
N TYR A 178 10.93 0.78 -2.46
CA TYR A 178 10.95 1.32 -3.81
C TYR A 178 11.48 2.76 -3.81
N THR A 179 11.95 3.21 -4.98
CA THR A 179 12.63 4.49 -5.12
C THR A 179 12.07 5.28 -6.31
N ALA A 180 12.70 6.44 -6.55
CA ALA A 180 12.22 7.38 -7.57
C ALA A 180 12.28 6.80 -8.97
N SER A 181 13.19 5.84 -9.23
CA SER A 181 13.29 5.30 -10.58
C SER A 181 12.20 4.30 -10.89
N GLN A 182 11.42 3.88 -9.89
CA GLN A 182 10.33 2.94 -10.10
C GLN A 182 9.06 3.68 -10.53
N LYS A 183 8.00 2.93 -10.80
CA LYS A 183 6.79 3.43 -11.42
C LYS A 183 5.56 3.09 -10.60
N THR A 184 4.58 3.99 -10.62
CA THR A 184 3.34 3.75 -9.89
C THR A 184 2.52 2.64 -10.54
N VAL A 185 2.37 2.67 -11.86
CA VAL A 185 1.70 1.62 -12.62
C VAL A 185 2.67 1.10 -13.66
N ASP A 186 2.37 -0.08 -14.23
CA ASP A 186 3.25 -0.72 -15.19
C ASP A 186 3.63 0.24 -16.32
N GLY A 187 4.93 0.55 -16.43
CA GLY A 187 5.41 1.50 -17.39
C GLY A 187 6.79 1.17 -17.92
N PRO A 188 7.28 1.97 -18.87
CA PRO A 188 8.52 1.62 -19.57
C PRO A 188 9.75 1.75 -18.67
N SER A 189 10.56 0.69 -18.65
CA SER A 189 11.86 0.67 -18.01
C SER A 189 12.73 -0.28 -18.83
N SER A 190 13.13 0.17 -20.03
CA SER A 190 13.70 -0.72 -21.04
C SER A 190 15.03 -1.33 -20.60
N LYS A 191 15.75 -0.69 -19.67
CA LYS A 191 17.01 -1.23 -19.17
C LYS A 191 16.83 -2.10 -17.92
N ASP A 192 15.59 -2.27 -17.46
CA ASP A 192 15.30 -3.06 -16.28
C ASP A 192 13.81 -3.38 -16.31
N TRP A 193 13.44 -4.45 -17.02
CA TRP A 193 12.04 -4.69 -17.33
C TRP A 193 11.20 -4.85 -16.06
N ARG A 194 11.70 -5.59 -15.07
CA ARG A 194 10.94 -5.78 -13.84
C ARG A 194 10.74 -4.45 -13.12
N GLY A 195 11.73 -3.56 -13.20
CA GLY A 195 11.69 -2.28 -12.50
C GLY A 195 10.65 -1.31 -13.03
N GLY A 196 9.99 -1.63 -14.14
CA GLY A 196 8.89 -0.84 -14.63
C GLY A 196 7.52 -1.23 -14.09
N ARG A 197 7.41 -2.35 -13.38
CA ARG A 197 6.11 -2.83 -12.90
C ARG A 197 5.68 -2.10 -11.63
N ALA A 198 4.36 -2.04 -11.42
CA ALA A 198 3.76 -1.19 -10.39
C ALA A 198 4.43 -1.39 -9.02
N ALA A 199 5.04 -0.31 -8.51
CA ALA A 199 6.00 -0.44 -7.43
C ALA A 199 5.34 -0.86 -6.12
N ALA A 200 4.20 -0.26 -5.79
CA ALA A 200 3.55 -0.55 -4.52
C ALA A 200 2.65 -1.77 -4.56
N GLN A 201 2.66 -2.54 -5.66
CA GLN A 201 1.83 -3.73 -5.78
C GLN A 201 2.63 -5.02 -6.00
N ASN A 202 3.96 -4.97 -6.03
CA ASN A 202 4.77 -6.09 -6.50
C ASN A 202 6.00 -6.27 -5.63
N LEU A 203 6.39 -7.53 -5.46
CA LEU A 203 7.78 -7.89 -5.16
C LEU A 203 8.56 -7.93 -6.47
N ILE A 204 9.69 -7.23 -6.54
CA ILE A 204 10.37 -7.00 -7.82
C ILE A 204 11.86 -7.31 -7.70
N PRO A 205 12.31 -8.51 -8.07
CA PRO A 205 13.74 -8.82 -8.01
C PRO A 205 14.54 -7.84 -8.85
N SER A 206 15.77 -7.57 -8.42
CA SER A 206 16.71 -6.77 -9.17
C SER A 206 18.13 -7.21 -8.89
N SER A 207 18.98 -7.22 -9.91
CA SER A 207 20.40 -7.43 -9.67
C SER A 207 21.00 -6.16 -9.04
N THR A 208 22.12 -6.34 -8.34
CA THR A 208 22.80 -5.20 -7.75
C THR A 208 24.29 -5.51 -7.63
N GLY A 209 25.11 -4.50 -7.90
CA GLY A 209 26.52 -4.61 -7.57
C GLY A 209 26.87 -4.25 -6.14
N ALA A 210 25.87 -3.97 -5.30
CA ALA A 210 26.12 -3.42 -3.97
C ALA A 210 26.83 -4.43 -3.06
N ALA A 211 26.50 -5.71 -3.15
CA ALA A 211 27.21 -6.66 -2.29
C ALA A 211 28.61 -6.93 -2.79
N LYS A 212 28.78 -7.03 -4.12
CA LYS A 212 30.13 -7.17 -4.66
C LYS A 212 31.01 -5.98 -4.31
N ALA A 213 30.42 -4.78 -4.23
CA ALA A 213 31.19 -3.60 -3.88
C ALA A 213 31.72 -3.66 -2.46
N VAL A 214 31.13 -4.49 -1.59
CA VAL A 214 31.72 -4.73 -0.29
C VAL A 214 33.13 -5.27 -0.45
N GLY A 215 33.36 -6.06 -1.51
CA GLY A 215 34.71 -6.54 -1.76
C GLY A 215 35.65 -5.53 -2.37
N LYS A 216 35.12 -4.36 -2.75
CA LYS A 216 35.95 -3.26 -3.21
C LYS A 216 36.35 -2.33 -2.07
N VAL A 217 35.44 -2.09 -1.11
CA VAL A 217 35.82 -1.29 0.06
C VAL A 217 36.53 -2.13 1.11
N ILE A 218 36.36 -3.45 1.06
CA ILE A 218 37.09 -4.37 1.95
C ILE A 218 37.84 -5.35 1.05
N PRO A 219 39.05 -5.00 0.61
CA PRO A 219 39.74 -5.84 -0.39
C PRO A 219 39.91 -7.29 0.05
N GLU A 220 40.02 -7.55 1.36
CA GLU A 220 40.11 -8.93 1.85
C GLU A 220 38.89 -9.75 1.47
N LEU A 221 37.73 -9.12 1.27
CA LEU A 221 36.54 -9.87 0.89
C LEU A 221 36.31 -9.92 -0.63
N ALA A 222 37.25 -9.42 -1.43
CA ALA A 222 37.12 -9.51 -2.88
C ALA A 222 36.87 -10.96 -3.31
N GLY A 223 35.84 -11.14 -4.14
CA GLY A 223 35.48 -12.46 -4.63
C GLY A 223 34.77 -13.35 -3.64
N LYS A 224 34.46 -12.86 -2.45
CA LYS A 224 33.86 -13.68 -1.40
C LYS A 224 32.41 -13.29 -1.08
N VAL A 225 31.88 -12.24 -1.69
CA VAL A 225 30.55 -11.72 -1.36
C VAL A 225 29.90 -11.23 -2.64
N THR A 226 28.64 -11.61 -2.86
CA THR A 226 27.80 -10.97 -3.86
C THR A 226 26.34 -11.18 -3.46
N GLY A 227 25.41 -10.83 -4.33
CA GLY A 227 24.01 -11.00 -3.97
C GLY A 227 23.09 -10.32 -4.96
N MET A 228 21.84 -10.15 -4.51
CA MET A 228 20.74 -9.65 -5.32
CA MET A 228 20.78 -9.60 -5.33
C MET A 228 19.86 -8.74 -4.47
N SER A 229 18.84 -8.18 -5.08
CA SER A 229 17.89 -7.34 -4.35
C SER A 229 16.46 -7.72 -4.71
N VAL A 230 15.54 -7.45 -3.79
CA VAL A 230 14.10 -7.56 -4.05
C VAL A 230 13.46 -6.25 -3.61
N ARG A 231 12.90 -5.52 -4.57
CA ARG A 231 12.21 -4.26 -4.28
CA ARG A 231 12.22 -4.26 -4.28
C ARG A 231 10.78 -4.55 -3.87
N VAL A 232 10.35 -3.94 -2.76
CA VAL A 232 9.09 -4.30 -2.13
C VAL A 232 8.27 -3.03 -1.91
N PRO A 233 6.93 -3.17 -1.71
CA PRO A 233 6.08 -1.98 -1.55
C PRO A 233 6.22 -1.23 -0.22
N THR A 234 7.39 -0.68 0.10
CA THR A 234 7.48 0.33 1.16
C THR A 234 8.09 1.59 0.58
N VAL A 235 7.73 2.73 1.18
CA VAL A 235 8.17 4.02 0.64
C VAL A 235 9.61 4.34 1.05
N ASN A 236 10.12 3.67 2.07
CA ASN A 236 11.45 3.92 2.61
C ASN A 236 11.76 2.86 3.66
N VAL A 237 13.06 2.71 3.96
CA VAL A 237 13.68 1.76 4.90
C VAL A 237 13.84 0.41 4.22
N SER A 238 15.01 -0.21 4.40
CA SER A 238 15.35 -1.45 3.73
C SER A 238 16.04 -2.38 4.72
N LEU A 239 16.25 -3.63 4.29
CA LEU A 239 16.69 -4.69 5.18
C LEU A 239 17.70 -5.57 4.45
N VAL A 240 18.93 -5.61 4.95
CA VAL A 240 19.93 -6.53 4.41
C VAL A 240 19.74 -7.90 5.04
N ASP A 241 19.78 -8.95 4.21
CA ASP A 241 19.69 -10.34 4.62
C ASP A 241 20.98 -11.03 4.19
N PHE A 242 21.87 -11.32 5.14
CA PHE A 242 23.25 -11.74 4.84
C PHE A 242 23.48 -13.18 5.30
N THR A 243 23.70 -14.09 4.35
CA THR A 243 23.94 -15.50 4.67
C THR A 243 25.42 -15.77 4.43
N VAL A 244 26.13 -16.18 5.47
CA VAL A 244 27.58 -16.12 5.45
C VAL A 244 28.16 -17.35 6.14
N ARG A 245 29.31 -17.80 5.64
CA ARG A 245 30.06 -18.91 6.24
C ARG A 245 31.37 -18.38 6.81
N PHE A 246 31.68 -18.77 8.04
CA PHE A 246 32.90 -18.36 8.72
C PHE A 246 33.92 -19.51 8.73
N ALA A 247 35.20 -19.14 8.77
CA ALA A 247 36.26 -20.15 8.94
C ALA A 247 36.39 -20.57 10.40
N LYS A 248 36.14 -19.66 11.33
CA LYS A 248 36.18 -20.00 12.73
C LYS A 248 34.84 -20.55 13.20
N ASP A 249 34.90 -21.32 14.29
CA ASP A 249 33.69 -21.87 14.92
C ASP A 249 33.06 -20.79 15.79
N VAL A 250 31.73 -20.66 15.70
CA VAL A 250 31.02 -19.57 16.36
C VAL A 250 29.72 -20.10 16.95
N THR A 251 29.28 -19.49 18.02
CA THR A 251 27.90 -19.56 18.46
C THR A 251 27.20 -18.26 18.07
N TYR A 252 25.87 -18.33 17.97
CA TYR A 252 25.13 -17.11 17.62
C TYR A 252 25.32 -16.03 18.68
N ASP A 253 25.37 -16.42 19.97
CA ASP A 253 25.68 -15.46 21.02
C ASP A 253 27.03 -14.77 20.79
N GLU A 254 28.02 -15.52 20.27
CA GLU A 254 29.30 -14.90 19.96
C GLU A 254 29.19 -13.91 18.79
N VAL A 255 28.33 -14.20 17.81
CA VAL A 255 28.11 -13.25 16.72
C VAL A 255 27.50 -11.97 17.28
N LYS A 256 26.46 -12.11 18.11
CA LYS A 256 25.80 -10.95 18.70
C LYS A 256 26.78 -10.11 19.51
N ALA A 257 27.62 -10.77 20.31
CA ALA A 257 28.60 -10.04 21.12
C ALA A 257 29.61 -9.29 20.27
N ALA A 258 30.06 -9.89 19.16
CA ALA A 258 30.97 -9.17 18.26
C ALA A 258 30.31 -7.92 17.70
N ILE A 259 29.03 -7.99 17.34
CA ILE A 259 28.36 -6.84 16.76
C ILE A 259 28.11 -5.77 17.82
N LYS A 260 27.60 -6.19 18.99
CA LYS A 260 27.34 -5.24 20.06
C LYS A 260 28.61 -4.50 20.46
N GLU A 261 29.71 -5.23 20.55
CA GLU A 261 31.01 -4.63 20.86
C GLU A 261 31.39 -3.54 19.85
N ALA A 262 31.27 -3.83 18.55
CA ALA A 262 31.61 -2.82 17.55
C ALA A 262 30.68 -1.61 17.66
N SER A 263 29.40 -1.85 17.88
CA SER A 263 28.41 -0.77 17.97
C SER A 263 28.67 0.13 19.17
N GLU A 264 29.29 -0.38 20.22
CA GLU A 264 29.56 0.42 21.41
C GLU A 264 30.97 1.00 21.41
N GLY A 265 31.70 0.87 20.31
CA GLY A 265 33.05 1.34 20.23
C GLY A 265 33.37 1.93 18.87
N PRO A 266 34.12 1.17 18.06
CA PRO A 266 34.66 1.76 16.81
C PRO A 266 33.60 2.12 15.77
N LEU A 267 32.42 1.50 15.80
CA LEU A 267 31.39 1.82 14.82
C LEU A 267 30.19 2.49 15.45
N LYS A 268 30.36 3.10 16.63
CA LYS A 268 29.25 3.83 17.23
C LYS A 268 28.72 4.88 16.28
N GLY A 269 27.40 4.94 16.14
CA GLY A 269 26.76 5.84 15.22
C GLY A 269 26.68 5.35 13.80
N ILE A 270 27.43 4.30 13.45
CA ILE A 270 27.41 3.72 12.12
C ILE A 270 26.71 2.37 12.13
N LEU A 271 27.14 1.47 13.02
CA LEU A 271 26.52 0.16 13.19
C LEU A 271 25.86 0.13 14.56
N ALA A 272 24.54 -0.09 14.59
CA ALA A 272 23.80 -0.22 15.83
C ALA A 272 23.47 -1.68 16.07
N TYR A 273 23.17 -1.99 17.33
CA TYR A 273 22.81 -3.34 17.74
C TYR A 273 21.51 -3.26 18.51
N THR A 274 20.54 -4.11 18.17
CA THR A 274 19.32 -4.15 18.96
C THR A 274 18.84 -5.59 19.14
N GLU A 275 18.11 -5.80 20.22
CA GLU A 275 17.39 -7.04 20.46
C GLU A 275 15.89 -6.81 20.53
N ASP A 276 15.45 -5.60 20.20
CA ASP A 276 14.03 -5.26 20.21
C ASP A 276 13.35 -5.87 18.99
N ASP A 277 12.02 -6.04 19.10
CA ASP A 277 11.22 -6.65 18.04
C ASP A 277 10.77 -5.60 17.03
N ILE A 278 11.74 -4.99 16.37
CA ILE A 278 11.43 -3.83 15.54
C ILE A 278 10.96 -4.28 14.16
N VAL A 279 10.36 -3.33 13.44
CA VAL A 279 9.88 -3.47 12.08
C VAL A 279 10.34 -2.23 11.33
N SER A 280 10.10 -2.20 10.02
CA SER A 280 10.76 -1.20 9.19
C SER A 280 10.41 0.23 9.61
N THR A 281 9.15 0.50 9.98
CA THR A 281 8.82 1.88 10.38
C THR A 281 9.66 2.35 11.57
N ASP A 282 10.18 1.43 12.40
CA ASP A 282 10.94 1.86 13.57
C ASP A 282 12.31 2.41 13.22
N ILE A 283 12.76 2.18 11.99
CA ILE A 283 14.05 2.69 11.51
C ILE A 283 13.89 3.96 10.69
N LEU A 284 12.66 4.42 10.46
CA LEU A 284 12.46 5.68 9.72
C LEU A 284 13.22 6.82 10.37
N THR A 285 13.98 7.55 9.54
CA THR A 285 14.73 8.74 9.96
C THR A 285 15.77 8.42 11.03
N ASP A 286 16.24 7.17 11.06
CA ASP A 286 17.36 6.72 11.87
C ASP A 286 18.66 6.87 11.09
N PRO A 287 19.66 7.57 11.64
CA PRO A 287 20.87 7.92 10.87
C PRO A 287 21.96 6.87 10.81
N HIS A 288 21.76 5.68 11.38
CA HIS A 288 22.78 4.64 11.32
C HIS A 288 22.92 4.08 9.91
N SER A 289 24.12 3.60 9.58
CA SER A 289 24.29 2.90 8.31
C SER A 289 23.62 1.53 8.37
N SER A 290 23.53 0.94 9.55
CA SER A 290 23.29 -0.49 9.67
C SER A 290 22.82 -0.76 11.10
N THR A 291 21.66 -1.39 11.27
CA THR A 291 21.17 -1.74 12.60
C THR A 291 20.94 -3.25 12.64
N PHE A 292 21.86 -3.95 13.30
CA PHE A 292 21.83 -5.40 13.39
C PHE A 292 20.66 -5.85 14.25
N ASP A 293 19.85 -6.75 13.71
CA ASP A 293 18.61 -7.22 14.34
C ASP A 293 18.89 -8.61 14.88
N ALA A 294 19.17 -8.69 16.18
CA ALA A 294 19.66 -9.95 16.74
C ALA A 294 18.61 -11.03 16.72
N LYS A 295 17.34 -10.68 16.97
CA LYS A 295 16.32 -11.71 17.04
C LYS A 295 15.85 -12.19 15.68
N ALA A 296 16.20 -11.46 14.60
CA ALA A 296 15.83 -11.87 13.25
C ALA A 296 16.83 -12.81 12.60
N GLY A 297 18.05 -12.89 13.11
CA GLY A 297 19.04 -13.77 12.51
C GLY A 297 18.96 -15.20 13.04
N ILE A 298 19.73 -16.09 12.42
CA ILE A 298 19.68 -17.48 12.83
C ILE A 298 21.00 -18.15 12.41
N ALA A 299 21.48 -19.04 13.28
CA ALA A 299 22.65 -19.87 12.98
C ALA A 299 22.15 -21.28 12.66
N LEU A 300 22.60 -21.83 11.54
CA LEU A 300 22.28 -23.22 11.25
C LEU A 300 23.24 -24.17 11.98
N ASN A 301 24.53 -23.84 11.98
CA ASN A 301 25.58 -24.63 12.58
C ASN A 301 26.72 -23.68 12.96
N LYS A 302 27.85 -24.24 13.39
CA LYS A 302 28.91 -23.43 13.99
C LYS A 302 29.64 -22.56 12.97
N ASN A 303 29.42 -22.75 11.66
CA ASN A 303 30.08 -21.94 10.66
C ASN A 303 29.14 -21.22 9.70
N PHE A 304 27.82 -21.42 9.79
CA PHE A 304 26.90 -21.00 8.73
C PHE A 304 25.71 -20.27 9.36
N VAL A 305 25.59 -18.96 9.06
CA VAL A 305 24.72 -18.03 9.79
C VAL A 305 24.02 -17.11 8.80
N LYS A 306 22.82 -16.67 9.15
CA LYS A 306 22.10 -15.62 8.42
C LYS A 306 21.90 -14.46 9.37
N VAL A 307 22.43 -13.30 9.02
CA VAL A 307 22.24 -12.13 9.88
C VAL A 307 21.49 -11.08 9.07
N MET A 308 20.73 -10.24 9.78
CA MET A 308 19.88 -9.24 9.15
C MET A 308 20.12 -7.88 9.77
N SER A 309 20.15 -6.84 8.93
CA SER A 309 20.46 -5.49 9.39
C SER A 309 19.63 -4.44 8.65
N TRP A 310 18.98 -3.57 9.40
CA TRP A 310 18.11 -2.53 8.84
C TRP A 310 18.90 -1.33 8.38
N TYR A 311 18.35 -0.60 7.39
CA TYR A 311 18.89 0.70 7.05
C TYR A 311 17.81 1.62 6.50
N ASP A 312 17.78 2.85 6.99
CA ASP A 312 17.00 3.86 6.31
C ASP A 312 17.81 4.28 5.09
N ASN A 313 17.41 3.75 3.93
CA ASN A 313 18.19 3.96 2.72
C ASN A 313 18.29 5.44 2.36
N GLU A 314 17.35 6.28 2.80
CA GLU A 314 17.46 7.71 2.59
C GLU A 314 18.28 8.40 3.68
N TYR A 315 17.94 8.14 4.94
CA TYR A 315 18.46 8.98 6.03
C TYR A 315 19.82 8.53 6.54
N GLY A 316 20.06 7.22 6.67
CA GLY A 316 21.40 6.77 7.02
C GLY A 316 22.43 7.19 6.00
N TYR A 317 22.15 6.91 4.72
CA TYR A 317 23.10 7.23 3.66
C TYR A 317 23.36 8.73 3.60
N SER A 318 22.31 9.54 3.79
CA SER A 318 22.47 10.99 3.71
C SER A 318 23.32 11.51 4.86
N ARG A 319 23.17 10.93 6.06
CA ARG A 319 24.05 11.33 7.15
C ARG A 319 25.49 10.94 6.86
N ARG A 320 25.70 9.80 6.21
CA ARG A 320 27.06 9.39 5.86
C ARG A 320 27.68 10.36 4.84
N VAL A 321 26.87 10.88 3.92
CA VAL A 321 27.39 11.88 2.98
C VAL A 321 27.96 13.07 3.76
N VAL A 322 27.20 13.54 4.75
CA VAL A 322 27.68 14.64 5.59
C VAL A 322 28.93 14.20 6.37
N ASP A 323 28.90 13.00 6.96
CA ASP A 323 30.05 12.50 7.71
C ASP A 323 31.30 12.43 6.84
N LEU A 324 31.13 12.01 5.58
CA LEU A 324 32.30 11.85 4.71
C LEU A 324 32.89 13.21 4.31
N ILE A 325 32.02 14.19 4.06
CA ILE A 325 32.50 15.53 3.71
C ILE A 325 33.30 16.13 4.86
N VAL A 326 32.78 16.01 6.09
CA VAL A 326 33.52 16.47 7.27
C VAL A 326 34.88 15.78 7.33
N PHE A 327 34.91 14.46 7.17
CA PHE A 327 36.15 13.70 7.32
C PHE A 327 37.17 14.12 6.27
N VAL A 328 36.74 14.27 5.02
CA VAL A 328 37.63 14.63 3.93
C VAL A 328 38.13 16.06 4.08
N SER A 329 37.22 16.99 4.41
CA SER A 329 37.64 18.38 4.64
C SER A 329 38.72 18.46 5.70
N LYS A 330 38.58 17.67 6.79
CA LYS A 330 39.62 17.65 7.81
C LYS A 330 40.94 17.13 7.27
N LYS A 331 40.87 16.07 6.46
CA LYS A 331 42.08 15.51 5.86
C LYS A 331 42.72 16.50 4.90
N ASP A 332 41.92 17.15 4.05
CA ASP A 332 42.43 18.18 3.15
C ASP A 332 43.11 19.32 3.91
N ALA A 333 42.83 19.47 5.21
CA ALA A 333 43.47 20.51 5.99
C ALA A 333 44.67 20.00 6.80
N GLY A 334 44.84 18.69 6.91
CA GLY A 334 45.95 18.13 7.67
C GLY A 334 45.66 17.93 9.15
N VAL B 1 -15.23 -4.19 -40.05
CA VAL B 1 -14.49 -4.05 -38.81
C VAL B 1 -13.32 -3.08 -38.98
N PRO B 2 -13.41 -1.93 -38.30
CA PRO B 2 -12.39 -0.89 -38.48
C PRO B 2 -10.98 -1.38 -38.17
N LYS B 3 -10.02 -0.87 -38.93
CA LYS B 3 -8.61 -1.16 -38.69
C LYS B 3 -8.00 -0.02 -37.86
N VAL B 4 -7.36 -0.38 -36.74
CA VAL B 4 -6.94 0.58 -35.73
C VAL B 4 -5.43 0.58 -35.60
N GLY B 5 -4.86 1.76 -35.40
CA GLY B 5 -3.50 1.93 -34.93
C GLY B 5 -3.52 2.56 -33.55
N ILE B 6 -2.61 2.14 -32.67
CA ILE B 6 -2.50 2.71 -31.33
C ILE B 6 -1.19 3.47 -31.22
N ASN B 7 -1.25 4.74 -30.81
CA ASN B 7 -0.04 5.49 -30.54
C ASN B 7 0.09 5.74 -29.04
N GLY B 8 1.19 5.25 -28.45
CA GLY B 8 1.35 5.21 -27.02
C GLY B 8 0.86 3.88 -26.47
N PHE B 9 1.78 2.95 -26.26
CA PHE B 9 1.45 1.59 -25.84
C PHE B 9 1.53 1.48 -24.31
N GLY B 10 0.77 2.35 -23.66
CA GLY B 10 0.77 2.49 -22.21
C GLY B 10 -0.38 1.76 -21.56
N ARG B 11 -0.82 2.26 -20.40
CA ARG B 11 -1.96 1.65 -19.72
C ARG B 11 -3.18 1.63 -20.65
N ILE B 12 -3.58 2.78 -21.17
CA ILE B 12 -4.74 2.84 -22.06
C ILE B 12 -4.46 2.11 -23.37
N GLY B 13 -3.29 2.33 -23.96
CA GLY B 13 -2.98 1.68 -25.22
C GLY B 13 -3.04 0.16 -25.14
N ARG B 14 -2.37 -0.41 -24.13
CA ARG B 14 -2.40 -1.86 -23.99
C ARG B 14 -3.79 -2.37 -23.61
N VAL B 15 -4.51 -1.63 -22.77
CA VAL B 15 -5.83 -2.11 -22.37
C VAL B 15 -6.85 -1.92 -23.48
N VAL B 16 -6.66 -0.92 -24.34
CA VAL B 16 -7.49 -0.85 -25.54
C VAL B 16 -7.24 -2.08 -26.41
N LEU B 17 -5.97 -2.50 -26.55
CA LEU B 17 -5.68 -3.70 -27.34
C LEU B 17 -6.36 -4.93 -26.73
N ARG B 18 -6.26 -5.09 -25.41
CA ARG B 18 -6.99 -6.16 -24.74
C ARG B 18 -8.47 -6.13 -25.06
N ASN B 19 -9.08 -4.94 -25.03
CA ASN B 19 -10.51 -4.86 -25.30
C ASN B 19 -10.82 -5.20 -26.75
N ALA B 20 -9.98 -4.74 -27.68
CA ALA B 20 -10.14 -5.10 -29.10
C ALA B 20 -10.06 -6.60 -29.30
N LEU B 21 -9.07 -7.25 -28.70
CA LEU B 21 -8.95 -8.70 -28.86
C LEU B 21 -10.12 -9.42 -28.20
N GLU B 22 -10.53 -8.97 -27.02
CA GLU B 22 -11.65 -9.59 -26.30
C GLU B 22 -12.94 -9.54 -27.12
N THR B 23 -13.24 -8.40 -27.75
CA THR B 23 -14.52 -8.19 -28.42
C THR B 23 -14.48 -8.46 -29.91
N GLY B 24 -13.32 -8.35 -30.56
CA GLY B 24 -13.28 -8.39 -32.01
C GLY B 24 -13.97 -7.25 -32.71
N ALA B 25 -14.40 -6.22 -31.98
CA ALA B 25 -15.15 -5.12 -32.59
C ALA B 25 -14.27 -4.23 -33.48
N VAL B 26 -12.96 -4.24 -33.30
CA VAL B 26 -12.03 -3.54 -34.17
C VAL B 26 -10.79 -4.39 -34.29
N GLU B 27 -9.99 -4.13 -35.33
CA GLU B 27 -8.80 -4.91 -35.61
C GLU B 27 -7.58 -4.00 -35.48
N VAL B 28 -6.74 -4.25 -34.47
CA VAL B 28 -5.57 -3.43 -34.22
C VAL B 28 -4.44 -3.98 -35.09
N VAL B 29 -3.98 -3.19 -36.05
CA VAL B 29 -2.98 -3.66 -37.02
C VAL B 29 -1.65 -2.96 -36.89
N ALA B 30 -1.52 -1.94 -36.04
CA ALA B 30 -0.25 -1.25 -35.89
C ALA B 30 -0.21 -0.58 -34.53
N LEU B 31 1.00 -0.52 -33.96
CA LEU B 31 1.27 0.09 -32.67
C LEU B 31 2.50 0.97 -32.80
N ASN B 32 2.55 2.07 -32.06
CA ASN B 32 3.77 2.87 -32.03
C ASN B 32 4.10 3.31 -30.62
N ASP B 33 5.36 3.12 -30.23
CA ASP B 33 5.89 3.61 -28.97
C ASP B 33 7.41 3.66 -29.03
N PRO B 34 8.00 4.85 -29.04
CA PRO B 34 9.46 4.94 -29.14
C PRO B 34 10.20 4.40 -27.94
N PHE B 35 9.55 4.28 -26.78
CA PHE B 35 10.24 3.86 -25.56
C PHE B 35 10.12 2.36 -25.32
N ILE B 36 9.62 1.61 -26.29
CA ILE B 36 9.38 0.18 -26.11
C ILE B 36 9.80 -0.56 -27.38
N GLU B 37 10.79 -1.43 -27.28
CA GLU B 37 11.16 -2.30 -28.38
C GLU B 37 10.16 -3.44 -28.52
N PRO B 38 10.07 -4.07 -29.71
CA PRO B 38 9.09 -5.16 -29.90
C PRO B 38 9.14 -6.30 -28.89
N HIS B 39 10.33 -6.77 -28.50
CA HIS B 39 10.39 -7.85 -27.52
C HIS B 39 9.94 -7.37 -26.15
N TYR B 40 10.26 -6.12 -25.82
CA TYR B 40 9.75 -5.52 -24.60
C TYR B 40 8.24 -5.37 -24.65
N ALA B 41 7.70 -5.04 -25.82
CA ALA B 41 6.26 -4.87 -25.95
C ALA B 41 5.54 -6.17 -25.67
N GLU B 42 6.11 -7.30 -26.10
CA GLU B 42 5.51 -8.60 -25.82
C GLU B 42 5.42 -8.83 -24.32
N TYR B 43 6.49 -8.52 -23.60
CA TYR B 43 6.51 -8.67 -22.16
C TYR B 43 5.47 -7.78 -21.48
N MET B 44 5.42 -6.49 -21.86
CA MET B 44 4.53 -5.56 -21.18
C MET B 44 3.07 -5.91 -21.39
N PHE B 45 2.76 -6.54 -22.52
CA PHE B 45 1.39 -6.93 -22.83
C PHE B 45 1.04 -8.29 -22.24
N LYS B 46 2.02 -9.19 -22.15
CA LYS B 46 1.79 -10.54 -21.64
C LYS B 46 1.48 -10.53 -20.15
N TYR B 47 2.20 -9.71 -19.38
CA TYR B 47 2.07 -9.66 -17.93
C TYR B 47 1.54 -8.29 -17.51
N ASP B 48 0.51 -8.28 -16.67
CA ASP B 48 -0.13 -7.03 -16.26
C ASP B 48 -0.41 -7.10 -14.76
N SER B 49 0.19 -6.18 -14.01
CA SER B 49 0.00 -6.15 -12.55
C SER B 49 -1.45 -5.93 -12.16
N THR B 50 -2.27 -5.38 -13.06
CA THR B 50 -3.62 -4.94 -12.70
C THR B 50 -4.71 -5.87 -13.18
N HIS B 51 -4.62 -6.33 -14.44
CA HIS B 51 -5.64 -7.15 -15.06
C HIS B 51 -5.18 -8.58 -15.29
N GLY B 52 -3.97 -8.95 -14.85
CA GLY B 52 -3.54 -10.33 -14.94
C GLY B 52 -2.94 -10.69 -16.27
N ARG B 53 -2.58 -11.96 -16.40
CA ARG B 53 -1.86 -12.42 -17.57
C ARG B 53 -2.78 -12.42 -18.79
N PHE B 54 -2.20 -12.10 -19.94
CA PHE B 54 -2.94 -12.23 -21.19
C PHE B 54 -3.20 -13.71 -21.46
N LYS B 55 -4.45 -14.04 -21.79
CA LYS B 55 -4.81 -15.44 -21.91
C LYS B 55 -4.52 -16.04 -23.28
N GLY B 56 -4.32 -15.22 -24.31
CA GLY B 56 -4.02 -15.71 -25.64
C GLY B 56 -2.55 -15.97 -25.88
N ASP B 57 -2.21 -16.10 -27.16
CA ASP B 57 -0.84 -16.33 -27.60
C ASP B 57 -0.23 -15.02 -28.10
N ILE B 58 1.05 -14.84 -27.83
CA ILE B 58 1.76 -13.69 -28.36
C ILE B 58 3.21 -14.07 -28.54
N LYS B 59 3.79 -13.62 -29.66
CA LYS B 59 5.21 -13.78 -29.93
C LYS B 59 5.68 -12.57 -30.72
N VAL B 60 6.99 -12.47 -30.87
CA VAL B 60 7.61 -11.51 -31.79
C VAL B 60 8.07 -12.27 -33.03
N ASP B 61 7.74 -11.75 -34.21
CA ASP B 61 8.27 -12.26 -35.46
C ASP B 61 8.95 -11.11 -36.19
N GLY B 62 10.28 -11.12 -36.17
CA GLY B 62 11.04 -10.02 -36.73
C GLY B 62 10.91 -8.77 -35.90
N LYS B 63 10.32 -7.73 -36.47
CA LYS B 63 10.06 -6.50 -35.75
C LYS B 63 8.58 -6.32 -35.41
N ASP B 64 7.73 -7.30 -35.72
CA ASP B 64 6.30 -7.24 -35.49
C ASP B 64 5.91 -8.10 -34.29
N LEU B 65 4.70 -7.83 -33.79
CA LEU B 65 4.03 -8.72 -32.85
C LEU B 65 3.07 -9.60 -33.62
N VAL B 66 2.93 -10.84 -33.16
CA VAL B 66 1.90 -11.75 -33.65
C VAL B 66 1.06 -12.16 -32.45
N ILE B 67 -0.18 -11.72 -32.41
CA ILE B 67 -1.08 -12.01 -31.30
C ILE B 67 -2.23 -12.85 -31.81
N ASP B 68 -2.34 -14.07 -31.30
CA ASP B 68 -3.38 -15.01 -31.73
C ASP B 68 -3.36 -15.16 -33.25
N GLY B 69 -2.16 -15.28 -33.81
CA GLY B 69 -1.97 -15.51 -35.23
C GLY B 69 -1.89 -14.23 -36.06
N LYS B 70 -2.47 -13.14 -35.59
CA LYS B 70 -2.52 -11.89 -36.36
C LYS B 70 -1.24 -11.08 -36.19
N ARG B 71 -0.66 -10.66 -37.32
CA ARG B 71 0.51 -9.79 -37.30
C ARG B 71 0.13 -8.35 -37.00
N ILE B 72 0.88 -7.71 -36.11
CA ILE B 72 0.63 -6.32 -35.73
C ILE B 72 1.93 -5.56 -35.91
N LYS B 73 1.93 -4.55 -36.78
CA LYS B 73 3.15 -3.78 -36.98
C LYS B 73 3.46 -3.00 -35.72
N PHE B 74 4.75 -2.84 -35.44
CA PHE B 74 5.20 -2.11 -34.26
C PHE B 74 6.27 -1.12 -34.68
N TYR B 75 6.02 0.16 -34.47
CA TYR B 75 6.98 1.21 -34.80
C TYR B 75 7.53 1.86 -33.53
N GLN B 76 8.58 2.65 -33.71
CA GLN B 76 9.26 3.30 -32.60
C GLN B 76 9.57 4.76 -32.94
N GLU B 77 8.55 5.49 -33.39
CA GLU B 77 8.72 6.86 -33.87
C GLU B 77 8.33 7.86 -32.78
N ARG B 78 9.26 8.76 -32.44
CA ARG B 78 8.94 9.81 -31.48
C ARG B 78 7.98 10.84 -32.06
N ASP B 79 8.12 11.15 -33.35
CA ASP B 79 7.27 12.11 -34.04
C ASP B 79 6.14 11.37 -34.73
N PRO B 80 4.87 11.56 -34.31
CA PRO B 80 3.76 10.81 -34.92
C PRO B 80 3.60 11.05 -36.42
N ALA B 81 4.10 12.17 -36.94
CA ALA B 81 4.06 12.41 -38.37
C ALA B 81 4.90 11.40 -39.14
N ASN B 82 5.75 10.62 -38.47
CA ASN B 82 6.60 9.64 -39.14
C ASN B 82 6.04 8.22 -39.06
N ILE B 83 4.89 8.02 -38.43
CA ILE B 83 4.33 6.68 -38.32
C ILE B 83 3.62 6.35 -39.63
N PRO B 84 4.02 5.28 -40.31
CA PRO B 84 3.40 4.95 -41.61
C PRO B 84 2.16 4.08 -41.45
N TRP B 85 1.12 4.66 -40.85
CA TRP B 85 -0.13 3.93 -40.64
C TRP B 85 -0.63 3.24 -41.90
N LYS B 86 -0.35 3.83 -43.07
CA LYS B 86 -0.90 3.34 -44.33
C LYS B 86 -0.40 1.93 -44.67
N ASP B 87 0.86 1.62 -44.33
CA ASP B 87 1.44 0.32 -44.67
C ASP B 87 0.59 -0.84 -44.17
N SER B 88 -0.04 -0.69 -43.01
CA SER B 88 -0.83 -1.77 -42.43
C SER B 88 -2.32 -1.62 -42.68
N GLY B 89 -2.75 -0.51 -43.26
CA GLY B 89 -4.17 -0.25 -43.40
C GLY B 89 -4.81 0.43 -42.21
N ALA B 90 -4.03 0.83 -41.22
CA ALA B 90 -4.57 1.45 -40.02
C ALA B 90 -5.26 2.77 -40.36
N GLU B 91 -6.55 2.86 -40.06
CA GLU B 91 -7.35 4.03 -40.40
C GLU B 91 -7.79 4.83 -39.19
N TYR B 92 -8.13 4.17 -38.09
CA TYR B 92 -8.59 4.83 -36.87
C TYR B 92 -7.47 4.74 -35.85
N ILE B 93 -6.95 5.90 -35.45
CA ILE B 93 -5.74 5.98 -34.65
C ILE B 93 -6.13 6.36 -33.23
N VAL B 94 -5.76 5.51 -32.29
CA VAL B 94 -5.93 5.82 -30.88
C VAL B 94 -4.71 6.61 -30.44
N GLU B 95 -4.93 7.86 -30.04
CA GLU B 95 -3.85 8.75 -29.64
C GLU B 95 -3.79 8.70 -28.11
N SER B 96 -2.98 7.77 -27.59
CA SER B 96 -2.97 7.50 -26.16
C SER B 96 -1.59 7.73 -25.54
N THR B 97 -0.82 8.68 -26.07
CA THR B 97 0.48 9.00 -25.48
C THR B 97 0.36 9.96 -24.31
N GLY B 98 -0.74 10.69 -24.19
CA GLY B 98 -0.84 11.75 -23.24
C GLY B 98 -0.21 13.07 -23.63
N VAL B 99 0.51 13.15 -24.76
CA VAL B 99 1.28 14.34 -25.10
C VAL B 99 0.88 15.00 -26.42
N PHE B 100 -0.11 14.45 -27.14
CA PHE B 100 -0.61 15.04 -28.39
C PHE B 100 -2.14 15.16 -28.34
N THR B 101 -2.65 15.96 -27.38
CA THR B 101 -4.08 16.03 -27.12
C THR B 101 -4.77 17.22 -27.78
N THR B 102 -4.02 18.14 -28.40
CA THR B 102 -4.62 19.18 -29.20
C THR B 102 -4.81 18.70 -30.64
N THR B 103 -5.77 19.32 -31.34
CA THR B 103 -5.99 18.97 -32.73
C THR B 103 -4.73 19.17 -33.56
N GLU B 104 -3.99 20.24 -33.28
CA GLU B 104 -2.77 20.54 -34.02
C GLU B 104 -1.77 19.39 -33.94
N LYS B 105 -1.49 18.90 -32.72
CA LYS B 105 -0.49 17.84 -32.56
C LYS B 105 -1.03 16.49 -32.98
N ALA B 106 -2.31 16.20 -32.69
CA ALA B 106 -2.92 14.93 -33.04
C ALA B 106 -3.05 14.74 -34.55
N SER B 107 -3.19 15.83 -35.30
CA SER B 107 -3.35 15.74 -36.76
C SER B 107 -2.12 15.15 -37.45
N ALA B 108 -0.98 15.04 -36.77
CA ALA B 108 0.22 14.51 -37.39
C ALA B 108 0.00 13.12 -37.96
N HIS B 109 -0.93 12.36 -37.39
CA HIS B 109 -1.22 11.01 -37.88
C HIS B 109 -1.74 11.01 -39.32
N PHE B 110 -2.33 12.12 -39.77
CA PHE B 110 -2.84 12.16 -41.14
C PHE B 110 -1.73 12.09 -42.18
N LYS B 111 -0.50 12.44 -41.79
CA LYS B 111 0.64 12.35 -42.71
C LYS B 111 0.91 10.91 -43.11
N GLY B 112 0.89 9.99 -42.15
CA GLY B 112 1.05 8.59 -42.47
C GLY B 112 -0.18 7.89 -43.02
N GLY B 113 -1.26 8.62 -43.26
CA GLY B 113 -2.42 8.04 -43.90
C GLY B 113 -3.59 7.69 -43.01
N ALA B 114 -3.64 8.21 -41.78
CA ALA B 114 -4.80 8.00 -40.92
C ALA B 114 -6.04 8.67 -41.48
N LYS B 115 -7.19 8.08 -41.20
CA LYS B 115 -8.48 8.65 -41.55
C LYS B 115 -9.13 9.40 -40.39
N LYS B 116 -8.91 8.96 -39.15
CA LYS B 116 -9.51 9.59 -37.98
C LYS B 116 -8.57 9.41 -36.80
N VAL B 117 -8.58 10.39 -35.89
CA VAL B 117 -7.79 10.31 -34.67
C VAL B 117 -8.74 10.43 -33.48
N ILE B 118 -8.67 9.46 -32.57
CA ILE B 118 -9.44 9.48 -31.34
C ILE B 118 -8.44 9.70 -30.21
N ILE B 119 -8.49 10.90 -29.62
CA ILE B 119 -7.61 11.25 -28.51
C ILE B 119 -8.17 10.59 -27.25
N SER B 120 -7.34 9.83 -26.54
CA SER B 120 -7.82 9.10 -25.38
C SER B 120 -7.87 9.96 -24.13
N ALA B 121 -8.33 11.19 -24.24
CA ALA B 121 -8.20 12.18 -23.18
C ALA B 121 -8.99 13.41 -23.58
N PRO B 122 -9.35 14.27 -22.63
CA PRO B 122 -9.97 15.55 -23.00
C PRO B 122 -9.02 16.32 -23.91
N SER B 123 -9.59 17.16 -24.75
CA SER B 123 -8.81 17.96 -25.67
C SER B 123 -9.16 19.43 -25.49
N ALA B 124 -8.15 20.28 -25.60
CA ALA B 124 -8.40 21.72 -25.55
C ALA B 124 -9.34 22.17 -26.67
N ASP B 125 -9.40 21.43 -27.78
CA ASP B 125 -10.18 21.93 -28.91
C ASP B 125 -10.84 20.84 -29.76
N ALA B 126 -10.41 19.59 -29.64
CA ALA B 126 -11.15 18.58 -30.40
C ALA B 126 -12.50 18.29 -29.73
N PRO B 127 -13.55 18.03 -30.50
CA PRO B 127 -14.85 17.77 -29.88
C PRO B 127 -14.83 16.46 -29.10
N MET B 128 -15.51 16.48 -27.95
CA MET B 128 -15.49 15.39 -27.00
C MET B 128 -16.81 14.63 -27.02
N TYR B 129 -16.73 13.31 -26.98
CA TYR B 129 -17.91 12.45 -27.02
C TYR B 129 -17.90 11.48 -25.86
N VAL B 130 -19.09 11.22 -25.30
CA VAL B 130 -19.28 10.18 -24.29
C VAL B 130 -20.37 9.25 -24.82
N MET B 131 -20.01 7.99 -25.08
CA MET B 131 -20.99 7.03 -25.57
C MET B 131 -22.14 6.88 -24.57
N GLY B 132 -23.36 6.91 -25.10
CA GLY B 132 -24.54 6.94 -24.29
C GLY B 132 -25.04 8.33 -23.99
N VAL B 133 -24.26 9.36 -24.26
CA VAL B 133 -24.61 10.72 -23.88
C VAL B 133 -24.75 11.64 -25.09
N ASN B 134 -23.73 11.68 -25.97
CA ASN B 134 -23.82 12.63 -27.08
C ASN B 134 -23.19 12.17 -28.39
N GLU B 135 -22.96 10.86 -28.60
CA GLU B 135 -22.31 10.45 -29.83
C GLU B 135 -23.15 10.78 -31.06
N ASP B 136 -24.47 10.96 -30.91
CA ASP B 136 -25.32 11.37 -32.04
C ASP B 136 -24.98 12.77 -32.53
N THR B 137 -24.27 13.57 -31.74
CA THR B 137 -23.85 14.89 -32.20
C THR B 137 -22.59 14.84 -33.06
N TYR B 138 -21.97 13.67 -33.22
CA TYR B 138 -20.81 13.55 -34.09
C TYR B 138 -21.17 13.93 -35.53
N ALA B 139 -20.34 14.78 -36.13
CA ALA B 139 -20.69 15.37 -37.42
C ALA B 139 -19.54 15.25 -38.41
N GLY B 140 -18.66 14.27 -38.25
CA GLY B 140 -17.62 14.01 -39.22
C GLY B 140 -16.26 14.62 -38.95
N ALA B 141 -16.06 15.27 -37.80
CA ALA B 141 -14.73 15.77 -37.46
C ALA B 141 -13.69 14.65 -37.52
N ASN B 142 -12.49 14.99 -37.99
CA ASN B 142 -11.45 13.97 -38.22
C ASN B 142 -10.58 13.73 -37.00
N VAL B 143 -10.55 14.67 -36.07
CA VAL B 143 -9.88 14.52 -34.79
C VAL B 143 -10.95 14.71 -33.72
N ILE B 144 -11.17 13.69 -32.89
CA ILE B 144 -12.18 13.71 -31.85
C ILE B 144 -11.55 13.25 -30.53
N SER B 145 -12.26 13.50 -29.43
CA SER B 145 -11.80 13.10 -28.11
C SER B 145 -12.87 12.26 -27.42
N ASN B 146 -12.43 11.21 -26.73
CA ASN B 146 -13.32 10.38 -25.94
C ASN B 146 -13.44 10.86 -24.48
N ALA B 147 -13.05 12.10 -24.22
CA ALA B 147 -13.16 12.76 -22.89
C ALA B 147 -12.24 12.03 -21.90
N SER B 148 -12.62 12.02 -20.63
CA SER B 148 -11.81 11.35 -19.61
C SER B 148 -12.58 10.17 -19.03
N CYS B 149 -11.85 9.30 -18.32
CA CYS B 149 -12.49 8.23 -17.56
C CYS B 149 -13.57 8.77 -16.62
N THR B 150 -13.30 9.91 -15.97
CA THR B 150 -14.23 10.39 -14.96
C THR B 150 -15.49 10.97 -15.60
N THR B 151 -15.32 11.75 -16.68
CA THR B 151 -16.49 12.24 -17.39
C THR B 151 -17.35 11.09 -17.92
N ASN B 152 -16.70 10.03 -18.40
CA ASN B 152 -17.44 8.87 -18.87
C ASN B 152 -18.17 8.17 -17.73
N CYS B 153 -17.71 8.34 -16.49
CA CYS B 153 -18.47 7.78 -15.38
C CYS B 153 -19.63 8.69 -15.00
N LEU B 154 -19.35 9.99 -14.83
CA LEU B 154 -20.37 10.90 -14.30
C LEU B 154 -21.47 11.17 -15.32
N ALA B 155 -21.10 11.40 -16.59
CA ALA B 155 -22.08 11.91 -17.55
C ALA B 155 -23.24 10.97 -17.84
N PRO B 156 -23.07 9.66 -18.02
CA PRO B 156 -24.25 8.79 -18.20
C PRO B 156 -25.15 8.77 -16.98
N LEU B 157 -24.57 8.89 -15.80
CA LEU B 157 -25.36 8.99 -14.58
C LEU B 157 -26.12 10.32 -14.52
N ALA B 158 -25.42 11.43 -14.78
CA ALA B 158 -26.03 12.74 -14.74
C ALA B 158 -27.12 12.88 -15.79
N LYS B 159 -26.90 12.35 -16.99
CA LYS B 159 -27.92 12.44 -18.03
C LYS B 159 -29.21 11.75 -17.57
N THR B 160 -29.10 10.54 -17.02
CA THR B 160 -30.28 9.80 -16.57
C THR B 160 -31.02 10.56 -15.49
N LEU B 161 -30.30 11.07 -14.49
CA LEU B 161 -30.96 11.79 -13.40
C LEU B 161 -31.50 13.13 -13.87
N ASN B 162 -30.80 13.79 -14.79
CA ASN B 162 -31.33 15.01 -15.37
C ASN B 162 -32.60 14.74 -16.16
N ASP B 163 -32.58 13.71 -17.02
CA ASP B 163 -33.75 13.40 -17.83
C ASP B 163 -34.98 13.18 -16.96
N LYS B 164 -34.83 12.50 -15.83
CA LYS B 164 -35.97 12.11 -14.99
C LYS B 164 -36.38 13.19 -13.99
N PHE B 165 -35.41 13.87 -13.37
CA PHE B 165 -35.66 14.68 -12.19
C PHE B 165 -35.23 16.14 -12.32
N THR B 166 -34.53 16.50 -13.40
CA THR B 166 -34.01 17.86 -13.62
C THR B 166 -32.99 18.26 -12.57
N ILE B 167 -31.72 18.23 -12.95
CA ILE B 167 -30.64 18.64 -12.05
C ILE B 167 -30.62 20.15 -11.96
N VAL B 168 -30.67 20.67 -10.75
CA VAL B 168 -30.51 22.11 -10.54
C VAL B 168 -29.04 22.48 -10.45
N GLU B 169 -28.26 21.69 -9.71
CA GLU B 169 -26.85 21.94 -9.45
C GLU B 169 -26.26 20.69 -8.85
N GLY B 170 -24.99 20.44 -9.13
CA GLY B 170 -24.32 19.25 -8.64
C GLY B 170 -22.84 19.48 -8.46
N LEU B 171 -22.27 18.80 -7.48
CA LEU B 171 -20.82 18.85 -7.23
C LEU B 171 -20.29 17.44 -7.04
N MET B 172 -19.16 17.16 -7.68
CA MET B 172 -18.61 15.83 -7.81
C MET B 172 -17.24 15.76 -7.15
N THR B 173 -16.99 14.66 -6.43
CA THR B 173 -15.63 14.26 -6.08
C THR B 173 -15.33 12.94 -6.76
N ALA B 174 -14.23 12.88 -7.50
CA ALA B 174 -13.72 11.63 -8.05
C ALA B 174 -12.64 11.13 -7.11
N ILE B 175 -12.94 10.04 -6.40
CA ILE B 175 -11.95 9.32 -5.59
C ILE B 175 -11.26 8.37 -6.55
N HIS B 176 -10.03 8.69 -6.94
CA HIS B 176 -9.42 8.13 -8.15
C HIS B 176 -8.13 7.42 -7.81
N ALA B 177 -7.96 6.21 -8.35
CA ALA B 177 -6.70 5.48 -8.31
C ALA B 177 -5.54 6.35 -8.78
N TYR B 178 -4.32 6.04 -8.35
CA TYR B 178 -3.19 6.77 -8.91
C TYR B 178 -2.87 6.27 -10.31
N THR B 179 -2.16 7.09 -11.07
CA THR B 179 -1.91 6.83 -12.49
C THR B 179 -0.42 7.01 -12.80
N ALA B 180 -0.08 6.82 -14.08
CA ALA B 180 1.30 6.85 -14.54
C ALA B 180 1.94 8.22 -14.38
N SER B 181 1.15 9.29 -14.32
CA SER B 181 1.75 10.60 -14.14
C SER B 181 2.15 10.89 -12.70
N GLN B 182 1.77 10.04 -11.76
CA GLN B 182 2.14 10.25 -10.38
C GLN B 182 3.49 9.60 -10.11
N LYS B 183 3.99 9.78 -8.88
CA LYS B 183 5.35 9.44 -8.48
C LYS B 183 5.34 8.44 -7.33
N THR B 184 6.32 7.53 -7.35
CA THR B 184 6.45 6.56 -6.27
C THR B 184 6.88 7.23 -4.97
N VAL B 185 7.92 8.09 -5.03
CA VAL B 185 8.38 8.85 -3.88
C VAL B 185 8.28 10.32 -4.25
N ASP B 186 8.27 11.19 -3.22
CA ASP B 186 8.09 12.62 -3.40
C ASP B 186 9.01 13.13 -4.50
N GLY B 187 8.44 13.61 -5.60
CA GLY B 187 9.22 14.00 -6.75
C GLY B 187 8.69 15.22 -7.47
N PRO B 188 9.44 15.69 -8.46
CA PRO B 188 9.13 16.96 -9.13
C PRO B 188 7.88 16.87 -10.00
N SER B 189 6.95 17.80 -9.78
CA SER B 189 5.74 17.91 -10.57
C SER B 189 5.40 19.41 -10.60
N SER B 190 6.10 20.13 -11.49
CA SER B 190 6.12 21.59 -11.45
C SER B 190 4.74 22.21 -11.71
N LYS B 191 3.85 21.52 -12.42
CA LYS B 191 2.54 22.07 -12.75
C LYS B 191 1.42 21.51 -11.89
N ASP B 192 1.76 20.75 -10.85
CA ASP B 192 0.79 20.08 -10.01
C ASP B 192 1.53 19.64 -8.75
N TRP B 193 1.77 20.59 -7.85
CA TRP B 193 2.65 20.31 -6.72
C TRP B 193 2.19 19.10 -5.92
N ARG B 194 0.89 19.00 -5.63
CA ARG B 194 0.39 17.85 -4.87
C ARG B 194 0.66 16.53 -5.60
N GLY B 195 0.54 16.54 -6.93
CA GLY B 195 0.70 15.34 -7.74
C GLY B 195 2.09 14.74 -7.74
N GLY B 196 3.09 15.45 -7.24
CA GLY B 196 4.41 14.84 -7.11
C GLY B 196 4.63 14.03 -5.85
N ARG B 197 3.72 14.09 -4.89
CA ARG B 197 3.94 13.44 -3.59
C ARG B 197 3.64 11.94 -3.67
N ALA B 198 4.33 11.17 -2.82
CA ALA B 198 4.30 9.70 -2.87
C ALA B 198 2.89 9.13 -3.07
N ALA B 199 2.64 8.51 -4.23
CA ALA B 199 1.27 8.19 -4.63
C ALA B 199 0.63 7.15 -3.72
N ALA B 200 1.38 6.14 -3.30
CA ALA B 200 0.79 5.02 -2.58
C ALA B 200 0.74 5.28 -1.08
N GLN B 201 1.13 6.47 -0.64
CA GLN B 201 1.19 6.82 0.77
C GLN B 201 0.31 8.01 1.12
N ASN B 202 -0.36 8.62 0.15
CA ASN B 202 -1.07 9.87 0.37
C ASN B 202 -2.45 9.86 -0.26
N LEU B 203 -3.38 10.56 0.42
CA LEU B 203 -4.54 11.13 -0.24
C LEU B 203 -4.12 12.48 -0.83
N ILE B 204 -4.40 12.68 -2.12
CA ILE B 204 -3.84 13.79 -2.88
C ILE B 204 -4.95 14.54 -3.61
N PRO B 205 -5.42 15.65 -3.07
CA PRO B 205 -6.41 16.46 -3.80
C PRO B 205 -5.87 16.91 -5.15
N SER B 206 -6.77 17.01 -6.11
CA SER B 206 -6.41 17.44 -7.45
C SER B 206 -7.63 18.08 -8.10
N SER B 207 -7.42 19.20 -8.76
CA SER B 207 -8.53 19.77 -9.50
C SER B 207 -8.68 19.05 -10.84
N THR B 208 -9.90 19.12 -11.38
CA THR B 208 -10.21 18.44 -12.63
C THR B 208 -11.28 19.24 -13.34
N GLY B 209 -11.22 19.24 -14.67
CA GLY B 209 -12.28 19.77 -15.48
C GLY B 209 -13.33 18.76 -15.88
N ALA B 210 -13.13 17.50 -15.47
CA ALA B 210 -13.97 16.41 -15.95
C ALA B 210 -15.42 16.55 -15.50
N ALA B 211 -15.68 17.24 -14.40
CA ALA B 211 -17.07 17.43 -14.04
C ALA B 211 -17.68 18.57 -14.84
N LYS B 212 -16.93 19.66 -15.03
CA LYS B 212 -17.42 20.74 -15.89
C LYS B 212 -17.66 20.24 -17.31
N ALA B 213 -16.76 19.39 -17.82
CA ALA B 213 -16.89 18.80 -19.15
C ALA B 213 -18.20 18.02 -19.32
N VAL B 214 -18.80 17.55 -18.22
CA VAL B 214 -20.17 17.05 -18.33
C VAL B 214 -21.09 18.14 -18.87
N GLY B 215 -20.77 19.41 -18.60
CA GLY B 215 -21.52 20.51 -19.17
C GLY B 215 -21.34 20.70 -20.66
N LYS B 216 -20.26 20.15 -21.22
CA LYS B 216 -20.07 20.20 -22.67
C LYS B 216 -20.74 19.03 -23.38
N VAL B 217 -20.70 17.82 -22.81
CA VAL B 217 -21.38 16.71 -23.45
C VAL B 217 -22.88 16.73 -23.16
N ILE B 218 -23.31 17.39 -22.09
CA ILE B 218 -24.72 17.57 -21.80
C ILE B 218 -24.94 19.07 -21.71
N PRO B 219 -25.18 19.76 -22.82
CA PRO B 219 -25.13 21.24 -22.80
C PRO B 219 -26.13 21.88 -21.84
N GLU B 220 -27.27 21.24 -21.58
CA GLU B 220 -28.22 21.79 -20.60
C GLU B 220 -27.65 21.86 -19.19
N LEU B 221 -26.55 21.16 -18.90
CA LEU B 221 -25.97 21.18 -17.56
C LEU B 221 -24.79 22.14 -17.44
N ALA B 222 -24.49 22.90 -18.49
CA ALA B 222 -23.38 23.85 -18.45
C ALA B 222 -23.56 24.83 -17.30
N GLY B 223 -22.53 24.95 -16.46
CA GLY B 223 -22.63 25.83 -15.32
C GLY B 223 -23.38 25.28 -14.14
N LYS B 224 -23.93 24.08 -14.24
CA LYS B 224 -24.65 23.47 -13.12
C LYS B 224 -23.86 22.38 -12.42
N VAL B 225 -22.71 21.96 -12.95
CA VAL B 225 -21.96 20.83 -12.43
C VAL B 225 -20.48 21.14 -12.54
N THR B 226 -19.76 20.95 -11.44
CA THR B 226 -18.29 20.88 -11.49
C THR B 226 -17.84 20.01 -10.33
N GLY B 227 -16.53 19.98 -10.07
CA GLY B 227 -16.04 19.17 -8.99
C GLY B 227 -14.52 19.13 -8.97
N MET B 228 -14.01 18.16 -8.22
CA MET B 228 -12.58 17.97 -8.06
C MET B 228 -12.34 16.49 -7.85
N SER B 229 -11.08 16.12 -7.65
CA SER B 229 -10.77 14.72 -7.41
C SER B 229 -9.82 14.60 -6.23
N VAL B 230 -9.77 13.41 -5.65
CA VAL B 230 -8.76 13.02 -4.67
C VAL B 230 -8.10 11.74 -5.15
N ARG B 231 -6.79 11.80 -5.41
N ARG B 231 -6.79 11.79 -5.36
CA ARG B 231 -6.03 10.63 -5.82
CA ARG B 231 -6.03 10.63 -5.82
C ARG B 231 -5.67 9.81 -4.58
C ARG B 231 -5.59 9.80 -4.61
N VAL B 232 -5.93 8.51 -4.62
CA VAL B 232 -5.79 7.65 -3.43
C VAL B 232 -4.90 6.46 -3.75
N PRO B 233 -4.37 5.78 -2.69
CA PRO B 233 -3.44 4.65 -2.91
C PRO B 233 -4.04 3.35 -3.42
N THR B 234 -4.64 3.37 -4.61
CA THR B 234 -5.02 2.14 -5.28
C THR B 234 -4.45 2.17 -6.69
N VAL B 235 -4.10 0.99 -7.21
CA VAL B 235 -3.43 0.91 -8.50
C VAL B 235 -4.40 1.10 -9.67
N ASN B 236 -5.70 0.95 -9.42
CA ASN B 236 -6.73 1.03 -10.45
C ASN B 236 -8.09 1.01 -9.77
N VAL B 237 -9.12 1.45 -10.52
CA VAL B 237 -10.53 1.52 -10.12
C VAL B 237 -10.78 2.78 -9.29
N SER B 238 -11.83 3.52 -9.65
CA SER B 238 -12.14 4.81 -9.05
C SER B 238 -13.63 4.88 -8.78
N LEU B 239 -14.03 5.92 -8.05
CA LEU B 239 -15.38 6.03 -7.53
C LEU B 239 -15.84 7.47 -7.62
N VAL B 240 -16.91 7.71 -8.37
CA VAL B 240 -17.51 9.05 -8.46
C VAL B 240 -18.48 9.25 -7.31
N ASP B 241 -18.37 10.42 -6.66
CA ASP B 241 -19.21 10.84 -5.56
C ASP B 241 -19.94 12.11 -6.02
N PHE B 242 -21.24 11.98 -6.28
CA PHE B 242 -22.01 13.04 -6.93
C PHE B 242 -23.10 13.52 -5.98
N THR B 243 -23.01 14.78 -5.57
CA THR B 243 -23.95 15.41 -4.66
C THR B 243 -24.76 16.43 -5.46
N VAL B 244 -26.06 16.20 -5.57
CA VAL B 244 -26.86 16.85 -6.60
C VAL B 244 -28.22 17.24 -6.02
N ARG B 245 -28.73 18.39 -6.47
CA ARG B 245 -30.06 18.87 -6.11
C ARG B 245 -30.98 18.81 -7.32
N PHE B 246 -32.18 18.24 -7.12
CA PHE B 246 -33.17 18.12 -8.19
C PHE B 246 -34.29 19.13 -8.01
N ALA B 247 -34.90 19.51 -9.14
CA ALA B 247 -36.10 20.33 -9.11
C ALA B 247 -37.32 19.50 -8.71
N LYS B 248 -37.45 18.28 -9.24
CA LYS B 248 -38.53 17.40 -8.84
C LYS B 248 -38.29 16.83 -7.44
N ASP B 249 -39.38 16.43 -6.79
CA ASP B 249 -39.29 15.68 -5.54
C ASP B 249 -39.11 14.21 -5.87
N VAL B 250 -38.19 13.55 -5.15
CA VAL B 250 -37.88 12.15 -5.38
C VAL B 250 -37.69 11.45 -4.04
N THR B 251 -37.94 10.15 -4.03
CA THR B 251 -37.42 9.25 -3.02
C THR B 251 -36.16 8.58 -3.53
N TYR B 252 -35.37 8.03 -2.61
CA TYR B 252 -34.17 7.33 -3.04
C TYR B 252 -34.50 6.06 -3.83
N ASP B 253 -35.68 5.46 -3.57
CA ASP B 253 -36.12 4.32 -4.38
C ASP B 253 -36.46 4.72 -5.83
N GLU B 254 -36.96 5.94 -6.04
CA GLU B 254 -37.22 6.40 -7.41
C GLU B 254 -35.92 6.69 -8.13
N VAL B 255 -34.94 7.23 -7.40
CA VAL B 255 -33.61 7.41 -7.98
C VAL B 255 -33.06 6.07 -8.43
N LYS B 256 -33.16 5.05 -7.58
CA LYS B 256 -32.66 3.74 -7.94
C LYS B 256 -33.40 3.16 -9.14
N ALA B 257 -34.73 3.28 -9.17
CA ALA B 257 -35.50 2.72 -10.28
C ALA B 257 -35.18 3.41 -11.60
N ALA B 258 -34.90 4.71 -11.58
CA ALA B 258 -34.53 5.38 -12.82
C ALA B 258 -33.21 4.85 -13.37
N ILE B 259 -32.23 4.62 -12.49
CA ILE B 259 -30.94 4.15 -12.97
C ILE B 259 -31.03 2.69 -13.41
N LYS B 260 -31.77 1.87 -12.66
CA LYS B 260 -31.96 0.48 -13.07
C LYS B 260 -32.63 0.40 -14.43
N GLU B 261 -33.67 1.21 -14.65
CA GLU B 261 -34.33 1.26 -15.95
C GLU B 261 -33.33 1.64 -17.05
N ALA B 262 -32.53 2.69 -16.83
CA ALA B 262 -31.54 3.07 -17.83
C ALA B 262 -30.54 1.95 -18.09
N SER B 263 -30.11 1.25 -17.03
CA SER B 263 -29.12 0.19 -17.19
C SER B 263 -29.65 -1.00 -17.95
N GLU B 264 -30.95 -1.22 -17.96
CA GLU B 264 -31.50 -2.33 -18.72
C GLU B 264 -31.94 -1.93 -20.11
N GLY B 265 -32.03 -0.64 -20.41
CA GLY B 265 -32.49 -0.18 -21.70
C GLY B 265 -31.42 0.57 -22.47
N PRO B 266 -31.56 1.89 -22.53
CA PRO B 266 -30.72 2.68 -23.44
C PRO B 266 -29.25 2.74 -23.07
N LEU B 267 -28.88 2.46 -21.82
CA LEU B 267 -27.48 2.56 -21.41
C LEU B 267 -26.90 1.20 -21.07
N LYS B 268 -27.50 0.13 -21.57
CA LYS B 268 -27.01 -1.21 -21.31
C LYS B 268 -25.59 -1.35 -21.83
N GLY B 269 -24.70 -1.87 -20.98
CA GLY B 269 -23.30 -1.98 -21.30
C GLY B 269 -22.49 -0.75 -20.95
N ILE B 270 -23.14 0.37 -20.69
CA ILE B 270 -22.47 1.62 -20.34
C ILE B 270 -22.66 1.95 -18.87
N LEU B 271 -23.91 2.01 -18.42
CA LEU B 271 -24.27 2.29 -17.05
C LEU B 271 -24.84 1.02 -16.43
N ALA B 272 -24.20 0.52 -15.37
CA ALA B 272 -24.69 -0.64 -14.65
C ALA B 272 -25.33 -0.21 -13.33
N TYR B 273 -26.08 -1.14 -12.74
CA TYR B 273 -26.79 -0.91 -11.50
C TYR B 273 -26.54 -2.09 -10.57
N THR B 274 -26.16 -1.81 -9.33
CA THR B 274 -25.97 -2.88 -8.36
C THR B 274 -26.50 -2.47 -7.00
N GLU B 275 -26.99 -3.48 -6.27
CA GLU B 275 -27.27 -3.38 -4.86
C GLU B 275 -26.32 -4.24 -4.02
N ASP B 276 -25.29 -4.82 -4.63
CA ASP B 276 -24.36 -5.66 -3.89
C ASP B 276 -23.40 -4.80 -3.06
N ASP B 277 -22.76 -5.46 -2.08
CA ASP B 277 -21.87 -4.78 -1.13
C ASP B 277 -20.45 -4.76 -1.68
N ILE B 278 -20.29 -4.15 -2.85
CA ILE B 278 -19.03 -4.31 -3.57
C ILE B 278 -17.99 -3.31 -3.06
N VAL B 279 -16.74 -3.62 -3.34
CA VAL B 279 -15.61 -2.73 -3.10
C VAL B 279 -14.82 -2.63 -4.40
N SER B 280 -13.81 -1.76 -4.40
CA SER B 280 -13.19 -1.35 -5.65
C SER B 280 -12.64 -2.54 -6.45
N THR B 281 -12.02 -3.53 -5.78
CA THR B 281 -11.48 -4.66 -6.54
C THR B 281 -12.57 -5.43 -7.27
N ASP B 282 -13.84 -5.29 -6.86
CA ASP B 282 -14.90 -6.01 -7.56
C ASP B 282 -15.18 -5.42 -8.94
N ILE B 283 -14.69 -4.21 -9.20
CA ILE B 283 -14.89 -3.54 -10.49
C ILE B 283 -13.68 -3.70 -11.41
N LEU B 284 -12.64 -4.39 -10.95
CA LEU B 284 -11.47 -4.60 -11.79
C LEU B 284 -11.83 -5.30 -13.10
N THR B 285 -11.36 -4.74 -14.21
CA THR B 285 -11.57 -5.30 -15.55
C THR B 285 -13.06 -5.36 -15.91
N ASP B 286 -13.84 -4.43 -15.37
CA ASP B 286 -15.25 -4.33 -15.69
C ASP B 286 -15.43 -3.30 -16.80
N PRO B 287 -16.04 -3.65 -17.94
CA PRO B 287 -16.04 -2.74 -19.08
C PRO B 287 -17.07 -1.62 -19.01
N HIS B 288 -17.82 -1.46 -17.92
CA HIS B 288 -18.84 -0.43 -17.93
C HIS B 288 -18.21 0.94 -17.74
N SER B 289 -18.92 1.98 -18.18
CA SER B 289 -18.48 3.35 -17.90
C SER B 289 -18.79 3.75 -16.47
N SER B 290 -19.85 3.17 -15.88
CA SER B 290 -20.47 3.69 -14.68
C SER B 290 -21.24 2.55 -14.04
N THR B 291 -20.95 2.22 -12.79
CA THR B 291 -21.69 1.19 -12.08
C THR B 291 -22.28 1.85 -10.84
N PHE B 292 -23.57 2.16 -10.90
CA PHE B 292 -24.24 2.85 -9.82
C PHE B 292 -24.34 1.94 -8.61
N ASP B 293 -23.90 2.44 -7.44
CA ASP B 293 -23.86 1.68 -6.20
C ASP B 293 -25.05 2.11 -5.33
N ALA B 294 -26.11 1.30 -5.31
CA ALA B 294 -27.34 1.73 -4.67
C ALA B 294 -27.15 1.91 -3.17
N LYS B 295 -26.48 0.95 -2.51
CA LYS B 295 -26.33 1.03 -1.06
C LYS B 295 -25.32 2.09 -0.62
N ALA B 296 -24.47 2.59 -1.52
CA ALA B 296 -23.49 3.58 -1.08
C ALA B 296 -24.04 4.99 -1.07
N GLY B 297 -25.18 5.23 -1.68
CA GLY B 297 -25.74 6.56 -1.70
C GLY B 297 -26.63 6.83 -0.52
N ILE B 298 -27.05 8.09 -0.39
CA ILE B 298 -27.93 8.50 0.69
C ILE B 298 -28.64 9.78 0.26
N ALA B 299 -29.91 9.90 0.65
CA ALA B 299 -30.69 11.09 0.39
C ALA B 299 -30.83 11.86 1.69
N LEU B 300 -30.58 13.17 1.65
CA LEU B 300 -30.87 13.99 2.83
C LEU B 300 -32.35 14.35 2.88
N ASN B 301 -32.95 14.67 1.74
CA ASN B 301 -34.35 15.06 1.65
C ASN B 301 -34.81 14.82 0.21
N LYS B 302 -36.02 15.26 -0.10
CA LYS B 302 -36.67 14.95 -1.36
C LYS B 302 -36.01 15.63 -2.56
N ASN B 303 -35.10 16.59 -2.35
CA ASN B 303 -34.42 17.23 -3.48
C ASN B 303 -32.89 17.18 -3.42
N PHE B 304 -32.28 16.64 -2.37
CA PHE B 304 -30.84 16.74 -2.19
C PHE B 304 -30.32 15.35 -1.89
N VAL B 305 -29.50 14.80 -2.80
CA VAL B 305 -29.08 13.40 -2.74
C VAL B 305 -27.58 13.29 -3.05
N LYS B 306 -26.97 12.22 -2.55
CA LYS B 306 -25.61 11.82 -2.90
C LYS B 306 -25.63 10.44 -3.53
N VAL B 307 -25.14 10.34 -4.76
CA VAL B 307 -25.08 9.07 -5.46
C VAL B 307 -23.61 8.75 -5.74
N MET B 308 -23.31 7.46 -5.84
CA MET B 308 -21.95 7.01 -6.05
C MET B 308 -21.92 5.96 -7.15
N SER B 309 -20.88 6.03 -7.98
CA SER B 309 -20.77 5.14 -9.13
C SER B 309 -19.31 4.76 -9.36
N TRP B 310 -19.08 3.46 -9.53
CA TRP B 310 -17.76 2.89 -9.71
C TRP B 310 -17.33 2.98 -11.16
N TYR B 311 -16.00 3.03 -11.39
CA TYR B 311 -15.49 2.86 -12.74
C TYR B 311 -14.05 2.38 -12.71
N ASP B 312 -13.78 1.32 -13.47
CA ASP B 312 -12.41 0.94 -13.78
C ASP B 312 -11.89 1.95 -14.79
N ASN B 313 -11.08 2.90 -14.31
CA ASN B 313 -10.65 4.02 -15.13
C ASN B 313 -9.84 3.58 -16.34
N GLU B 314 -9.18 2.41 -16.27
CA GLU B 314 -8.50 1.89 -17.45
C GLU B 314 -9.44 1.10 -18.36
N TYR B 315 -10.15 0.10 -17.82
CA TYR B 315 -10.83 -0.87 -18.66
C TYR B 315 -12.13 -0.33 -19.24
N GLY B 316 -12.90 0.40 -18.43
CA GLY B 316 -14.14 1.00 -18.90
C GLY B 316 -13.89 1.97 -20.02
N TYR B 317 -13.05 2.97 -19.74
CA TYR B 317 -12.69 3.96 -20.76
C TYR B 317 -12.17 3.29 -22.03
N SER B 318 -11.32 2.27 -21.88
CA SER B 318 -10.73 1.62 -23.05
C SER B 318 -11.77 0.92 -23.91
N ARG B 319 -12.76 0.27 -23.28
CA ARG B 319 -13.84 -0.32 -24.06
C ARG B 319 -14.65 0.76 -24.76
N ARG B 320 -14.88 1.90 -24.09
CA ARG B 320 -15.56 3.04 -24.72
C ARG B 320 -14.79 3.55 -25.94
N VAL B 321 -13.45 3.53 -25.90
CA VAL B 321 -12.67 3.92 -27.06
C VAL B 321 -13.00 3.00 -28.23
N VAL B 322 -13.04 1.69 -27.97
CA VAL B 322 -13.40 0.75 -29.02
C VAL B 322 -14.82 1.02 -29.53
N ASP B 323 -15.78 1.22 -28.60
CA ASP B 323 -17.15 1.49 -29.00
C ASP B 323 -17.26 2.73 -29.86
N LEU B 324 -16.51 3.79 -29.50
CA LEU B 324 -16.61 5.05 -30.23
C LEU B 324 -16.10 4.90 -31.66
N ILE B 325 -14.94 4.25 -31.81
CA ILE B 325 -14.42 3.97 -33.14
C ILE B 325 -15.46 3.22 -33.96
N VAL B 326 -16.05 2.18 -33.38
CA VAL B 326 -17.09 1.41 -34.08
C VAL B 326 -18.22 2.34 -34.52
N PHE B 327 -18.75 3.15 -33.60
CA PHE B 327 -19.83 4.06 -33.93
C PHE B 327 -19.42 5.03 -35.04
N VAL B 328 -18.24 5.62 -34.92
CA VAL B 328 -17.83 6.65 -35.87
C VAL B 328 -17.62 6.04 -37.25
N SER B 329 -17.04 4.84 -37.32
CA SER B 329 -16.86 4.20 -38.61
C SER B 329 -18.20 3.88 -39.26
N LYS B 330 -19.20 3.49 -38.45
CA LYS B 330 -20.53 3.27 -39.01
C LYS B 330 -21.10 4.57 -39.58
N LYS B 331 -20.94 5.67 -38.84
CA LYS B 331 -21.44 6.96 -39.32
C LYS B 331 -20.70 7.38 -40.59
N ASP B 332 -19.38 7.21 -40.62
CA ASP B 332 -18.61 7.58 -41.79
C ASP B 332 -19.09 6.87 -43.05
N ALA B 333 -19.73 5.71 -42.91
CA ALA B 333 -20.21 4.92 -44.03
C ALA B 333 -21.72 4.98 -44.23
N GLY B 334 -22.43 5.78 -43.42
CA GLY B 334 -23.88 5.86 -43.51
C GLY B 334 -24.59 5.74 -42.16
N VAL C 1 -15.15 -39.62 -6.93
CA VAL C 1 -14.18 -38.68 -6.36
C VAL C 1 -14.48 -38.47 -4.89
N PRO C 2 -13.45 -38.11 -4.11
CA PRO C 2 -13.65 -37.95 -2.67
C PRO C 2 -14.67 -36.86 -2.36
N LYS C 3 -15.47 -37.10 -1.33
CA LYS C 3 -16.42 -36.13 -0.82
C LYS C 3 -15.80 -35.40 0.37
N VAL C 4 -15.81 -34.06 0.31
CA VAL C 4 -14.97 -33.22 1.14
C VAL C 4 -15.82 -32.27 1.97
N GLY C 5 -15.42 -32.08 3.22
CA GLY C 5 -15.91 -31.00 4.05
C GLY C 5 -14.79 -30.03 4.34
N ILE C 6 -15.14 -28.75 4.45
CA ILE C 6 -14.19 -27.71 4.78
C ILE C 6 -14.62 -27.05 6.07
N ASN C 7 -13.74 -27.06 7.08
CA ASN C 7 -13.97 -26.35 8.33
C ASN C 7 -13.12 -25.09 8.32
N GLY C 8 -13.76 -23.93 8.44
CA GLY C 8 -13.08 -22.66 8.32
C GLY C 8 -13.13 -22.14 6.89
N PHE C 9 -14.13 -21.32 6.58
CA PHE C 9 -14.35 -20.84 5.21
C PHE C 9 -13.59 -19.53 4.97
N GLY C 10 -12.30 -19.54 5.22
CA GLY C 10 -11.46 -18.35 5.12
C GLY C 10 -10.68 -18.32 3.81
N ARG C 11 -9.51 -17.68 3.85
CA ARG C 11 -8.68 -17.60 2.66
C ARG C 11 -8.44 -18.99 2.08
N ILE C 12 -7.90 -19.90 2.89
CA ILE C 12 -7.61 -21.24 2.38
C ILE C 12 -8.90 -22.01 2.11
N GLY C 13 -9.86 -21.96 3.04
CA GLY C 13 -11.12 -22.68 2.82
C GLY C 13 -11.81 -22.27 1.53
N ARG C 14 -11.96 -20.97 1.30
CA ARG C 14 -12.65 -20.56 0.09
C ARG C 14 -11.81 -20.86 -1.15
N VAL C 15 -10.49 -20.73 -1.06
CA VAL C 15 -9.66 -20.99 -2.25
C VAL C 15 -9.52 -22.49 -2.51
N VAL C 16 -9.58 -23.33 -1.48
CA VAL C 16 -9.65 -24.78 -1.71
C VAL C 16 -10.93 -25.11 -2.48
N LEU C 17 -12.05 -24.50 -2.11
CA LEU C 17 -13.30 -24.76 -2.83
C LEU C 17 -13.24 -24.26 -4.26
N ARG C 18 -12.61 -23.10 -4.50
CA ARG C 18 -12.36 -22.69 -5.89
C ARG C 18 -11.60 -23.76 -6.66
N ASN C 19 -10.56 -24.34 -6.04
CA ASN C 19 -9.76 -25.34 -6.73
C ASN C 19 -10.52 -26.65 -6.92
N ALA C 20 -11.41 -26.98 -5.98
CA ALA C 20 -12.24 -28.17 -6.15
C ALA C 20 -13.17 -28.02 -7.34
N LEU C 21 -13.85 -26.87 -7.43
CA LEU C 21 -14.77 -26.60 -8.53
C LEU C 21 -14.03 -26.50 -9.86
N GLU C 22 -12.86 -25.85 -9.85
CA GLU C 22 -12.06 -25.69 -11.06
C GLU C 22 -11.66 -27.04 -11.66
N THR C 23 -11.14 -27.94 -10.83
CA THR C 23 -10.60 -29.20 -11.30
C THR C 23 -11.62 -30.34 -11.32
N GLY C 24 -12.67 -30.26 -10.52
CA GLY C 24 -13.54 -31.41 -10.34
C GLY C 24 -12.91 -32.58 -9.63
N ALA C 25 -11.71 -32.41 -9.06
CA ALA C 25 -10.98 -33.54 -8.49
C ALA C 25 -11.60 -34.03 -7.18
N VAL C 26 -12.33 -33.18 -6.47
CA VAL C 26 -13.05 -33.58 -5.26
C VAL C 26 -14.40 -32.87 -5.27
N GLU C 27 -15.34 -33.41 -4.50
CA GLU C 27 -16.69 -32.88 -4.40
C GLU C 27 -16.89 -32.33 -2.99
N VAL C 28 -16.90 -31.00 -2.88
CA VAL C 28 -17.12 -30.37 -1.58
C VAL C 28 -18.62 -30.40 -1.28
N VAL C 29 -19.01 -31.13 -0.25
CA VAL C 29 -20.42 -31.33 0.07
C VAL C 29 -20.86 -30.63 1.35
N ALA C 30 -19.95 -30.06 2.11
CA ALA C 30 -20.35 -29.47 3.39
C ALA C 30 -19.32 -28.44 3.81
N LEU C 31 -19.80 -27.41 4.50
CA LEU C 31 -18.98 -26.27 4.91
C LEU C 31 -19.36 -25.91 6.35
N ASN C 32 -18.37 -25.49 7.15
CA ASN C 32 -18.65 -25.02 8.49
C ASN C 32 -17.85 -23.77 8.83
N ASP C 33 -18.53 -22.77 9.39
CA ASP C 33 -17.84 -21.56 9.83
C ASP C 33 -18.78 -20.74 10.70
N PRO C 34 -18.58 -20.71 12.02
CA PRO C 34 -19.57 -20.08 12.89
C PRO C 34 -19.65 -18.58 12.74
N PHE C 35 -18.64 -17.92 12.17
CA PHE C 35 -18.65 -16.47 12.03
C PHE C 35 -19.21 -16.00 10.70
N ILE C 36 -19.78 -16.90 9.89
CA ILE C 36 -20.29 -16.57 8.57
C ILE C 36 -21.63 -17.27 8.38
N GLU C 37 -22.70 -16.50 8.17
CA GLU C 37 -24.00 -17.08 7.86
C GLU C 37 -24.11 -17.38 6.37
N PRO C 38 -24.99 -18.31 5.98
CA PRO C 38 -25.05 -18.75 4.57
C PRO C 38 -25.13 -17.62 3.53
N HIS C 39 -25.96 -16.61 3.74
CA HIS C 39 -26.03 -15.51 2.78
C HIS C 39 -24.70 -14.75 2.71
N TYR C 40 -24.06 -14.57 3.85
CA TYR C 40 -22.76 -13.92 3.87
C TYR C 40 -21.72 -14.77 3.15
N ALA C 41 -21.78 -16.09 3.35
CA ALA C 41 -20.87 -16.99 2.65
C ALA C 41 -20.97 -16.80 1.15
N GLU C 42 -22.19 -16.64 0.63
CA GLU C 42 -22.37 -16.39 -0.80
C GLU C 42 -21.61 -15.14 -1.22
N TYR C 43 -21.74 -14.06 -0.45
CA TYR C 43 -21.00 -12.84 -0.75
C TYR C 43 -19.49 -13.07 -0.73
N MET C 44 -18.98 -13.69 0.34
CA MET C 44 -17.53 -13.86 0.46
C MET C 44 -16.95 -14.77 -0.63
N PHE C 45 -17.74 -15.73 -1.12
CA PHE C 45 -17.23 -16.60 -2.18
C PHE C 45 -17.33 -15.95 -3.55
N LYS C 46 -18.34 -15.10 -3.74
CA LYS C 46 -18.61 -14.53 -5.06
C LYS C 46 -17.59 -13.45 -5.41
N TYR C 47 -17.18 -12.66 -4.41
CA TYR C 47 -16.32 -11.50 -4.59
C TYR C 47 -15.03 -11.70 -3.82
N ASP C 48 -13.89 -11.59 -4.50
CA ASP C 48 -12.59 -11.88 -3.90
C ASP C 48 -11.61 -10.79 -4.31
N SER C 49 -11.01 -10.13 -3.30
CA SER C 49 -10.10 -9.02 -3.58
C SER C 49 -8.83 -9.47 -4.26
N THR C 50 -8.47 -10.74 -4.14
CA THR C 50 -7.19 -11.26 -4.62
C THR C 50 -7.30 -12.01 -5.94
N HIS C 51 -8.31 -12.88 -6.09
CA HIS C 51 -8.38 -13.74 -7.25
C HIS C 51 -9.53 -13.39 -8.19
N GLY C 52 -10.21 -12.27 -7.97
CA GLY C 52 -11.28 -11.85 -8.84
C GLY C 52 -12.61 -12.56 -8.57
N ARG C 53 -13.63 -12.11 -9.27
CA ARG C 53 -14.99 -12.60 -9.05
C ARG C 53 -15.08 -14.09 -9.39
N PHE C 54 -15.93 -14.80 -8.67
CA PHE C 54 -16.20 -16.20 -9.01
C PHE C 54 -16.97 -16.25 -10.33
N LYS C 55 -16.56 -17.15 -11.22
CA LYS C 55 -17.09 -17.16 -12.58
C LYS C 55 -18.30 -18.09 -12.77
N GLY C 56 -18.69 -18.86 -11.76
CA GLY C 56 -19.84 -19.74 -11.87
C GLY C 56 -21.09 -19.18 -11.23
N ASP C 57 -22.05 -20.06 -10.98
CA ASP C 57 -23.32 -19.70 -10.37
C ASP C 57 -23.33 -20.08 -8.90
N ILE C 58 -23.86 -19.19 -8.06
CA ILE C 58 -23.99 -19.46 -6.64
C ILE C 58 -25.25 -18.77 -6.13
N LYS C 59 -25.98 -19.46 -5.26
CA LYS C 59 -27.17 -18.91 -4.62
C LYS C 59 -27.33 -19.59 -3.27
N VAL C 60 -28.13 -18.98 -2.41
CA VAL C 60 -28.52 -19.56 -1.14
C VAL C 60 -29.86 -20.24 -1.33
N ASP C 61 -30.05 -21.39 -0.67
CA ASP C 61 -31.33 -22.08 -0.66
C ASP C 61 -31.53 -22.72 0.70
N GLY C 62 -32.53 -22.25 1.44
CA GLY C 62 -32.67 -22.67 2.81
C GLY C 62 -31.51 -22.14 3.63
N LYS C 63 -30.84 -23.03 4.35
CA LYS C 63 -29.60 -22.66 5.03
C LYS C 63 -28.38 -23.16 4.28
N ASP C 64 -28.53 -23.61 3.03
CA ASP C 64 -27.47 -24.20 2.25
C ASP C 64 -27.02 -23.26 1.13
N LEU C 65 -25.88 -23.60 0.53
CA LEU C 65 -25.39 -23.00 -0.69
C LEU C 65 -25.66 -23.93 -1.87
N VAL C 66 -25.93 -23.35 -3.03
CA VAL C 66 -25.97 -24.09 -4.28
C VAL C 66 -24.97 -23.44 -5.22
N ILE C 67 -23.99 -24.21 -5.68
CA ILE C 67 -22.93 -23.71 -6.54
C ILE C 67 -22.91 -24.57 -7.78
N ASP C 68 -23.14 -23.96 -8.94
CA ASP C 68 -23.27 -24.66 -10.22
C ASP C 68 -24.17 -25.88 -10.09
N GLY C 69 -25.37 -25.67 -9.53
CA GLY C 69 -26.36 -26.73 -9.41
C GLY C 69 -26.21 -27.66 -8.21
N LYS C 70 -25.03 -27.73 -7.59
CA LYS C 70 -24.78 -28.70 -6.52
C LYS C 70 -24.99 -28.07 -5.14
N ARG C 71 -25.73 -28.77 -4.29
CA ARG C 71 -25.98 -28.31 -2.93
C ARG C 71 -24.78 -28.57 -2.01
N ILE C 72 -24.45 -27.58 -1.20
CA ILE C 72 -23.39 -27.69 -0.19
C ILE C 72 -24.02 -27.34 1.15
N LYS C 73 -23.96 -28.27 2.09
CA LYS C 73 -24.47 -27.99 3.43
C LYS C 73 -23.58 -26.95 4.11
N PHE C 74 -24.21 -26.03 4.83
CA PHE C 74 -23.46 -24.98 5.52
C PHE C 74 -23.84 -25.00 7.00
N TYR C 75 -22.86 -25.25 7.87
CA TYR C 75 -23.08 -25.25 9.32
C TYR C 75 -22.33 -24.09 9.97
N GLN C 76 -22.68 -23.81 11.24
CA GLN C 76 -22.10 -22.73 12.01
C GLN C 76 -21.77 -23.17 13.44
N GLU C 77 -21.01 -24.25 13.57
CA GLU C 77 -20.62 -24.78 14.88
C GLU C 77 -19.25 -24.25 15.28
N ARG C 78 -19.15 -23.71 16.50
CA ARG C 78 -17.82 -23.37 16.98
C ARG C 78 -17.03 -24.61 17.37
N ASP C 79 -17.71 -25.69 17.76
CA ASP C 79 -17.05 -26.91 18.21
C ASP C 79 -17.04 -27.90 17.05
N PRO C 80 -15.88 -28.25 16.49
CA PRO C 80 -15.88 -29.19 15.36
C PRO C 80 -16.51 -30.55 15.70
N ALA C 81 -16.59 -30.90 16.98
CA ALA C 81 -17.22 -32.16 17.37
C ALA C 81 -18.71 -32.19 17.06
N ASN C 82 -19.35 -31.03 16.95
CA ASN C 82 -20.77 -30.93 16.69
C ASN C 82 -21.12 -30.84 15.20
N ILE C 83 -20.14 -30.88 14.31
CA ILE C 83 -20.45 -30.78 12.88
C ILE C 83 -20.90 -32.15 12.37
N PRO C 84 -22.11 -32.29 11.81
CA PRO C 84 -22.56 -33.63 11.35
C PRO C 84 -22.12 -33.94 9.93
N TRP C 85 -20.82 -34.19 9.76
CA TRP C 85 -20.27 -34.45 8.42
C TRP C 85 -20.99 -35.59 7.72
N LYS C 86 -21.47 -36.60 8.46
CA LYS C 86 -22.03 -37.77 7.80
C LYS C 86 -23.34 -37.47 7.07
N ASP C 87 -24.07 -36.42 7.45
CA ASP C 87 -25.35 -36.12 6.81
C ASP C 87 -25.18 -35.82 5.32
N SER C 88 -24.08 -35.19 4.93
CA SER C 88 -23.78 -34.93 3.53
C SER C 88 -22.82 -35.97 2.93
N GLY C 89 -22.34 -36.91 3.72
CA GLY C 89 -21.35 -37.83 3.22
C GLY C 89 -19.93 -37.29 3.20
N ALA C 90 -19.70 -36.13 3.82
CA ALA C 90 -18.36 -35.55 3.89
C ALA C 90 -17.41 -36.52 4.59
N GLU C 91 -16.40 -37.00 3.86
CA GLU C 91 -15.47 -37.98 4.42
C GLU C 91 -14.09 -37.41 4.69
N TYR C 92 -13.56 -36.57 3.81
CA TYR C 92 -12.25 -35.96 3.96
C TYR C 92 -12.46 -34.50 4.36
N ILE C 93 -12.04 -34.16 5.58
CA ILE C 93 -12.26 -32.82 6.13
C ILE C 93 -10.99 -32.01 5.95
N VAL C 94 -11.12 -30.86 5.29
CA VAL C 94 -10.06 -29.84 5.29
C VAL C 94 -10.22 -29.03 6.56
N GLU C 95 -9.22 -29.09 7.45
CA GLU C 95 -9.25 -28.36 8.71
C GLU C 95 -8.44 -27.09 8.47
N SER C 96 -9.14 -26.01 8.09
CA SER C 96 -8.50 -24.76 7.72
C SER C 96 -8.97 -23.60 8.59
N THR C 97 -9.21 -23.85 9.88
CA THR C 97 -9.58 -22.76 10.78
C THR C 97 -8.36 -22.02 11.29
N GLY C 98 -7.20 -22.67 11.34
CA GLY C 98 -6.06 -22.14 12.04
C GLY C 98 -6.06 -22.34 13.55
N VAL C 99 -7.14 -22.89 14.13
CA VAL C 99 -7.21 -23.09 15.58
C VAL C 99 -7.26 -24.55 16.00
N PHE C 100 -7.29 -25.51 15.08
CA PHE C 100 -7.33 -26.93 15.46
C PHE C 100 -6.21 -27.71 14.77
N THR C 101 -4.97 -27.29 14.98
CA THR C 101 -3.85 -27.83 14.21
C THR C 101 -3.13 -28.99 14.90
N THR C 102 -3.49 -29.34 16.14
CA THR C 102 -2.97 -30.55 16.77
C THR C 102 -3.86 -31.73 16.43
N THR C 103 -3.28 -32.94 16.48
CA THR C 103 -4.04 -34.16 16.20
C THR C 103 -5.27 -34.27 17.10
N GLU C 104 -5.09 -33.99 18.40
CA GLU C 104 -6.19 -34.06 19.36
C GLU C 104 -7.34 -33.15 18.95
N LYS C 105 -7.04 -31.89 18.67
CA LYS C 105 -8.11 -30.94 18.34
C LYS C 105 -8.77 -31.30 17.02
N ALA C 106 -7.96 -31.65 16.01
CA ALA C 106 -8.49 -32.00 14.70
C ALA C 106 -9.30 -33.28 14.74
N SER C 107 -9.03 -34.18 15.69
CA SER C 107 -9.69 -35.48 15.71
C SER C 107 -11.16 -35.37 16.09
N ALA C 108 -11.59 -34.21 16.58
CA ALA C 108 -13.01 -33.99 16.88
C ALA C 108 -13.90 -34.22 15.67
N HIS C 109 -13.38 -34.07 14.45
CA HIS C 109 -14.21 -34.26 13.27
C HIS C 109 -14.69 -35.70 13.09
N PHE C 110 -14.04 -36.66 13.76
CA PHE C 110 -14.49 -38.04 13.71
C PHE C 110 -15.82 -38.25 14.44
N LYS C 111 -16.15 -37.37 15.39
CA LYS C 111 -17.41 -37.50 16.11
C LYS C 111 -18.61 -37.32 15.18
N GLY C 112 -18.53 -36.38 14.23
CA GLY C 112 -19.55 -36.21 13.24
C GLY C 112 -19.45 -37.13 12.05
N GLY C 113 -18.51 -38.06 12.08
CA GLY C 113 -18.42 -39.09 11.07
C GLY C 113 -17.37 -38.87 10.00
N ALA C 114 -16.43 -37.95 10.18
CA ALA C 114 -15.37 -37.81 9.19
C ALA C 114 -14.53 -39.08 9.14
N LYS C 115 -13.86 -39.29 8.01
CA LYS C 115 -12.96 -40.41 7.83
C LYS C 115 -11.49 -40.00 7.91
N LYS C 116 -11.11 -38.93 7.22
CA LYS C 116 -9.76 -38.37 7.34
C LYS C 116 -9.87 -36.87 7.60
N VAL C 117 -8.84 -36.33 8.26
CA VAL C 117 -8.70 -34.89 8.45
C VAL C 117 -7.38 -34.45 7.84
N ILE C 118 -7.43 -33.40 7.01
CA ILE C 118 -6.22 -32.77 6.47
C ILE C 118 -6.11 -31.38 7.09
N ILE C 119 -5.13 -31.20 7.98
CA ILE C 119 -4.87 -29.90 8.59
C ILE C 119 -4.15 -29.03 7.57
N SER C 120 -4.73 -27.87 7.26
CA SER C 120 -4.16 -26.99 6.23
C SER C 120 -3.03 -26.13 6.79
N ALA C 121 -2.08 -26.75 7.47
CA ALA C 121 -1.05 -26.01 8.19
C ALA C 121 -0.09 -27.02 8.79
N PRO C 122 1.14 -26.63 9.15
CA PRO C 122 1.97 -27.55 9.93
C PRO C 122 1.26 -27.92 11.23
N SER C 123 1.61 -29.07 11.76
CA SER C 123 1.04 -29.56 13.02
C SER C 123 2.17 -29.95 13.96
N ALA C 124 1.94 -29.75 15.27
CA ALA C 124 2.94 -30.18 16.24
C ALA C 124 3.16 -31.69 16.19
N ASP C 125 2.14 -32.46 15.83
CA ASP C 125 2.21 -33.91 15.96
C ASP C 125 1.61 -34.70 14.81
N ALA C 126 0.86 -34.10 13.90
CA ALA C 126 0.36 -34.92 12.79
C ALA C 126 1.44 -35.02 11.70
N PRO C 127 1.59 -36.19 11.07
CA PRO C 127 2.58 -36.31 10.00
C PRO C 127 2.26 -35.33 8.88
N MET C 128 3.31 -34.71 8.34
CA MET C 128 3.18 -33.72 7.29
C MET C 128 3.64 -34.30 5.96
N TYR C 129 2.95 -33.89 4.89
CA TYR C 129 3.21 -34.36 3.55
C TYR C 129 3.30 -33.19 2.58
N VAL C 130 4.20 -33.31 1.60
CA VAL C 130 4.35 -32.34 0.53
C VAL C 130 4.30 -33.11 -0.78
N MET C 131 3.24 -32.86 -1.56
CA MET C 131 3.07 -33.56 -2.83
C MET C 131 4.29 -33.39 -3.70
N GLY C 132 4.77 -34.49 -4.29
CA GLY C 132 5.99 -34.48 -5.05
C GLY C 132 7.26 -34.72 -4.26
N VAL C 133 7.18 -34.75 -2.93
CA VAL C 133 8.35 -34.86 -2.07
C VAL C 133 8.29 -36.10 -1.18
N ASN C 134 7.15 -36.34 -0.52
CA ASN C 134 7.12 -37.49 0.38
C ASN C 134 5.74 -38.13 0.51
N GLU C 135 4.82 -37.90 -0.44
CA GLU C 135 3.49 -38.48 -0.28
C GLU C 135 3.55 -40.01 -0.17
N ASP C 136 4.54 -40.64 -0.81
CA ASP C 136 4.63 -42.09 -0.78
C ASP C 136 4.92 -42.65 0.61
N THR C 137 5.38 -41.83 1.56
CA THR C 137 5.52 -42.28 2.93
C THR C 137 4.19 -42.36 3.66
N TYR C 138 3.09 -41.92 3.05
CA TYR C 138 1.80 -42.01 3.71
C TYR C 138 1.51 -43.46 4.08
N ALA C 139 1.03 -43.67 5.30
CA ALA C 139 0.86 -45.01 5.82
C ALA C 139 -0.49 -45.19 6.53
N GLY C 140 -1.49 -44.40 6.14
CA GLY C 140 -2.85 -44.61 6.57
C GLY C 140 -3.32 -43.82 7.76
N ALA C 141 -2.52 -42.88 8.27
CA ALA C 141 -2.91 -42.11 9.45
C ALA C 141 -4.23 -41.37 9.19
N ASN C 142 -5.00 -41.17 10.28
CA ASN C 142 -6.34 -40.59 10.15
C ASN C 142 -6.30 -39.07 10.08
N VAL C 143 -5.36 -38.45 10.78
CA VAL C 143 -5.18 -37.01 10.83
C VAL C 143 -3.80 -36.71 10.26
N ILE C 144 -3.76 -35.90 9.20
CA ILE C 144 -2.52 -35.57 8.51
C ILE C 144 -2.49 -34.08 8.28
N SER C 145 -1.31 -33.60 7.87
CA SER C 145 -1.05 -32.19 7.64
C SER C 145 -0.49 -32.03 6.24
N ASN C 146 -0.81 -30.92 5.60
CA ASN C 146 -0.26 -30.58 4.29
C ASN C 146 0.91 -29.59 4.40
N ALA C 147 1.50 -29.46 5.60
CA ALA C 147 2.58 -28.52 5.89
C ALA C 147 2.14 -27.07 5.65
N SER C 148 3.08 -26.17 5.37
CA SER C 148 2.73 -24.79 5.10
C SER C 148 2.91 -24.49 3.62
N CYS C 149 2.44 -23.30 3.23
CA CYS C 149 2.73 -22.80 1.88
C CYS C 149 4.24 -22.71 1.64
N THR C 150 4.99 -22.25 2.64
CA THR C 150 6.42 -22.05 2.45
C THR C 150 7.16 -23.37 2.29
N THR C 151 6.77 -24.39 3.07
CA THR C 151 7.42 -25.68 2.92
C THR C 151 7.12 -26.29 1.55
N ASN C 152 5.89 -26.14 1.06
CA ASN C 152 5.53 -26.65 -0.26
C ASN C 152 6.29 -25.95 -1.37
N CYS C 153 6.76 -24.72 -1.12
CA CYS C 153 7.60 -24.06 -2.11
C CYS C 153 9.03 -24.56 -2.04
N LEU C 154 9.58 -24.67 -0.83
CA LEU C 154 11.00 -24.93 -0.69
C LEU C 154 11.34 -26.40 -0.93
N ALA C 155 10.50 -27.31 -0.45
CA ALA C 155 10.86 -28.72 -0.41
C ALA C 155 11.02 -29.35 -1.80
N PRO C 156 10.13 -29.11 -2.77
CA PRO C 156 10.40 -29.62 -4.13
C PRO C 156 11.69 -29.07 -4.72
N LEU C 157 11.95 -27.78 -4.50
CA LEU C 157 13.19 -27.17 -4.93
C LEU C 157 14.39 -27.82 -4.24
N ALA C 158 14.32 -27.96 -2.91
CA ALA C 158 15.43 -28.53 -2.15
C ALA C 158 15.66 -29.99 -2.51
N LYS C 159 14.57 -30.76 -2.65
CA LYS C 159 14.72 -32.16 -3.03
C LYS C 159 15.44 -32.29 -4.37
N THR C 160 15.07 -31.45 -5.34
CA THR C 160 15.70 -31.52 -6.64
C THR C 160 17.17 -31.16 -6.58
N LEU C 161 17.51 -30.10 -5.84
CA LEU C 161 18.91 -29.69 -5.75
C LEU C 161 19.73 -30.72 -4.98
N ASN C 162 19.18 -31.26 -3.90
CA ASN C 162 19.90 -32.26 -3.13
C ASN C 162 20.17 -33.50 -3.97
N ASP C 163 19.13 -34.03 -4.63
CA ASP C 163 19.27 -35.23 -5.45
C ASP C 163 20.38 -35.09 -6.48
N LYS C 164 20.48 -33.92 -7.11
CA LYS C 164 21.44 -33.74 -8.19
C LYS C 164 22.82 -33.37 -7.65
N PHE C 165 22.89 -32.53 -6.63
CA PHE C 165 24.15 -31.90 -6.24
C PHE C 165 24.58 -32.15 -4.81
N THR C 166 23.70 -32.69 -3.95
CA THR C 166 23.94 -32.90 -2.52
C THR C 166 24.07 -31.59 -1.75
N ILE C 167 22.99 -31.19 -1.07
CA ILE C 167 23.02 -30.00 -0.22
C ILE C 167 23.84 -30.29 1.03
N VAL C 168 24.83 -29.44 1.30
CA VAL C 168 25.58 -29.52 2.55
C VAL C 168 24.84 -28.78 3.66
N GLU C 169 24.43 -27.55 3.36
CA GLU C 169 23.77 -26.69 4.33
C GLU C 169 23.06 -25.61 3.53
N GLY C 170 21.95 -25.14 4.09
CA GLY C 170 21.17 -24.12 3.40
C GLY C 170 20.34 -23.31 4.37
N LEU C 171 20.17 -22.03 4.02
CA LEU C 171 19.40 -21.11 4.85
C LEU C 171 18.43 -20.38 3.94
N MET C 172 17.20 -20.21 4.42
CA MET C 172 16.07 -19.72 3.64
C MET C 172 15.53 -18.45 4.28
N THR C 173 15.17 -17.48 3.45
CA THR C 173 14.27 -16.41 3.83
C THR C 173 13.03 -16.48 2.96
N ALA C 174 11.85 -16.51 3.58
CA ALA C 174 10.59 -16.43 2.86
C ALA C 174 10.10 -14.99 2.94
N ILE C 175 10.14 -14.29 1.81
CA ILE C 175 9.60 -12.95 1.69
C ILE C 175 8.13 -13.13 1.38
N HIS C 176 7.27 -12.92 2.38
CA HIS C 176 5.92 -13.49 2.37
C HIS C 176 4.85 -12.40 2.47
N ALA C 177 3.82 -12.52 1.63
CA ALA C 177 2.66 -11.61 1.71
C ALA C 177 2.06 -11.62 3.12
N TYR C 178 1.40 -10.53 3.48
CA TYR C 178 0.74 -10.54 4.77
C TYR C 178 -0.50 -11.43 4.70
N THR C 179 -0.96 -11.86 5.89
CA THR C 179 -2.08 -12.79 5.97
C THR C 179 -3.14 -12.34 6.98
N ALA C 180 -4.14 -13.21 7.21
CA ALA C 180 -5.27 -12.85 8.06
C ALA C 180 -4.86 -12.73 9.53
N SER C 181 -3.79 -13.39 9.96
CA SER C 181 -3.39 -13.26 11.36
C SER C 181 -2.72 -11.93 11.64
N GLN C 182 -2.43 -11.13 10.63
CA GLN C 182 -1.79 -9.83 10.82
C GLN C 182 -2.85 -8.75 10.99
N LYS C 183 -2.41 -7.50 11.20
CA LYS C 183 -3.30 -6.42 11.61
C LYS C 183 -3.20 -5.21 10.68
N THR C 184 -4.33 -4.54 10.43
CA THR C 184 -4.32 -3.32 9.63
C THR C 184 -3.48 -2.22 10.28
N VAL C 185 -3.67 -1.99 11.58
CA VAL C 185 -2.94 -0.98 12.35
C VAL C 185 -2.33 -1.66 13.57
N ASP C 186 -1.33 -1.00 14.19
CA ASP C 186 -0.60 -1.60 15.31
C ASP C 186 -1.58 -2.08 16.37
N GLY C 187 -1.56 -3.37 16.65
CA GLY C 187 -2.41 -3.96 17.64
C GLY C 187 -1.84 -5.25 18.19
N PRO C 188 -2.56 -5.85 19.15
CA PRO C 188 -2.04 -7.04 19.85
C PRO C 188 -2.01 -8.26 18.93
N SER C 189 -0.88 -8.97 18.96
CA SER C 189 -0.72 -10.20 18.19
C SER C 189 -0.56 -11.37 19.15
N SER C 190 -1.14 -12.52 18.77
CA SER C 190 -1.02 -13.72 19.59
C SER C 190 0.23 -14.53 19.26
N LYS C 191 0.71 -14.48 18.02
CA LYS C 191 1.89 -15.24 17.63
C LYS C 191 3.18 -14.60 18.15
N ASP C 192 3.45 -13.35 17.78
CA ASP C 192 4.65 -12.67 18.26
C ASP C 192 4.46 -11.16 18.23
N TRP C 193 5.35 -10.45 18.93
CA TRP C 193 5.20 -9.01 19.10
C TRP C 193 5.22 -8.27 17.76
N ARG C 194 6.14 -8.62 16.86
CA ARG C 194 6.21 -7.90 15.58
C ARG C 194 4.99 -8.16 14.73
N GLY C 195 4.35 -9.32 14.90
CA GLY C 195 3.24 -9.73 14.05
C GLY C 195 2.04 -8.81 14.11
N GLY C 196 1.94 -7.97 15.14
CA GLY C 196 0.81 -7.09 15.26
C GLY C 196 0.99 -5.72 14.67
N ARG C 197 2.15 -5.42 14.09
CA ARG C 197 2.40 -4.07 13.59
C ARG C 197 1.79 -3.92 12.19
N ALA C 198 1.43 -2.67 11.86
CA ALA C 198 0.66 -2.36 10.65
C ALA C 198 1.15 -3.13 9.43
N ALA C 199 0.33 -4.04 8.91
CA ALA C 199 0.78 -5.03 7.95
C ALA C 199 1.19 -4.41 6.61
N ALA C 200 0.46 -3.39 6.14
CA ALA C 200 0.70 -2.83 4.82
C ALA C 200 1.70 -1.69 4.85
N GLN C 201 2.28 -1.40 6.01
CA GLN C 201 3.23 -0.32 6.15
C GLN C 201 4.62 -0.81 6.58
N ASN C 202 4.79 -2.12 6.82
CA ASN C 202 6.00 -2.63 7.45
C ASN C 202 6.58 -3.84 6.74
N LEU C 203 7.92 -3.90 6.70
CA LEU C 203 8.65 -5.16 6.64
C LEU C 203 8.72 -5.74 8.05
N ILE C 204 8.35 -7.00 8.23
CA ILE C 204 8.17 -7.57 9.56
C ILE C 204 8.86 -8.94 9.69
N PRO C 205 10.05 -9.02 10.26
CA PRO C 205 10.67 -10.33 10.45
C PRO C 205 9.79 -11.24 11.31
N SER C 206 9.83 -12.52 11.00
CA SER C 206 8.97 -13.51 11.64
C SER C 206 9.70 -14.85 11.62
N SER C 207 9.79 -15.51 12.77
CA SER C 207 10.45 -16.81 12.80
C SER C 207 9.51 -17.89 12.27
N THR C 208 10.10 -18.96 11.71
CA THR C 208 9.30 -20.00 11.09
C THR C 208 10.03 -21.34 11.13
N GLY C 209 9.30 -22.41 11.41
CA GLY C 209 9.87 -23.74 11.28
C GLY C 209 9.76 -24.33 9.90
N ALA C 210 9.13 -23.60 8.97
CA ALA C 210 8.80 -24.17 7.67
C ALA C 210 10.03 -24.58 6.88
N ALA C 211 11.17 -23.92 7.10
CA ALA C 211 12.38 -24.38 6.42
C ALA C 211 12.94 -25.61 7.13
N LYS C 212 12.88 -25.60 8.47
CA LYS C 212 13.24 -26.80 9.24
C LYS C 212 12.35 -27.97 8.86
N ALA C 213 11.04 -27.71 8.66
CA ALA C 213 10.11 -28.76 8.27
C ALA C 213 10.49 -29.41 6.94
N VAL C 214 11.25 -28.70 6.10
CA VAL C 214 11.86 -29.35 4.93
C VAL C 214 12.65 -30.57 5.39
N GLY C 215 13.29 -30.47 6.56
CA GLY C 215 14.06 -31.57 7.10
C GLY C 215 13.23 -32.74 7.59
N LYS C 216 11.92 -32.54 7.75
CA LYS C 216 11.03 -33.63 8.15
C LYS C 216 10.37 -34.32 6.95
N VAL C 217 10.03 -33.59 5.88
CA VAL C 217 9.57 -34.26 4.67
C VAL C 217 10.73 -34.74 3.79
N ILE C 218 11.93 -34.25 4.02
CA ILE C 218 13.16 -34.75 3.38
C ILE C 218 14.12 -35.11 4.52
N PRO C 219 14.01 -36.30 5.11
CA PRO C 219 14.86 -36.62 6.27
C PRO C 219 16.35 -36.45 6.02
N GLU C 220 16.82 -36.70 4.79
CA GLU C 220 18.24 -36.51 4.46
C GLU C 220 18.73 -35.10 4.74
N LEU C 221 17.83 -34.12 4.86
CA LEU C 221 18.22 -32.74 5.09
C LEU C 221 17.95 -32.27 6.51
N ALA C 222 17.58 -33.18 7.42
CA ALA C 222 17.35 -32.79 8.80
C ALA C 222 18.63 -32.17 9.38
N GLY C 223 18.49 -31.00 10.01
CA GLY C 223 19.66 -30.33 10.54
C GLY C 223 20.50 -29.58 9.52
N LYS C 224 20.18 -29.69 8.23
CA LYS C 224 20.94 -29.02 7.20
C LYS C 224 20.25 -27.79 6.61
N VAL C 225 18.97 -27.57 6.93
CA VAL C 225 18.21 -26.47 6.36
C VAL C 225 17.36 -25.84 7.46
N THR C 226 17.41 -24.53 7.59
CA THR C 226 16.44 -23.78 8.39
C THR C 226 16.34 -22.37 7.81
N GLY C 227 15.63 -21.49 8.51
CA GLY C 227 15.49 -20.14 8.00
C GLY C 227 14.44 -19.36 8.78
N MET C 228 13.96 -18.29 8.15
CA MET C 228 13.01 -17.37 8.75
C MET C 228 12.22 -16.71 7.62
N SER C 229 11.33 -15.79 7.98
CA SER C 229 10.54 -15.10 6.98
C SER C 229 10.52 -13.60 7.28
N VAL C 230 10.16 -12.84 6.26
CA VAL C 230 9.91 -11.40 6.41
C VAL C 230 8.55 -11.15 5.77
N ARG C 231 7.57 -10.76 6.58
CA ARG C 231 6.25 -10.42 6.08
C ARG C 231 6.29 -9.03 5.46
N VAL C 232 5.77 -8.90 4.24
CA VAL C 232 5.88 -7.63 3.52
C VAL C 232 4.49 -7.20 3.05
N PRO C 233 4.33 -5.91 2.66
CA PRO C 233 3.00 -5.39 2.30
C PRO C 233 2.50 -5.80 0.91
N THR C 234 2.33 -7.09 0.69
CA THR C 234 1.56 -7.55 -0.47
C THR C 234 0.43 -8.42 0.03
N VAL C 235 -0.72 -8.31 -0.64
CA VAL C 235 -1.93 -8.98 -0.18
C VAL C 235 -1.86 -10.48 -0.43
N ASN C 236 -0.99 -10.90 -1.35
CA ASN C 236 -0.84 -12.30 -1.74
C ASN C 236 0.43 -12.43 -2.57
N VAL C 237 0.95 -13.67 -2.62
CA VAL C 237 2.11 -14.12 -3.39
C VAL C 237 3.38 -13.85 -2.59
N SER C 238 4.25 -14.84 -2.55
CA SER C 238 5.44 -14.81 -1.71
C SER C 238 6.61 -15.37 -2.50
N LEU C 239 7.81 -15.26 -1.92
CA LEU C 239 9.05 -15.53 -2.63
C LEU C 239 10.03 -16.20 -1.68
N VAL C 240 10.39 -17.45 -1.98
CA VAL C 240 11.41 -18.15 -1.21
C VAL C 240 12.79 -17.72 -1.73
N ASP C 241 13.67 -17.35 -0.80
CA ASP C 241 15.05 -16.98 -1.09
C ASP C 241 15.94 -17.98 -0.37
N PHE C 242 16.62 -18.85 -1.12
CA PHE C 242 17.30 -20.04 -0.58
C PHE C 242 18.79 -19.97 -0.90
N THR C 243 19.63 -19.76 0.12
CA THR C 243 21.08 -19.71 -0.05
C THR C 243 21.67 -21.03 0.41
N VAL C 244 22.40 -21.71 -0.48
CA VAL C 244 22.68 -23.13 -0.26
C VAL C 244 24.07 -23.48 -0.79
N ARG C 245 24.76 -24.35 -0.07
CA ARG C 245 26.06 -24.85 -0.47
C ARG C 245 25.95 -26.31 -0.84
N PHE C 246 26.51 -26.67 -1.99
CA PHE C 246 26.48 -28.02 -2.53
C PHE C 246 27.81 -28.72 -2.31
N ALA C 247 27.74 -30.06 -2.18
CA ALA C 247 28.95 -30.87 -2.14
C ALA C 247 29.64 -30.95 -3.50
N LYS C 248 28.86 -31.04 -4.59
CA LYS C 248 29.42 -31.09 -5.93
C LYS C 248 29.70 -29.68 -6.47
N ASP C 249 30.63 -29.62 -7.43
CA ASP C 249 30.90 -28.40 -8.19
C ASP C 249 29.85 -28.20 -9.26
N VAL C 250 29.19 -27.04 -9.26
CA VAL C 250 28.16 -26.76 -10.25
C VAL C 250 28.41 -25.39 -10.85
N THR C 251 27.95 -25.21 -12.08
CA THR C 251 27.73 -23.87 -12.61
C THR C 251 26.26 -23.52 -12.40
N TYR C 252 25.93 -22.24 -12.57
CA TYR C 252 24.53 -21.83 -12.42
C TYR C 252 23.66 -22.41 -13.54
N ASP C 253 24.18 -22.51 -14.77
CA ASP C 253 23.41 -23.15 -15.83
C ASP C 253 23.08 -24.59 -15.48
N GLU C 254 24.01 -25.30 -14.83
CA GLU C 254 23.69 -26.65 -14.38
C GLU C 254 22.62 -26.66 -13.29
N VAL C 255 22.61 -25.65 -12.42
CA VAL C 255 21.52 -25.53 -11.45
C VAL C 255 20.20 -25.36 -12.17
N LYS C 256 20.16 -24.44 -13.14
CA LYS C 256 18.94 -24.21 -13.90
C LYS C 256 18.49 -25.46 -14.63
N ALA C 257 19.43 -26.16 -15.28
CA ALA C 257 19.09 -27.40 -15.98
C ALA C 257 18.46 -28.41 -15.03
N ALA C 258 19.02 -28.57 -13.83
CA ALA C 258 18.43 -29.50 -12.87
C ALA C 258 16.99 -29.14 -12.57
N ILE C 259 16.70 -27.84 -12.41
CA ILE C 259 15.34 -27.42 -12.11
C ILE C 259 14.44 -27.65 -13.30
N LYS C 260 14.88 -27.21 -14.48
CA LYS C 260 14.09 -27.38 -15.70
C LYS C 260 13.72 -28.85 -15.91
N GLU C 261 14.70 -29.74 -15.71
CA GLU C 261 14.46 -31.18 -15.89
C GLU C 261 13.39 -31.69 -14.92
N ALA C 262 13.44 -31.27 -13.66
CA ALA C 262 12.42 -31.68 -12.70
C ALA C 262 11.05 -31.13 -13.08
N SER C 263 11.00 -29.89 -13.57
CA SER C 263 9.73 -29.24 -13.90
C SER C 263 9.06 -29.89 -15.11
N GLU C 264 9.85 -30.49 -16.01
CA GLU C 264 9.29 -31.16 -17.16
C GLU C 264 9.07 -32.64 -16.92
N GLY C 265 9.47 -33.15 -15.75
CA GLY C 265 9.40 -34.57 -15.45
C GLY C 265 8.63 -34.87 -14.16
N PRO C 266 9.33 -35.41 -13.15
CA PRO C 266 8.63 -35.90 -11.95
C PRO C 266 7.84 -34.83 -11.20
N LEU C 267 8.19 -33.55 -11.32
CA LEU C 267 7.53 -32.49 -10.58
C LEU C 267 6.68 -31.59 -11.46
N LYS C 268 6.41 -31.99 -12.70
CA LYS C 268 5.54 -31.21 -13.58
C LYS C 268 4.21 -30.94 -12.88
N GLY C 269 3.77 -29.68 -12.93
CA GLY C 269 2.58 -29.26 -12.24
C GLY C 269 2.83 -28.83 -10.81
N ILE C 270 3.96 -29.21 -10.23
CA ILE C 270 4.32 -28.85 -8.87
C ILE C 270 5.42 -27.80 -8.84
N LEU C 271 6.55 -28.08 -9.49
CA LEU C 271 7.67 -27.14 -9.60
C LEU C 271 7.73 -26.63 -11.03
N ALA C 272 7.57 -25.33 -11.22
CA ALA C 272 7.68 -24.73 -12.55
C ALA C 272 9.05 -24.06 -12.70
N TYR C 273 9.39 -23.75 -13.95
CA TYR C 273 10.67 -23.15 -14.29
C TYR C 273 10.42 -21.99 -15.25
N THR C 274 11.00 -20.84 -14.96
CA THR C 274 10.84 -19.71 -15.87
C THR C 274 12.13 -18.89 -15.94
N GLU C 275 12.33 -18.28 -17.11
CA GLU C 275 13.39 -17.30 -17.33
C GLU C 275 12.81 -15.94 -17.65
N ASP C 276 11.50 -15.76 -17.51
CA ASP C 276 10.85 -14.47 -17.72
C ASP C 276 11.16 -13.50 -16.58
N ASP C 277 10.97 -12.21 -16.85
CA ASP C 277 11.23 -11.15 -15.87
C ASP C 277 9.97 -10.86 -15.04
N ILE C 278 9.56 -11.85 -14.27
CA ILE C 278 8.27 -11.78 -13.61
C ILE C 278 8.41 -11.07 -12.27
N VAL C 279 7.28 -10.52 -11.80
CA VAL C 279 7.15 -9.90 -10.49
C VAL C 279 5.98 -10.62 -9.81
N SER C 280 5.70 -10.29 -8.54
CA SER C 280 4.82 -11.15 -7.74
C SER C 280 3.41 -11.27 -8.35
N THR C 281 2.86 -10.19 -8.92
CA THR C 281 1.50 -10.29 -9.45
C THR C 281 1.39 -11.27 -10.61
N ASP C 282 2.50 -11.63 -11.26
CA ASP C 282 2.44 -12.57 -12.37
C ASP C 282 2.16 -14.00 -11.90
N ILE C 283 2.40 -14.28 -10.60
CA ILE C 283 2.15 -15.58 -9.99
C ILE C 283 0.76 -15.65 -9.34
N LEU C 284 0.00 -14.56 -9.35
CA LEU C 284 -1.35 -14.58 -8.78
C LEU C 284 -2.20 -15.67 -9.43
N THR C 285 -2.86 -16.47 -8.60
CA THR C 285 -3.76 -17.54 -9.06
C THR C 285 -3.02 -18.59 -9.88
N ASP C 286 -1.78 -18.79 -9.61
CA ASP C 286 -1.01 -19.85 -10.25
C ASP C 286 -0.98 -21.05 -9.31
N PRO C 287 -1.35 -22.24 -9.75
CA PRO C 287 -1.48 -23.39 -8.83
C PRO C 287 -0.20 -24.19 -8.60
N HIS C 288 0.95 -23.77 -9.11
CA HIS C 288 2.17 -24.48 -8.75
C HIS C 288 2.53 -24.27 -7.29
N SER C 289 3.26 -25.23 -6.73
CA SER C 289 3.79 -25.05 -5.38
C SER C 289 5.00 -24.13 -5.38
N SER C 290 5.66 -23.97 -6.52
CA SER C 290 7.01 -23.45 -6.57
C SER C 290 7.38 -23.09 -8.01
N THR C 291 7.69 -21.82 -8.29
CA THR C 291 8.13 -21.42 -9.64
C THR C 291 9.52 -20.83 -9.53
N PHE C 292 10.52 -21.60 -9.97
CA PHE C 292 11.91 -21.20 -9.93
C PHE C 292 12.15 -20.05 -10.92
N ASP C 293 12.80 -18.99 -10.42
CA ASP C 293 13.05 -17.76 -11.19
C ASP C 293 14.52 -17.78 -11.58
N ALA C 294 14.82 -18.16 -12.82
CA ALA C 294 16.22 -18.38 -13.21
C ALA C 294 17.02 -17.09 -13.11
N LYS C 295 16.45 -15.98 -13.55
CA LYS C 295 17.20 -14.73 -13.62
C LYS C 295 17.32 -14.03 -12.28
N ALA C 296 16.55 -14.43 -11.27
CA ALA C 296 16.63 -13.73 -9.99
C ALA C 296 17.71 -14.28 -9.07
N GLY C 297 18.24 -15.47 -9.36
CA GLY C 297 19.25 -16.06 -8.51
C GLY C 297 20.67 -15.66 -8.93
N ILE C 298 21.64 -16.19 -8.20
CA ILE C 298 23.04 -15.85 -8.48
C ILE C 298 23.93 -16.87 -7.79
N ALA C 299 25.04 -17.19 -8.43
CA ALA C 299 26.05 -18.09 -7.89
C ALA C 299 27.27 -17.26 -7.51
N LEU C 300 27.75 -17.43 -6.28
CA LEU C 300 29.01 -16.80 -5.91
C LEU C 300 30.20 -17.59 -6.44
N ASN C 301 30.16 -18.91 -6.32
CA ASN C 301 31.27 -19.77 -6.71
C ASN C 301 30.70 -21.15 -7.03
N LYS C 302 31.59 -22.10 -7.34
CA LYS C 302 31.17 -23.42 -7.79
C LYS C 302 30.37 -24.22 -6.76
N ASN C 303 30.31 -23.81 -5.49
CA ASN C 303 29.57 -24.59 -4.50
C ASN C 303 28.50 -23.82 -3.73
N PHE C 304 28.37 -22.52 -3.94
CA PHE C 304 27.58 -21.65 -3.07
C PHE C 304 26.73 -20.74 -3.96
N VAL C 305 25.41 -20.92 -3.94
CA VAL C 305 24.50 -20.22 -4.83
C VAL C 305 23.26 -19.75 -4.07
N LYS C 306 22.59 -18.76 -4.63
CA LYS C 306 21.29 -18.30 -4.16
C LYS C 306 20.25 -18.60 -5.21
N VAL C 307 19.17 -19.29 -4.83
CA VAL C 307 18.08 -19.52 -5.76
C VAL C 307 16.78 -18.98 -5.18
N MET C 308 15.86 -18.64 -6.06
CA MET C 308 14.62 -17.99 -5.67
C MET C 308 13.45 -18.66 -6.36
N SER C 309 12.35 -18.81 -5.63
CA SER C 309 11.16 -19.46 -6.15
C SER C 309 9.91 -18.75 -5.63
N TRP C 310 8.96 -18.52 -6.53
CA TRP C 310 7.70 -17.85 -6.24
C TRP C 310 6.64 -18.86 -5.83
N TYR C 311 5.69 -18.41 -5.02
CA TYR C 311 4.50 -19.21 -4.73
C TYR C 311 3.35 -18.28 -4.37
N ASP C 312 2.20 -18.52 -5.00
CA ASP C 312 0.93 -18.01 -4.51
C ASP C 312 0.61 -18.80 -3.25
N ASN C 313 0.81 -18.17 -2.09
CA ASN C 313 0.69 -18.88 -0.82
C ASN C 313 -0.74 -19.37 -0.58
N GLU C 314 -1.73 -18.71 -1.20
CA GLU C 314 -3.11 -19.18 -1.11
C GLU C 314 -3.41 -20.24 -2.16
N TYR C 315 -3.04 -19.99 -3.43
CA TYR C 315 -3.61 -20.78 -4.52
C TYR C 315 -2.85 -22.09 -4.76
N GLY C 316 -1.52 -22.03 -4.75
CA GLY C 316 -0.73 -23.25 -4.89
C GLY C 316 -0.96 -24.21 -3.74
N TYR C 317 -0.89 -23.70 -2.50
CA TYR C 317 -1.12 -24.54 -1.35
C TYR C 317 -2.50 -25.19 -1.41
N SER C 318 -3.50 -24.42 -1.86
CA SER C 318 -4.88 -24.93 -1.86
C SER C 318 -5.06 -26.04 -2.90
N ARG C 319 -4.45 -25.89 -4.08
CA ARG C 319 -4.47 -26.99 -5.04
C ARG C 319 -3.78 -28.22 -4.46
N ARG C 320 -2.67 -28.03 -3.72
CA ARG C 320 -2.00 -29.18 -3.10
C ARG C 320 -2.89 -29.87 -2.08
N VAL C 321 -3.73 -29.13 -1.35
CA VAL C 321 -4.70 -29.76 -0.45
C VAL C 321 -5.61 -30.69 -1.24
N VAL C 322 -6.12 -30.21 -2.37
CA VAL C 322 -6.95 -31.05 -3.23
C VAL C 322 -6.15 -32.26 -3.71
N ASP C 323 -4.93 -32.02 -4.21
CA ASP C 323 -4.10 -33.13 -4.69
C ASP C 323 -3.85 -34.15 -3.60
N LEU C 324 -3.64 -33.69 -2.36
CA LEU C 324 -3.35 -34.62 -1.27
C LEU C 324 -4.58 -35.43 -0.87
N ILE C 325 -5.77 -34.84 -0.95
CA ILE C 325 -6.97 -35.62 -0.67
C ILE C 325 -7.19 -36.70 -1.73
N VAL C 326 -7.02 -36.34 -3.01
CA VAL C 326 -7.15 -37.33 -4.07
C VAL C 326 -6.19 -38.49 -3.86
N PHE C 327 -4.93 -38.18 -3.54
CA PHE C 327 -3.90 -39.22 -3.44
C PHE C 327 -4.18 -40.14 -2.26
N VAL C 328 -4.50 -39.57 -1.10
CA VAL C 328 -4.74 -40.37 0.09
C VAL C 328 -5.97 -41.25 -0.09
N SER C 329 -7.00 -40.74 -0.77
CA SER C 329 -8.19 -41.56 -0.99
C SER C 329 -7.87 -42.75 -1.89
N LYS C 330 -7.05 -42.54 -2.92
CA LYS C 330 -6.58 -43.68 -3.72
C LYS C 330 -5.90 -44.72 -2.85
N LYS C 331 -5.00 -44.28 -1.95
CA LYS C 331 -4.28 -45.24 -1.12
C LYS C 331 -5.21 -45.94 -0.14
N ASP C 332 -6.16 -45.22 0.45
CA ASP C 332 -7.10 -45.84 1.37
C ASP C 332 -7.96 -46.90 0.71
N ALA C 333 -8.04 -46.91 -0.62
CA ALA C 333 -8.84 -47.90 -1.35
C ALA C 333 -7.98 -49.10 -1.81
N VAL D 1 -3.77 18.93 38.14
CA VAL D 1 -4.26 18.50 36.84
C VAL D 1 -4.98 17.16 37.05
N PRO D 2 -5.96 16.86 36.20
CA PRO D 2 -6.81 15.68 36.45
C PRO D 2 -6.03 14.37 36.38
N LYS D 3 -6.42 13.42 37.22
CA LYS D 3 -5.83 12.08 37.17
C LYS D 3 -6.69 11.19 36.28
N VAL D 4 -6.05 10.49 35.34
CA VAL D 4 -6.73 9.79 34.26
C VAL D 4 -6.39 8.31 34.28
N GLY D 5 -7.41 7.48 34.07
CA GLY D 5 -7.22 6.09 33.73
C GLY D 5 -7.65 5.87 32.28
N ILE D 6 -7.05 4.87 31.62
CA ILE D 6 -7.37 4.55 30.24
C ILE D 6 -7.74 3.08 30.16
N ASN D 7 -8.98 2.79 29.79
CA ASN D 7 -9.42 1.43 29.51
C ASN D 7 -9.35 1.22 28.00
N GLY D 8 -8.50 0.29 27.57
CA GLY D 8 -8.31 0.06 26.15
C GLY D 8 -7.07 0.77 25.66
N PHE D 9 -5.94 0.07 25.71
CA PHE D 9 -4.65 0.64 25.34
C PHE D 9 -4.35 0.44 23.86
N GLY D 10 -5.34 0.73 23.01
CA GLY D 10 -5.22 0.55 21.57
C GLY D 10 -4.73 1.81 20.90
N ARG D 11 -5.14 2.01 19.63
CA ARG D 11 -4.69 3.19 18.90
C ARG D 11 -5.06 4.47 19.66
N ILE D 12 -6.32 4.61 20.05
CA ILE D 12 -6.73 5.83 20.75
C ILE D 12 -6.13 5.89 22.15
N GLY D 13 -6.22 4.79 22.91
CA GLY D 13 -5.65 4.79 24.26
C GLY D 13 -4.18 5.17 24.30
N ARG D 14 -3.37 4.63 23.37
CA ARG D 14 -1.94 4.93 23.37
C ARG D 14 -1.65 6.32 22.84
N VAL D 15 -2.42 6.77 21.84
CA VAL D 15 -2.20 8.12 21.34
C VAL D 15 -2.75 9.16 22.32
N VAL D 16 -3.79 8.82 23.08
CA VAL D 16 -4.19 9.68 24.18
C VAL D 16 -3.07 9.80 25.21
N LEU D 17 -2.47 8.67 25.59
CA LEU D 17 -1.36 8.73 26.55
C LEU D 17 -0.21 9.60 26.03
N ARG D 18 0.09 9.48 24.73
CA ARG D 18 1.13 10.33 24.14
C ARG D 18 0.77 11.80 24.23
N ASN D 19 -0.51 12.13 23.98
CA ASN D 19 -0.94 13.52 24.06
C ASN D 19 -0.89 14.03 25.49
N ALA D 20 -1.20 13.17 26.47
CA ALA D 20 -1.13 13.55 27.86
C ALA D 20 0.31 13.87 28.27
N LEU D 21 1.25 13.03 27.84
CA LEU D 21 2.66 13.25 28.14
C LEU D 21 3.21 14.48 27.41
N GLU D 22 2.82 14.66 26.15
CA GLU D 22 3.29 15.81 25.38
C GLU D 22 2.85 17.12 26.02
N THR D 23 1.60 17.23 26.45
CA THR D 23 1.05 18.50 26.93
C THR D 23 1.18 18.68 28.43
N GLY D 24 1.34 17.59 29.19
CA GLY D 24 1.18 17.62 30.63
C GLY D 24 -0.20 18.04 31.12
N ALA D 25 -1.20 18.11 30.21
CA ALA D 25 -2.49 18.69 30.60
C ALA D 25 -3.27 17.79 31.55
N VAL D 26 -3.04 16.48 31.50
CA VAL D 26 -3.63 15.53 32.44
C VAL D 26 -2.54 14.55 32.83
N GLU D 27 -2.78 13.84 33.93
CA GLU D 27 -1.81 12.88 34.47
C GLU D 27 -2.41 11.48 34.40
N VAL D 28 -1.90 10.64 33.51
CA VAL D 28 -2.38 9.27 33.37
C VAL D 28 -1.69 8.42 34.43
N VAL D 29 -2.47 7.80 35.32
CA VAL D 29 -1.92 7.04 36.44
C VAL D 29 -2.30 5.56 36.39
N ALA D 30 -3.17 5.16 35.48
CA ALA D 30 -3.54 3.75 35.40
C ALA D 30 -3.99 3.43 33.99
N LEU D 31 -3.75 2.18 33.59
CA LEU D 31 -4.11 1.65 32.28
C LEU D 31 -4.70 0.27 32.49
N ASN D 32 -5.61 -0.13 31.60
CA ASN D 32 -6.16 -1.48 31.62
C ASN D 32 -6.28 -2.01 30.20
N ASP D 33 -5.83 -3.24 30.00
CA ASP D 33 -6.03 -3.92 28.73
C ASP D 33 -5.75 -5.41 28.95
N PRO D 34 -6.78 -6.26 28.94
CA PRO D 34 -6.57 -7.69 29.22
C PRO D 34 -5.82 -8.42 28.11
N PHE D 35 -5.66 -7.83 26.93
CA PHE D 35 -4.96 -8.49 25.83
C PHE D 35 -3.53 -8.00 25.66
N ILE D 36 -3.05 -7.17 26.56
CA ILE D 36 -1.71 -6.59 26.43
C ILE D 36 -1.02 -6.61 27.79
N GLU D 37 -0.14 -7.60 28.03
CA GLU D 37 0.59 -7.65 29.30
C GLU D 37 1.58 -6.48 29.37
N PRO D 38 2.06 -6.15 30.57
CA PRO D 38 2.88 -4.93 30.74
C PRO D 38 4.09 -4.81 29.81
N HIS D 39 4.88 -5.86 29.65
CA HIS D 39 6.05 -5.75 28.79
C HIS D 39 5.64 -5.54 27.32
N TYR D 40 4.59 -6.22 26.88
CA TYR D 40 4.02 -5.96 25.56
C TYR D 40 3.52 -4.53 25.43
N ALA D 41 2.93 -3.98 26.51
CA ALA D 41 2.45 -2.61 26.47
C ALA D 41 3.59 -1.62 26.33
N GLU D 42 4.73 -1.90 26.99
CA GLU D 42 5.91 -1.04 26.83
C GLU D 42 6.34 -1.01 25.36
N TYR D 43 6.36 -2.18 24.72
CA TYR D 43 6.79 -2.28 23.32
C TYR D 43 5.82 -1.54 22.40
N MET D 44 4.52 -1.82 22.56
CA MET D 44 3.52 -1.15 21.73
C MET D 44 3.55 0.36 21.89
N PHE D 45 3.91 0.85 23.08
CA PHE D 45 3.91 2.30 23.28
C PHE D 45 5.22 2.93 22.78
N LYS D 46 6.34 2.21 22.94
CA LYS D 46 7.64 2.74 22.53
C LYS D 46 7.74 2.86 21.00
N TYR D 47 7.17 1.90 20.28
CA TYR D 47 7.31 1.84 18.84
C TYR D 47 5.94 1.96 18.20
N ASP D 48 5.78 2.93 17.30
CA ASP D 48 4.49 3.19 16.64
C ASP D 48 4.71 3.33 15.15
N SER D 49 4.02 2.50 14.35
CA SER D 49 4.21 2.55 12.90
C SER D 49 3.75 3.90 12.33
N THR D 50 2.81 4.55 12.99
CA THR D 50 2.14 5.73 12.46
C THR D 50 2.76 7.04 12.93
N HIS D 51 3.02 7.17 14.23
CA HIS D 51 3.49 8.42 14.79
C HIS D 51 4.97 8.40 15.18
N GLY D 52 5.68 7.27 14.98
CA GLY D 52 7.10 7.23 15.26
C GLY D 52 7.44 6.83 16.70
N ARG D 53 8.74 6.78 16.95
CA ARG D 53 9.24 6.35 18.25
C ARG D 53 8.81 7.31 19.35
N PHE D 54 8.46 6.76 20.51
CA PHE D 54 8.23 7.59 21.70
C PHE D 54 9.54 8.23 22.13
N LYS D 55 9.51 9.53 22.36
CA LYS D 55 10.76 10.27 22.62
C LYS D 55 11.25 10.12 24.05
N GLY D 56 10.37 9.85 25.01
CA GLY D 56 10.74 9.82 26.40
C GLY D 56 11.36 8.50 26.81
N ASP D 57 11.31 8.22 28.11
CA ASP D 57 11.87 7.02 28.68
C ASP D 57 10.74 6.16 29.26
N ILE D 58 10.87 4.85 29.12
CA ILE D 58 9.83 3.94 29.60
C ILE D 58 10.49 2.64 30.01
N LYS D 59 9.93 2.02 31.05
CA LYS D 59 10.35 0.70 31.50
C LYS D 59 9.19 0.04 32.23
N VAL D 60 9.30 -1.27 32.42
CA VAL D 60 8.39 -2.04 33.25
C VAL D 60 9.05 -2.28 34.59
N ASP D 61 8.29 -2.10 35.68
CA ASP D 61 8.76 -2.39 37.03
C ASP D 61 7.71 -3.25 37.71
N GLY D 62 8.00 -4.53 37.88
CA GLY D 62 7.00 -5.47 38.34
C GLY D 62 5.91 -5.62 37.29
N LYS D 63 4.68 -5.27 37.67
CA LYS D 63 3.55 -5.30 36.76
C LYS D 63 3.15 -3.91 36.26
N ASP D 64 3.89 -2.87 36.63
CA ASP D 64 3.51 -1.52 36.29
C ASP D 64 4.50 -0.92 35.28
N LEU D 65 4.03 0.09 34.55
CA LEU D 65 4.88 0.89 33.70
C LEU D 65 5.44 2.07 34.49
N VAL D 66 6.63 2.51 34.09
CA VAL D 66 7.21 3.77 34.57
C VAL D 66 7.62 4.56 33.34
N ILE D 67 7.05 5.74 33.17
CA ILE D 67 7.23 6.54 31.98
C ILE D 67 7.69 7.92 32.42
N ASP D 68 8.92 8.29 32.07
CA ASP D 68 9.48 9.59 32.42
C ASP D 68 9.49 9.82 33.93
N GLY D 69 9.58 8.73 34.70
CA GLY D 69 9.76 8.78 36.12
C GLY D 69 8.52 8.49 36.94
N LYS D 70 7.33 8.60 36.35
CA LYS D 70 6.09 8.39 37.07
C LYS D 70 5.58 6.97 36.83
N ARG D 71 5.20 6.30 37.91
CA ARG D 71 4.66 4.95 37.83
C ARG D 71 3.22 4.97 37.36
N ILE D 72 2.87 4.02 36.49
CA ILE D 72 1.54 3.87 35.93
C ILE D 72 1.09 2.44 36.20
N LYS D 73 -0.01 2.29 36.94
CA LYS D 73 -0.52 0.96 37.24
C LYS D 73 -1.10 0.35 35.97
N PHE D 74 -0.89 -0.95 35.79
CA PHE D 74 -1.35 -1.62 34.59
C PHE D 74 -2.15 -2.84 35.00
N TYR D 75 -3.41 -2.90 34.58
CA TYR D 75 -4.27 -4.03 34.89
C TYR D 75 -4.63 -4.74 33.61
N GLN D 76 -5.16 -5.96 33.78
CA GLN D 76 -5.61 -6.79 32.68
C GLN D 76 -6.97 -7.38 33.01
N GLU D 77 -7.92 -6.52 33.35
CA GLU D 77 -9.27 -6.95 33.68
C GLU D 77 -10.17 -6.91 32.45
N ARG D 78 -10.83 -8.02 32.14
CA ARG D 78 -11.77 -8.05 31.03
C ARG D 78 -13.08 -7.37 31.39
N ASP D 79 -13.42 -7.34 32.67
CA ASP D 79 -14.64 -6.71 33.17
C ASP D 79 -14.25 -5.36 33.77
N PRO D 80 -14.69 -4.24 33.20
CA PRO D 80 -14.29 -2.93 33.76
C PRO D 80 -14.79 -2.71 35.18
N ALA D 81 -15.80 -3.48 35.62
CA ALA D 81 -16.23 -3.40 37.00
C ALA D 81 -15.16 -3.85 37.98
N ASN D 82 -14.12 -4.56 37.51
CA ASN D 82 -13.08 -5.09 38.39
C ASN D 82 -11.81 -4.25 38.39
N ILE D 83 -11.78 -3.14 37.67
CA ILE D 83 -10.57 -2.31 37.62
C ILE D 83 -10.54 -1.45 38.87
N PRO D 84 -9.53 -1.58 39.73
CA PRO D 84 -9.47 -0.79 40.98
C PRO D 84 -8.92 0.62 40.76
N TRP D 85 -9.68 1.43 40.02
CA TRP D 85 -9.20 2.77 39.67
C TRP D 85 -8.77 3.57 40.89
N LYS D 86 -9.49 3.42 42.00
CA LYS D 86 -9.22 4.26 43.17
C LYS D 86 -7.80 4.05 43.72
N ASP D 87 -7.23 2.84 43.57
CA ASP D 87 -5.91 2.56 44.12
C ASP D 87 -4.86 3.55 43.64
N SER D 88 -4.98 4.02 42.40
CA SER D 88 -4.07 5.01 41.84
C SER D 88 -4.65 6.41 41.85
N GLY D 89 -5.88 6.59 42.35
CA GLY D 89 -6.50 7.89 42.29
C GLY D 89 -6.98 8.32 40.91
N ALA D 90 -7.19 7.38 39.99
CA ALA D 90 -7.69 7.72 38.67
C ALA D 90 -9.16 8.11 38.79
N GLU D 91 -9.47 9.35 38.40
CA GLU D 91 -10.84 9.84 38.47
C GLU D 91 -11.54 9.92 37.13
N TYR D 92 -10.84 10.37 36.10
CA TYR D 92 -11.42 10.58 34.76
C TYR D 92 -10.99 9.43 33.86
N ILE D 93 -11.94 8.59 33.45
CA ILE D 93 -11.63 7.35 32.74
C ILE D 93 -11.90 7.55 31.25
N VAL D 94 -10.87 7.36 30.44
CA VAL D 94 -11.00 7.26 28.99
C VAL D 94 -11.45 5.84 28.65
N GLU D 95 -12.65 5.71 28.13
CA GLU D 95 -13.22 4.40 27.77
C GLU D 95 -12.96 4.22 26.27
N SER D 96 -11.80 3.63 25.93
CA SER D 96 -11.37 3.51 24.54
C SER D 96 -11.22 2.06 24.09
N THR D 97 -12.06 1.16 24.63
CA THR D 97 -12.09 -0.23 24.19
C THR D 97 -12.90 -0.45 22.93
N GLY D 98 -13.83 0.45 22.62
CA GLY D 98 -14.79 0.22 21.57
C GLY D 98 -15.94 -0.70 21.93
N VAL D 99 -15.99 -1.24 23.15
CA VAL D 99 -17.01 -2.22 23.49
C VAL D 99 -17.87 -1.82 24.69
N PHE D 100 -17.61 -0.68 25.34
CA PHE D 100 -18.45 -0.22 26.44
C PHE D 100 -18.93 1.21 26.17
N THR D 101 -19.69 1.40 25.08
CA THR D 101 -20.07 2.72 24.60
C THR D 101 -21.47 3.16 25.04
N THR D 102 -22.14 2.40 25.90
CA THR D 102 -23.44 2.81 26.42
C THR D 102 -23.27 3.27 27.87
N THR D 103 -24.24 4.06 28.35
CA THR D 103 -24.14 4.55 29.72
C THR D 103 -24.11 3.39 30.72
N GLU D 104 -24.88 2.34 30.46
CA GLU D 104 -24.89 1.21 31.38
C GLU D 104 -23.54 0.51 31.42
N LYS D 105 -22.97 0.22 30.25
CA LYS D 105 -21.67 -0.46 30.21
C LYS D 105 -20.57 0.42 30.78
N ALA D 106 -20.54 1.70 30.36
CA ALA D 106 -19.47 2.58 30.84
C ALA D 106 -19.55 2.81 32.34
N SER D 107 -20.75 2.71 32.92
CA SER D 107 -20.91 2.93 34.35
C SER D 107 -20.18 1.90 35.20
N ALA D 108 -19.78 0.77 34.61
CA ALA D 108 -19.01 -0.22 35.37
C ALA D 108 -17.78 0.40 36.04
N HIS D 109 -17.20 1.44 35.43
CA HIS D 109 -16.00 2.05 36.00
C HIS D 109 -16.24 2.70 37.36
N PHE D 110 -17.50 3.01 37.70
CA PHE D 110 -17.75 3.61 39.00
C PHE D 110 -17.59 2.60 40.13
N LYS D 111 -17.77 1.31 39.86
CA LYS D 111 -17.55 0.31 40.91
C LYS D 111 -16.14 0.38 41.45
N GLY D 112 -15.16 0.67 40.57
CA GLY D 112 -13.78 0.80 41.00
C GLY D 112 -13.37 2.17 41.51
N GLY D 113 -14.29 3.12 41.60
CA GLY D 113 -13.97 4.41 42.18
C GLY D 113 -13.76 5.56 41.20
N ALA D 114 -14.11 5.38 39.93
CA ALA D 114 -13.97 6.48 38.99
C ALA D 114 -15.02 7.55 39.26
N LYS D 115 -14.67 8.80 38.94
CA LYS D 115 -15.57 9.93 39.05
C LYS D 115 -16.28 10.28 37.73
N LYS D 116 -15.62 10.12 36.59
CA LYS D 116 -16.22 10.47 35.30
C LYS D 116 -15.70 9.50 34.24
N VAL D 117 -16.57 9.14 33.29
CA VAL D 117 -16.18 8.29 32.18
C VAL D 117 -16.39 9.05 30.87
N ILE D 118 -15.33 9.14 30.06
CA ILE D 118 -15.36 9.78 28.74
C ILE D 118 -15.23 8.67 27.69
N ILE D 119 -16.34 8.37 27.01
CA ILE D 119 -16.32 7.38 25.95
C ILE D 119 -15.64 7.97 24.72
N SER D 120 -14.61 7.28 24.20
CA SER D 120 -13.83 7.78 23.07
C SER D 120 -14.47 7.46 21.72
N ALA D 121 -15.80 7.55 21.64
CA ALA D 121 -16.57 7.20 20.46
C ALA D 121 -17.99 7.72 20.67
N PRO D 122 -18.76 7.87 19.59
CA PRO D 122 -20.19 8.20 19.76
C PRO D 122 -20.86 7.22 20.70
N SER D 123 -21.94 7.68 21.36
CA SER D 123 -22.72 6.85 22.25
C SER D 123 -24.19 6.99 21.95
N ALA D 124 -24.92 5.87 22.00
CA ALA D 124 -26.36 5.88 21.79
C ALA D 124 -27.13 6.57 22.91
N ASP D 125 -26.55 6.69 24.11
CA ASP D 125 -27.34 7.21 25.23
C ASP D 125 -26.47 7.95 26.25
N ALA D 126 -25.40 8.59 25.81
CA ALA D 126 -24.65 9.52 26.63
C ALA D 126 -24.48 10.81 25.82
N PRO D 127 -24.53 11.97 26.44
CA PRO D 127 -24.39 13.21 25.67
C PRO D 127 -22.99 13.28 25.04
N MET D 128 -22.96 13.71 23.80
CA MET D 128 -21.73 13.86 23.04
C MET D 128 -21.30 15.32 23.04
N TYR D 129 -19.99 15.55 23.19
CA TYR D 129 -19.41 16.88 23.15
C TYR D 129 -18.33 16.95 22.10
N VAL D 130 -18.24 18.12 21.44
CA VAL D 130 -17.17 18.46 20.51
C VAL D 130 -16.57 19.79 20.96
N MET D 131 -15.28 19.77 21.35
CA MET D 131 -14.62 20.98 21.82
C MET D 131 -14.65 22.05 20.74
N GLY D 132 -14.98 23.28 21.14
CA GLY D 132 -15.15 24.37 20.21
C GLY D 132 -16.55 24.51 19.67
N VAL D 133 -17.43 23.53 19.91
CA VAL D 133 -18.79 23.53 19.38
C VAL D 133 -19.83 23.60 20.49
N ASN D 134 -19.77 22.66 21.46
CA ASN D 134 -20.84 22.65 22.47
C ASN D 134 -20.37 22.25 23.87
N GLU D 135 -19.08 22.37 24.20
CA GLU D 135 -18.64 21.87 25.49
C GLU D 135 -19.28 22.66 26.63
N ASP D 136 -19.64 23.92 26.39
CA ASP D 136 -20.34 24.68 27.43
C ASP D 136 -21.70 24.09 27.80
N THR D 137 -22.29 23.23 26.95
CA THR D 137 -23.55 22.58 27.33
C THR D 137 -23.36 21.49 28.37
N TYR D 138 -22.11 21.17 28.74
CA TYR D 138 -21.88 20.16 29.76
C TYR D 138 -22.42 20.64 31.10
N ALA D 139 -23.11 19.74 31.81
CA ALA D 139 -23.79 20.12 33.04
C ALA D 139 -23.63 19.07 34.14
N GLY D 140 -22.58 18.26 34.10
CA GLY D 140 -22.29 17.34 35.18
C GLY D 140 -22.68 15.89 34.95
N ALA D 141 -23.05 15.51 33.73
CA ALA D 141 -23.24 14.10 33.44
C ALA D 141 -21.99 13.31 33.80
N ASN D 142 -22.19 12.08 34.27
CA ASN D 142 -21.08 11.27 34.73
C ASN D 142 -20.51 10.35 33.66
N VAL D 143 -21.29 10.05 32.63
CA VAL D 143 -20.82 9.34 31.46
C VAL D 143 -21.07 10.25 30.27
N ILE D 144 -19.98 10.69 29.62
CA ILE D 144 -20.05 11.54 28.44
C ILE D 144 -19.27 10.90 27.30
N SER D 145 -19.52 11.41 26.08
CA SER D 145 -18.86 10.95 24.87
C SER D 145 -18.20 12.13 24.16
N ASN D 146 -17.01 11.92 23.61
CA ASN D 146 -16.32 12.90 22.79
C ASN D 146 -16.62 12.73 21.29
N ALA D 147 -17.74 12.09 20.95
CA ALA D 147 -18.22 11.83 19.58
C ALA D 147 -17.13 11.09 18.81
N SER D 148 -17.08 11.22 17.49
CA SER D 148 -16.12 10.52 16.65
C SER D 148 -15.07 11.48 16.09
N CYS D 149 -14.01 10.91 15.51
CA CYS D 149 -13.03 11.74 14.80
C CYS D 149 -13.71 12.56 13.73
N THR D 150 -14.62 11.93 12.97
CA THR D 150 -15.21 12.60 11.81
C THR D 150 -16.11 13.75 12.25
N THR D 151 -16.89 13.57 13.32
CA THR D 151 -17.74 14.66 13.80
C THR D 151 -16.89 15.79 14.37
N ASN D 152 -15.75 15.46 14.98
CA ASN D 152 -14.87 16.51 15.47
C ASN D 152 -14.25 17.30 14.34
N CYS D 153 -14.13 16.69 13.15
CA CYS D 153 -13.66 17.44 11.99
C CYS D 153 -14.76 18.32 11.40
N LEU D 154 -15.95 17.75 11.17
CA LEU D 154 -16.97 18.48 10.44
C LEU D 154 -17.64 19.54 11.30
N ALA D 155 -17.93 19.24 12.58
CA ALA D 155 -18.75 20.14 13.39
C ALA D 155 -18.16 21.55 13.52
N PRO D 156 -16.87 21.74 13.86
CA PRO D 156 -16.36 23.12 13.98
C PRO D 156 -16.41 23.88 12.68
N LEU D 157 -16.19 23.20 11.56
CA LEU D 157 -16.32 23.83 10.26
C LEU D 157 -17.77 24.21 9.99
N ALA D 158 -18.70 23.27 10.25
CA ALA D 158 -20.12 23.53 9.97
C ALA D 158 -20.68 24.63 10.86
N LYS D 159 -20.23 24.70 12.11
CA LYS D 159 -20.67 25.78 13.00
C LYS D 159 -20.24 27.14 12.44
N THR D 160 -18.97 27.25 12.03
CA THR D 160 -18.43 28.48 11.49
C THR D 160 -19.20 28.94 10.25
N LEU D 161 -19.38 28.03 9.29
CA LEU D 161 -20.09 28.38 8.06
C LEU D 161 -21.56 28.69 8.34
N ASN D 162 -22.18 27.95 9.26
CA ASN D 162 -23.59 28.19 9.53
C ASN D 162 -23.79 29.50 10.29
N ASP D 163 -22.87 29.82 11.20
CA ASP D 163 -22.97 31.07 11.95
C ASP D 163 -22.89 32.28 11.04
N LYS D 164 -22.10 32.19 9.96
CA LYS D 164 -21.89 33.31 9.06
C LYS D 164 -22.80 33.32 7.84
N PHE D 165 -23.14 32.15 7.31
CA PHE D 165 -23.82 32.08 6.02
C PHE D 165 -25.14 31.33 6.04
N THR D 166 -25.52 30.70 7.15
CA THR D 166 -26.73 29.89 7.29
C THR D 166 -26.74 28.69 6.36
N ILE D 167 -26.50 27.50 6.91
CA ILE D 167 -26.54 26.28 6.11
C ILE D 167 -28.00 25.89 5.89
N VAL D 168 -28.41 25.77 4.62
CA VAL D 168 -29.70 25.19 4.32
C VAL D 168 -29.65 23.67 4.41
N GLU D 169 -28.62 23.06 3.81
CA GLU D 169 -28.51 21.62 3.73
C GLU D 169 -27.09 21.26 3.29
N GLY D 170 -26.60 20.11 3.76
CA GLY D 170 -25.25 19.69 3.41
C GLY D 170 -25.10 18.18 3.44
N LEU D 171 -24.21 17.67 2.57
CA LEU D 171 -23.92 16.25 2.51
C LEU D 171 -22.41 16.05 2.56
N MET D 172 -21.99 15.03 3.33
CA MET D 172 -20.58 14.81 3.62
C MET D 172 -20.12 13.44 3.13
N THR D 173 -18.89 13.39 2.64
CA THR D 173 -18.18 12.14 2.48
C THR D 173 -16.90 12.23 3.30
N ALA D 174 -16.71 11.29 4.21
CA ALA D 174 -15.46 11.17 4.93
C ALA D 174 -14.57 10.17 4.20
N ILE D 175 -13.50 10.67 3.59
CA ILE D 175 -12.49 9.81 2.96
C ILE D 175 -11.51 9.43 4.08
N HIS D 176 -11.65 8.20 4.58
CA HIS D 176 -11.14 7.84 5.90
C HIS D 176 -10.09 6.74 5.83
N ALA D 177 -8.97 6.94 6.52
CA ALA D 177 -7.96 5.90 6.69
C ALA D 177 -8.61 4.63 7.25
N TYR D 178 -8.01 3.47 6.97
CA TYR D 178 -8.52 2.24 7.56
C TYR D 178 -8.14 2.16 9.03
N THR D 179 -8.83 1.30 9.77
CA THR D 179 -8.69 1.26 11.22
C THR D 179 -8.60 -0.19 11.68
N ALA D 180 -8.51 -0.36 13.00
CA ALA D 180 -8.31 -1.68 13.59
C ALA D 180 -9.51 -2.60 13.41
N SER D 181 -10.69 -2.06 13.13
CA SER D 181 -11.82 -2.93 12.88
C SER D 181 -11.76 -3.58 11.50
N GLN D 182 -10.89 -3.12 10.62
CA GLN D 182 -10.81 -3.66 9.27
C GLN D 182 -9.84 -4.85 9.23
N LYS D 183 -9.73 -5.49 8.07
CA LYS D 183 -9.02 -6.75 7.90
C LYS D 183 -7.91 -6.61 6.87
N THR D 184 -6.81 -7.33 7.08
CA THR D 184 -5.70 -7.28 6.14
C THR D 184 -6.07 -7.96 4.84
N VAL D 185 -6.71 -9.14 4.91
CA VAL D 185 -7.24 -9.86 3.77
C VAL D 185 -8.73 -10.10 4.00
N ASP D 186 -9.46 -10.38 2.90
CA ASP D 186 -10.90 -10.63 2.97
C ASP D 186 -11.24 -11.59 4.11
N GLY D 187 -11.95 -11.09 5.12
CA GLY D 187 -12.30 -11.86 6.29
C GLY D 187 -13.67 -11.49 6.79
N PRO D 188 -14.15 -12.19 7.83
CA PRO D 188 -15.54 -12.01 8.27
C PRO D 188 -15.75 -10.70 9.02
N SER D 189 -16.83 -10.01 8.66
CA SER D 189 -17.30 -8.81 9.33
C SER D 189 -18.82 -8.81 9.11
N SER D 190 -19.51 -9.69 9.85
CA SER D 190 -20.91 -10.00 9.53
C SER D 190 -21.85 -8.84 9.73
N LYS D 191 -21.46 -7.82 10.50
CA LYS D 191 -22.28 -6.62 10.63
C LYS D 191 -21.95 -5.55 9.60
N ASP D 192 -20.90 -5.75 8.80
CA ASP D 192 -20.44 -4.75 7.85
C ASP D 192 -19.69 -5.48 6.74
N TRP D 193 -20.44 -6.07 5.80
CA TRP D 193 -19.86 -6.97 4.83
C TRP D 193 -18.69 -6.32 4.09
N ARG D 194 -18.87 -5.06 3.67
CA ARG D 194 -17.79 -4.38 2.95
C ARG D 194 -16.57 -4.20 3.85
N GLY D 195 -16.78 -3.92 5.13
CA GLY D 195 -15.68 -3.69 6.06
C GLY D 195 -14.79 -4.89 6.27
N GLY D 196 -15.17 -6.07 5.79
CA GLY D 196 -14.28 -7.22 5.88
C GLY D 196 -13.29 -7.38 4.75
N ARG D 197 -13.36 -6.55 3.70
CA ARG D 197 -12.53 -6.74 2.52
C ARG D 197 -11.16 -6.10 2.73
N ALA D 198 -10.14 -6.71 2.10
CA ALA D 198 -8.75 -6.35 2.28
C ALA D 198 -8.56 -4.84 2.34
N ALA D 199 -8.15 -4.33 3.49
CA ALA D 199 -8.22 -2.88 3.74
C ALA D 199 -7.30 -2.10 2.83
N ALA D 200 -6.09 -2.61 2.58
CA ALA D 200 -5.09 -1.83 1.88
C ALA D 200 -5.14 -2.01 0.39
N GLN D 201 -6.11 -2.78 -0.11
CA GLN D 201 -6.30 -2.99 -1.54
C GLN D 201 -7.61 -2.45 -2.07
N ASN D 202 -8.45 -1.83 -1.25
CA ASN D 202 -9.81 -1.51 -1.68
C ASN D 202 -10.24 -0.13 -1.23
N LEU D 203 -11.09 0.50 -2.04
CA LEU D 203 -11.96 1.59 -1.57
C LEU D 203 -13.22 0.93 -1.03
N ILE D 204 -13.63 1.33 0.17
CA ILE D 204 -14.69 0.59 0.85
C ILE D 204 -15.75 1.56 1.36
N PRO D 205 -16.88 1.73 0.65
CA PRO D 205 -17.96 2.58 1.17
C PRO D 205 -18.42 2.07 2.52
N SER D 206 -18.97 2.98 3.33
CA SER D 206 -19.47 2.65 4.66
C SER D 206 -20.42 3.73 5.11
N SER D 207 -21.57 3.33 5.67
CA SER D 207 -22.45 4.30 6.29
C SER D 207 -21.86 4.79 7.62
N THR D 208 -22.32 5.96 8.05
CA THR D 208 -21.81 6.57 9.26
C THR D 208 -22.84 7.54 9.81
N GLY D 209 -23.01 7.55 11.12
CA GLY D 209 -23.84 8.58 11.70
C GLY D 209 -23.08 9.85 12.02
N ALA D 210 -21.81 9.93 11.62
CA ALA D 210 -20.96 11.03 12.07
C ALA D 210 -21.41 12.37 11.51
N ALA D 211 -21.93 12.40 10.27
CA ALA D 211 -22.43 13.67 9.76
C ALA D 211 -23.77 14.05 10.40
N LYS D 212 -24.66 13.07 10.58
CA LYS D 212 -25.91 13.33 11.29
C LYS D 212 -25.63 13.82 12.71
N ALA D 213 -24.64 13.21 13.38
CA ALA D 213 -24.29 13.62 14.73
C ALA D 213 -23.92 15.10 14.79
N VAL D 214 -23.46 15.69 13.68
CA VAL D 214 -23.25 17.13 13.65
C VAL D 214 -24.53 17.87 14.01
N GLY D 215 -25.68 17.33 13.62
CA GLY D 215 -26.94 17.93 14.01
C GLY D 215 -27.36 17.67 15.43
N LYS D 216 -26.64 16.80 16.13
CA LYS D 216 -26.87 16.62 17.55
C LYS D 216 -25.99 17.54 18.39
N VAL D 217 -24.73 17.73 18.01
CA VAL D 217 -23.91 18.67 18.77
C VAL D 217 -24.26 20.10 18.41
N ILE D 218 -24.85 20.31 17.25
CA ILE D 218 -25.34 21.61 16.76
C ILE D 218 -26.83 21.46 16.45
N PRO D 219 -27.71 21.66 17.42
CA PRO D 219 -29.14 21.36 17.20
C PRO D 219 -29.75 22.16 16.07
N GLU D 220 -29.21 23.35 15.78
CA GLU D 220 -29.73 24.17 14.71
C GLU D 220 -29.55 23.53 13.34
N LEU D 221 -28.70 22.51 13.23
CA LEU D 221 -28.45 21.79 11.99
C LEU D 221 -29.17 20.45 11.91
N ALA D 222 -29.93 20.09 12.93
CA ALA D 222 -30.68 18.85 12.92
C ALA D 222 -31.51 18.77 11.65
N GLY D 223 -31.46 17.60 10.99
CA GLY D 223 -32.17 17.38 9.76
C GLY D 223 -31.55 18.01 8.53
N LYS D 224 -30.46 18.78 8.68
CA LYS D 224 -29.87 19.49 7.55
C LYS D 224 -28.56 18.88 7.06
N VAL D 225 -28.04 17.84 7.73
CA VAL D 225 -26.72 17.30 7.38
C VAL D 225 -26.74 15.79 7.57
N THR D 226 -26.21 15.07 6.60
CA THR D 226 -25.88 13.66 6.77
C THR D 226 -24.79 13.34 5.76
N GLY D 227 -24.49 12.05 5.60
CA GLY D 227 -23.44 11.67 4.68
C GLY D 227 -23.02 10.21 4.83
N MET D 228 -21.86 9.89 4.27
CA MET D 228 -21.35 8.53 4.18
CA MET D 228 -21.35 8.53 4.30
C MET D 228 -19.83 8.59 4.31
N SER D 229 -19.21 7.42 4.28
CA SER D 229 -17.77 7.28 4.39
C SER D 229 -17.25 6.39 3.27
N VAL D 230 -15.99 6.62 2.86
CA VAL D 230 -15.26 5.70 2.00
C VAL D 230 -13.91 5.43 2.68
N ARG D 231 -13.70 4.19 3.10
CA ARG D 231 -12.44 3.79 3.73
CA ARG D 231 -12.44 3.80 3.73
C ARG D 231 -11.42 3.47 2.65
N VAL D 232 -10.20 4.00 2.80
CA VAL D 232 -9.21 3.93 1.72
C VAL D 232 -7.88 3.43 2.29
N PRO D 233 -6.98 2.97 1.41
CA PRO D 233 -5.73 2.36 1.88
C PRO D 233 -4.70 3.37 2.37
N THR D 234 -5.02 4.10 3.43
CA THR D 234 -4.00 4.77 4.23
C THR D 234 -4.10 4.31 5.67
N VAL D 235 -2.94 4.27 6.34
CA VAL D 235 -2.87 3.79 7.71
C VAL D 235 -3.39 4.81 8.71
N ASN D 236 -3.47 6.09 8.33
CA ASN D 236 -3.93 7.14 9.23
C ASN D 236 -4.11 8.41 8.41
N VAL D 237 -4.88 9.35 8.96
CA VAL D 237 -5.25 10.65 8.39
C VAL D 237 -6.43 10.49 7.45
N SER D 238 -7.44 11.34 7.62
CA SER D 238 -8.67 11.28 6.84
C SER D 238 -9.02 12.67 6.32
N LEU D 239 -10.03 12.73 5.46
CA LEU D 239 -10.39 13.96 4.76
C LEU D 239 -11.90 14.11 4.69
N VAL D 240 -12.44 15.20 5.25
CA VAL D 240 -13.87 15.48 5.15
C VAL D 240 -14.13 16.22 3.83
N ASP D 241 -15.12 15.75 3.09
CA ASP D 241 -15.56 16.35 1.83
C ASP D 241 -17.00 16.81 2.05
N PHE D 242 -17.22 18.13 2.14
CA PHE D 242 -18.50 18.68 2.60
C PHE D 242 -19.10 19.55 1.52
N THR D 243 -20.23 19.11 0.95
CA THR D 243 -20.96 19.82 -0.09
C THR D 243 -22.21 20.41 0.55
N VAL D 244 -22.33 21.74 0.52
CA VAL D 244 -23.30 22.43 1.38
C VAL D 244 -23.90 23.61 0.60
N ARG D 245 -25.18 23.87 0.84
CA ARG D 245 -25.89 25.02 0.28
C ARG D 245 -26.14 26.04 1.38
N PHE D 246 -25.82 27.30 1.11
CA PHE D 246 -26.04 28.37 2.08
C PHE D 246 -27.29 29.17 1.72
N ALA D 247 -27.87 29.84 2.72
CA ALA D 247 -28.99 30.73 2.44
C ALA D 247 -28.50 32.08 1.94
N LYS D 248 -27.37 32.57 2.43
CA LYS D 248 -26.82 33.82 1.94
C LYS D 248 -25.98 33.61 0.68
N ASP D 249 -25.81 34.70 -0.07
CA ASP D 249 -24.88 34.73 -1.20
C ASP D 249 -23.46 34.95 -0.68
N VAL D 250 -22.53 34.12 -1.14
CA VAL D 250 -21.14 34.17 -0.69
C VAL D 250 -20.23 33.99 -1.89
N THR D 251 -19.02 34.53 -1.79
CA THR D 251 -17.92 34.15 -2.66
C THR D 251 -17.03 33.17 -1.91
N TYR D 252 -16.17 32.48 -2.67
CA TYR D 252 -15.28 31.53 -2.03
C TYR D 252 -14.29 32.24 -1.12
N ASP D 253 -13.80 33.40 -1.54
CA ASP D 253 -12.92 34.19 -0.67
C ASP D 253 -13.59 34.54 0.66
N GLU D 254 -14.89 34.85 0.60
CA GLU D 254 -15.63 35.08 1.85
C GLU D 254 -15.71 33.82 2.69
N VAL D 255 -15.91 32.67 2.05
CA VAL D 255 -15.85 31.41 2.79
C VAL D 255 -14.49 31.26 3.47
N LYS D 256 -13.42 31.46 2.70
CA LYS D 256 -12.07 31.37 3.23
C LYS D 256 -11.86 32.33 4.39
N ALA D 257 -12.26 33.60 4.22
CA ALA D 257 -12.06 34.58 5.28
C ALA D 257 -12.76 34.17 6.57
N ALA D 258 -13.97 33.64 6.46
CA ALA D 258 -14.70 33.20 7.64
C ALA D 258 -13.95 32.07 8.36
N ILE D 259 -13.41 31.11 7.60
CA ILE D 259 -12.68 30.01 8.24
C ILE D 259 -11.40 30.52 8.89
N LYS D 260 -10.64 31.34 8.15
CA LYS D 260 -9.40 31.86 8.70
C LYS D 260 -9.65 32.66 9.98
N GLU D 261 -10.69 33.49 9.98
CA GLU D 261 -11.01 34.28 11.17
C GLU D 261 -11.31 33.38 12.36
N ALA D 262 -12.13 32.34 12.16
CA ALA D 262 -12.40 31.39 13.23
C ALA D 262 -11.13 30.68 13.69
N SER D 263 -10.23 30.37 12.76
CA SER D 263 -9.03 29.64 13.14
C SER D 263 -8.09 30.49 13.99
N GLU D 264 -8.14 31.81 13.83
CA GLU D 264 -7.27 32.72 14.59
C GLU D 264 -7.89 33.19 15.89
N GLY D 265 -9.19 33.02 16.07
CA GLY D 265 -9.86 33.48 17.27
C GLY D 265 -10.45 32.37 18.10
N PRO D 266 -11.78 32.21 18.04
CA PRO D 266 -12.45 31.29 18.97
C PRO D 266 -12.16 29.81 18.73
N LEU D 267 -11.77 29.41 17.51
CA LEU D 267 -11.49 28.00 17.27
C LEU D 267 -9.99 27.71 17.17
N LYS D 268 -9.15 28.61 17.67
CA LYS D 268 -7.71 28.40 17.59
C LYS D 268 -7.31 27.10 18.27
N GLY D 269 -6.47 26.31 17.60
CA GLY D 269 -6.09 25.01 18.11
C GLY D 269 -7.08 23.91 17.79
N ILE D 270 -8.29 24.25 17.35
CA ILE D 270 -9.32 23.29 16.96
C ILE D 270 -9.44 23.23 15.45
N LEU D 271 -9.80 24.34 14.83
CA LEU D 271 -9.88 24.48 13.38
C LEU D 271 -8.68 25.26 12.90
N ALA D 272 -7.94 24.69 11.95
CA ALA D 272 -6.82 25.32 11.26
C ALA D 272 -7.23 25.75 9.86
N TYR D 273 -6.47 26.68 9.30
CA TYR D 273 -6.69 27.19 7.95
C TYR D 273 -5.37 27.13 7.19
N THR D 274 -5.38 26.55 5.99
CA THR D 274 -4.17 26.49 5.20
C THR D 274 -4.49 26.78 3.74
N GLU D 275 -3.52 27.40 3.05
CA GLU D 275 -3.54 27.52 1.60
C GLU D 275 -2.42 26.74 0.94
N ASP D 276 -1.74 25.87 1.69
CA ASP D 276 -0.63 25.12 1.13
C ASP D 276 -1.16 23.92 0.35
N ASP D 277 -0.29 23.38 -0.50
CA ASP D 277 -0.65 22.26 -1.38
C ASP D 277 -0.40 20.93 -0.66
N ILE D 278 -1.11 20.72 0.43
CA ILE D 278 -0.76 19.62 1.32
C ILE D 278 -1.44 18.34 0.87
N VAL D 279 -0.93 17.22 1.38
CA VAL D 279 -1.46 15.89 1.15
C VAL D 279 -1.54 15.20 2.51
N SER D 280 -2.13 14.00 2.55
CA SER D 280 -2.52 13.43 3.84
C SER D 280 -1.34 13.32 4.82
N THR D 281 -0.16 12.90 4.35
CA THR D 281 0.93 12.69 5.31
C THR D 281 1.36 13.99 5.99
N ASP D 282 1.07 15.15 5.38
CA ASP D 282 1.40 16.43 5.99
C ASP D 282 0.58 16.70 7.27
N ILE D 283 -0.52 15.98 7.47
CA ILE D 283 -1.38 16.12 8.64
C ILE D 283 -1.04 15.09 9.73
N LEU D 284 -0.10 14.18 9.46
CA LEU D 284 0.31 13.17 10.45
C LEU D 284 0.75 13.83 11.75
N THR D 285 0.16 13.36 12.86
CA THR D 285 0.49 13.81 14.20
C THR D 285 0.23 15.31 14.37
N ASP D 286 -0.80 15.81 13.70
CA ASP D 286 -1.26 17.18 13.86
C ASP D 286 -2.48 17.17 14.78
N PRO D 287 -2.48 17.93 15.88
CA PRO D 287 -3.52 17.80 16.90
C PRO D 287 -4.80 18.60 16.66
N HIS D 288 -4.91 19.33 15.56
CA HIS D 288 -6.15 20.04 15.25
C HIS D 288 -7.29 19.06 15.00
N SER D 289 -8.53 19.50 15.26
CA SER D 289 -9.68 18.68 14.89
C SER D 289 -9.93 18.71 13.39
N SER D 290 -9.55 19.80 12.73
CA SER D 290 -10.09 20.14 11.42
C SER D 290 -9.11 21.12 10.78
N THR D 291 -8.60 20.80 9.59
CA THR D 291 -7.69 21.72 8.89
C THR D 291 -8.29 22.01 7.51
N PHE D 292 -8.88 23.20 7.39
CA PHE D 292 -9.53 23.62 6.16
C PHE D 292 -8.50 23.82 5.06
N ASP D 293 -8.76 23.21 3.90
CA ASP D 293 -7.85 23.21 2.76
C ASP D 293 -8.43 24.15 1.71
N ALA D 294 -7.92 25.39 1.68
CA ALA D 294 -8.53 26.42 0.86
C ALA D 294 -8.48 26.06 -0.61
N LYS D 295 -7.32 25.59 -1.08
CA LYS D 295 -7.16 25.32 -2.49
C LYS D 295 -7.87 24.03 -2.93
N ALA D 296 -8.29 23.16 -2.02
CA ALA D 296 -8.95 21.93 -2.45
C ALA D 296 -10.45 22.07 -2.64
N GLY D 297 -11.06 23.17 -2.20
CA GLY D 297 -12.49 23.32 -2.32
C GLY D 297 -12.86 24.02 -3.62
N ILE D 298 -14.16 24.11 -3.86
CA ILE D 298 -14.64 24.78 -5.06
C ILE D 298 -16.07 25.26 -4.82
N ALA D 299 -16.35 26.46 -5.30
CA ALA D 299 -17.70 27.02 -5.30
C ALA D 299 -18.28 26.83 -6.69
N LEU D 300 -19.49 26.25 -6.76
CA LEU D 300 -20.16 26.16 -8.05
C LEU D 300 -20.87 27.48 -8.36
N ASN D 301 -21.54 28.06 -7.37
CA ASN D 301 -22.26 29.32 -7.53
C ASN D 301 -22.31 30.00 -6.16
N LYS D 302 -23.10 31.06 -6.07
CA LYS D 302 -23.12 31.91 -4.88
C LYS D 302 -23.71 31.23 -3.65
N ASN D 303 -24.39 30.10 -3.80
CA ASN D 303 -24.96 29.41 -2.66
C ASN D 303 -24.50 27.96 -2.49
N PHE D 304 -23.80 27.38 -3.46
CA PHE D 304 -23.54 25.94 -3.49
C PHE D 304 -22.03 25.71 -3.60
N VAL D 305 -21.45 25.09 -2.57
CA VAL D 305 -20.01 25.07 -2.35
C VAL D 305 -19.59 23.69 -1.83
N LYS D 306 -18.35 23.28 -2.17
CA LYS D 306 -17.73 22.09 -1.60
C LYS D 306 -16.46 22.49 -0.85
N VAL D 307 -16.35 22.12 0.42
CA VAL D 307 -15.17 22.44 1.22
C VAL D 307 -14.59 21.16 1.78
N MET D 308 -13.28 21.17 1.99
CA MET D 308 -12.55 19.98 2.42
C MET D 308 -11.70 20.31 3.64
N SER D 309 -11.69 19.40 4.63
CA SER D 309 -10.93 19.62 5.85
C SER D 309 -10.27 18.32 6.27
N TRP D 310 -8.97 18.41 6.60
CA TRP D 310 -8.13 17.28 6.96
C TRP D 310 -8.23 17.00 8.46
N TYR D 311 -8.06 15.72 8.83
CA TYR D 311 -7.94 15.38 10.25
C TYR D 311 -7.12 14.12 10.42
N ASP D 312 -6.13 14.19 11.30
CA ASP D 312 -5.50 12.99 11.85
C ASP D 312 -6.52 12.38 12.81
N ASN D 313 -7.21 11.35 12.33
CA ASN D 313 -8.28 10.72 13.11
C ASN D 313 -7.77 10.13 14.42
N GLU D 314 -6.49 9.77 14.50
CA GLU D 314 -5.95 9.32 15.78
C GLU D 314 -5.53 10.49 16.65
N TYR D 315 -4.69 11.38 16.11
CA TYR D 315 -3.97 12.33 16.96
C TYR D 315 -4.84 13.53 17.34
N GLY D 316 -5.59 14.07 16.38
CA GLY D 316 -6.47 15.18 16.69
C GLY D 316 -7.53 14.79 17.68
N TYR D 317 -8.19 13.65 17.42
CA TYR D 317 -9.24 13.19 18.32
C TYR D 317 -8.69 12.96 19.72
N SER D 318 -7.47 12.40 19.82
CA SER D 318 -6.88 12.08 21.12
C SER D 318 -6.56 13.35 21.90
N ARG D 319 -6.07 14.38 21.22
CA ARG D 319 -5.83 15.65 21.90
C ARG D 319 -7.15 16.23 22.41
N ARG D 320 -8.23 16.10 21.62
CA ARG D 320 -9.54 16.57 22.08
C ARG D 320 -10.03 15.80 23.30
N VAL D 321 -9.72 14.50 23.40
CA VAL D 321 -10.08 13.77 24.62
C VAL D 321 -9.39 14.41 25.82
N VAL D 322 -8.10 14.69 25.69
CA VAL D 322 -7.37 15.37 26.75
C VAL D 322 -8.01 16.73 27.04
N ASP D 323 -8.34 17.48 25.99
CA ASP D 323 -8.93 18.80 26.18
C ASP D 323 -10.29 18.70 26.86
N LEU D 324 -11.11 17.72 26.47
CA LEU D 324 -12.43 17.58 27.09
C LEU D 324 -12.29 17.28 28.57
N ILE D 325 -11.35 16.39 28.93
CA ILE D 325 -11.15 16.03 30.32
C ILE D 325 -10.76 17.26 31.15
N VAL D 326 -9.82 18.06 30.63
CA VAL D 326 -9.42 19.29 31.31
C VAL D 326 -10.63 20.19 31.53
N PHE D 327 -11.38 20.47 30.46
CA PHE D 327 -12.54 21.37 30.58
C PHE D 327 -13.56 20.84 31.58
N VAL D 328 -13.90 19.55 31.48
CA VAL D 328 -14.90 18.98 32.39
C VAL D 328 -14.42 19.05 33.83
N SER D 329 -13.13 18.80 34.05
CA SER D 329 -12.55 18.87 35.39
C SER D 329 -12.69 20.28 35.97
N LYS D 330 -12.42 21.31 35.16
CA LYS D 330 -12.55 22.68 35.65
C LYS D 330 -13.99 23.04 35.96
N LYS D 331 -14.92 22.69 35.07
CA LYS D 331 -16.33 22.90 35.37
C LYS D 331 -16.73 22.15 36.62
N ASP D 332 -16.30 20.89 36.75
CA ASP D 332 -16.61 20.11 37.95
C ASP D 332 -16.10 20.79 39.22
N ALA D 333 -15.05 21.61 39.10
CA ALA D 333 -14.44 22.24 40.27
C ALA D 333 -14.94 23.65 40.52
N GLY D 334 -15.72 24.22 39.61
CA GLY D 334 -16.22 25.58 39.75
C GLY D 334 -15.31 26.62 39.12
#